data_3JSQ
# 
_entry.id   3JSQ 
# 
_audit_conform.dict_name       mmcif_pdbx.dic 
_audit_conform.dict_version    5.378 
_audit_conform.dict_location   http://mmcif.pdb.org/dictionaries/ascii/mmcif_pdbx.dic 
# 
loop_
_database_2.database_id 
_database_2.database_code 
_database_2.pdbx_database_accession 
_database_2.pdbx_DOI 
PDB   3JSQ         pdb_00003jsq 10.2210/pdb3jsq/pdb 
RCSB  RCSB055111   ?            ?                   
WWPDB D_1000055111 ?            ?                   
# 
_pdbx_database_related.db_name        PDB 
_pdbx_database_related.db_id          3JS1 
_pdbx_database_related.details        'Crystal structure of the same protein covalently modified with 4-hydroxy-2-nonenal' 
_pdbx_database_related.content_type   unspecified 
# 
_pdbx_database_status.entry_id                        3JSQ 
_pdbx_database_status.deposit_site                    RCSB 
_pdbx_database_status.process_site                    RCSB 
_pdbx_database_status.recvd_initial_deposition_date   2009-09-10 
_pdbx_database_status.status_code                     REL 
_pdbx_database_status.status_code_sf                  REL 
_pdbx_database_status.status_code_mr                  ? 
_pdbx_database_status.SG_entry                        ? 
_pdbx_database_status.pdb_format_compatible           Y 
_pdbx_database_status.status_code_cs                  ? 
_pdbx_database_status.status_code_nmr_data            ? 
_pdbx_database_status.methods_development_category    ? 
# 
loop_
_audit_author.name 
_audit_author.pdbx_ordinal 
'Hellberg, K.'    1 
'Grimsrud, P.A.'  2 
'Kruse, A.C.'     3 
'Banaszak, L.J.'  4 
'Ohlendorf, D.H.' 5 
'Bernlohr, D.A.'  6 
# 
_citation.id                        primary 
_citation.title                     
'X-ray crystallographic analysis of adipocyte fatty acid binding protein (aP2) modified with 4-hydroxy-2-nonenal.' 
_citation.journal_abbrev            'Protein Sci.' 
_citation.journal_volume            19 
_citation.page_first                1480 
_citation.page_last                 1489 
_citation.year                      2010 
_citation.journal_id_ASTM           PRCIEI 
_citation.country                   US 
_citation.journal_id_ISSN           0961-8368 
_citation.journal_id_CSD            0795 
_citation.book_publisher            ? 
_citation.pdbx_database_id_PubMed   20509169 
_citation.pdbx_database_id_DOI      10.1002/pro.427 
# 
loop_
_citation_author.citation_id 
_citation_author.name 
_citation_author.ordinal 
_citation_author.identifier_ORCID 
primary 'Hellberg, K.'    1 ? 
primary 'Grimsrud, P.A.'  2 ? 
primary 'Kruse, A.C.'     3 ? 
primary 'Banaszak, L.J.'  4 ? 
primary 'Ohlendorf, D.H.' 5 ? 
primary 'Bernlohr, D.A.'  6 ? 
# 
_cell.length_a           77.583 
_cell.length_b           93.174 
_cell.length_c           49.137 
_cell.angle_alpha        90.000 
_cell.angle_beta         90.000 
_cell.angle_gamma        90.000 
_cell.entry_id           3JSQ 
_cell.pdbx_unique_axis   ? 
_cell.Z_PDB              8 
_cell.length_a_esd       ? 
_cell.length_b_esd       ? 
_cell.length_c_esd       ? 
_cell.angle_alpha_esd    ? 
_cell.angle_beta_esd     ? 
_cell.angle_gamma_esd    ? 
# 
_symmetry.space_group_name_H-M             'C 2 2 21' 
_symmetry.entry_id                         3JSQ 
_symmetry.pdbx_full_space_group_name_H-M   ? 
_symmetry.Int_Tables_number                20 
_symmetry.cell_setting                     ? 
_symmetry.space_group_name_Hall            ? 
# 
loop_
_entity.id 
_entity.type 
_entity.src_method 
_entity.pdbx_description 
_entity.formula_weight 
_entity.pdbx_number_of_molecules 
_entity.pdbx_ec 
_entity.pdbx_mutation 
_entity.pdbx_fragment 
_entity.details 
1 polymer     man 'Adipocyte fatty acid-binding protein' 14539.688 1  ? ? ? ? 
2 non-polymer syn 'CHLORIDE ION'                         35.453    1  ? ? ? ? 
3 non-polymer syn '(2E,4R)-4-HYDROXYNON-2-ENAL'          156.222   1  ? ? ? ? 
4 non-polymer syn 'PHOSPHATE ION'                        94.971    4  ? ? ? ? 
5 water       nat water                                  18.015    91 ? ? ? ? 
# 
_entity_name_com.entity_id   1 
_entity_name_com.name        
;A-FABP, AFABP, Fatty acid-binding protein 4, Adipocyte lipid-binding protein, ALBP, P2 adipocyte protein, Myelin P2 protein homolog, 3T3-L1 lipid-binding protein, Protein 422, P15
;
# 
_entity_poly.entity_id                      1 
_entity_poly.type                           'polypeptide(L)' 
_entity_poly.nstd_linkage                   no 
_entity_poly.nstd_monomer                   no 
_entity_poly.pdbx_seq_one_letter_code       
;CDAFVGTWKLVSSENFDDYMKEVGVGFATRKVAGMAKPNMIISVNGDLVTIRSESTFKNTEISFKLGVEFDEITADDRKV
KSIITLDGGALVQVQKWDGKSTTIKRKRDGDKLVVECVMKGVTSTRVYERA
;
_entity_poly.pdbx_seq_one_letter_code_can   
;CDAFVGTWKLVSSENFDDYMKEVGVGFATRKVAGMAKPNMIISVNGDLVTIRSESTFKNTEISFKLGVEFDEITADDRKV
KSIITLDGGALVQVQKWDGKSTTIKRKRDGDKLVVECVMKGVTSTRVYERA
;
_entity_poly.pdbx_strand_id                 A 
_entity_poly.pdbx_target_identifier         ? 
# 
loop_
_entity_poly_seq.entity_id 
_entity_poly_seq.num 
_entity_poly_seq.mon_id 
_entity_poly_seq.hetero 
1 1   CYS n 
1 2   ASP n 
1 3   ALA n 
1 4   PHE n 
1 5   VAL n 
1 6   GLY n 
1 7   THR n 
1 8   TRP n 
1 9   LYS n 
1 10  LEU n 
1 11  VAL n 
1 12  SER n 
1 13  SER n 
1 14  GLU n 
1 15  ASN n 
1 16  PHE n 
1 17  ASP n 
1 18  ASP n 
1 19  TYR n 
1 20  MET n 
1 21  LYS n 
1 22  GLU n 
1 23  VAL n 
1 24  GLY n 
1 25  VAL n 
1 26  GLY n 
1 27  PHE n 
1 28  ALA n 
1 29  THR n 
1 30  ARG n 
1 31  LYS n 
1 32  VAL n 
1 33  ALA n 
1 34  GLY n 
1 35  MET n 
1 36  ALA n 
1 37  LYS n 
1 38  PRO n 
1 39  ASN n 
1 40  MET n 
1 41  ILE n 
1 42  ILE n 
1 43  SER n 
1 44  VAL n 
1 45  ASN n 
1 46  GLY n 
1 47  ASP n 
1 48  LEU n 
1 49  VAL n 
1 50  THR n 
1 51  ILE n 
1 52  ARG n 
1 53  SER n 
1 54  GLU n 
1 55  SER n 
1 56  THR n 
1 57  PHE n 
1 58  LYS n 
1 59  ASN n 
1 60  THR n 
1 61  GLU n 
1 62  ILE n 
1 63  SER n 
1 64  PHE n 
1 65  LYS n 
1 66  LEU n 
1 67  GLY n 
1 68  VAL n 
1 69  GLU n 
1 70  PHE n 
1 71  ASP n 
1 72  GLU n 
1 73  ILE n 
1 74  THR n 
1 75  ALA n 
1 76  ASP n 
1 77  ASP n 
1 78  ARG n 
1 79  LYS n 
1 80  VAL n 
1 81  LYS n 
1 82  SER n 
1 83  ILE n 
1 84  ILE n 
1 85  THR n 
1 86  LEU n 
1 87  ASP n 
1 88  GLY n 
1 89  GLY n 
1 90  ALA n 
1 91  LEU n 
1 92  VAL n 
1 93  GLN n 
1 94  VAL n 
1 95  GLN n 
1 96  LYS n 
1 97  TRP n 
1 98  ASP n 
1 99  GLY n 
1 100 LYS n 
1 101 SER n 
1 102 THR n 
1 103 THR n 
1 104 ILE n 
1 105 LYS n 
1 106 ARG n 
1 107 LYS n 
1 108 ARG n 
1 109 ASP n 
1 110 GLY n 
1 111 ASP n 
1 112 LYS n 
1 113 LEU n 
1 114 VAL n 
1 115 VAL n 
1 116 GLU n 
1 117 CYS n 
1 118 VAL n 
1 119 MET n 
1 120 LYS n 
1 121 GLY n 
1 122 VAL n 
1 123 THR n 
1 124 SER n 
1 125 THR n 
1 126 ARG n 
1 127 VAL n 
1 128 TYR n 
1 129 GLU n 
1 130 ARG n 
1 131 ALA n 
# 
_entity_src_gen.entity_id                          1 
_entity_src_gen.pdbx_src_id                        1 
_entity_src_gen.pdbx_alt_source_flag               sample 
_entity_src_gen.pdbx_seq_type                      ? 
_entity_src_gen.pdbx_beg_seq_num                   ? 
_entity_src_gen.pdbx_end_seq_num                   ? 
_entity_src_gen.gene_src_common_name               mouse 
_entity_src_gen.gene_src_genus                     ? 
_entity_src_gen.pdbx_gene_src_gene                 'Fabp4, Ap2' 
_entity_src_gen.gene_src_species                   ? 
_entity_src_gen.gene_src_strain                    ? 
_entity_src_gen.gene_src_tissue                    ? 
_entity_src_gen.gene_src_tissue_fraction           ? 
_entity_src_gen.gene_src_details                   ? 
_entity_src_gen.pdbx_gene_src_fragment             ? 
_entity_src_gen.pdbx_gene_src_scientific_name      'Mus musculus' 
_entity_src_gen.pdbx_gene_src_ncbi_taxonomy_id     10090 
_entity_src_gen.pdbx_gene_src_variant              ? 
_entity_src_gen.pdbx_gene_src_cell_line            ? 
_entity_src_gen.pdbx_gene_src_atcc                 ? 
_entity_src_gen.pdbx_gene_src_organ                ? 
_entity_src_gen.pdbx_gene_src_organelle            ? 
_entity_src_gen.pdbx_gene_src_cell                 ? 
_entity_src_gen.pdbx_gene_src_cellular_location    ? 
_entity_src_gen.host_org_common_name               ? 
_entity_src_gen.pdbx_host_org_scientific_name      'Escherichia coli' 
_entity_src_gen.pdbx_host_org_ncbi_taxonomy_id     562 
_entity_src_gen.host_org_genus                     ? 
_entity_src_gen.pdbx_host_org_gene                 ? 
_entity_src_gen.pdbx_host_org_organ                ? 
_entity_src_gen.host_org_species                   ? 
_entity_src_gen.pdbx_host_org_tissue               ? 
_entity_src_gen.pdbx_host_org_tissue_fraction      ? 
_entity_src_gen.pdbx_host_org_strain               'BL21(DE3)pLysS' 
_entity_src_gen.pdbx_host_org_variant              ? 
_entity_src_gen.pdbx_host_org_cell_line            ? 
_entity_src_gen.pdbx_host_org_atcc                 ? 
_entity_src_gen.pdbx_host_org_culture_collection   ? 
_entity_src_gen.pdbx_host_org_cell                 ? 
_entity_src_gen.pdbx_host_org_organelle            ? 
_entity_src_gen.pdbx_host_org_cellular_location    ? 
_entity_src_gen.pdbx_host_org_vector_type          Plasmid 
_entity_src_gen.pdbx_host_org_vector               ? 
_entity_src_gen.host_org_details                   ? 
_entity_src_gen.expression_system_id               ? 
_entity_src_gen.plasmid_name                       'Modified pRSETb' 
_entity_src_gen.plasmid_details                    ? 
_entity_src_gen.pdbx_description                   ? 
# 
_struct_ref.id                         1 
_struct_ref.db_name                    UNP 
_struct_ref.db_code                    FABP4_MOUSE 
_struct_ref.pdbx_db_accession          P04117 
_struct_ref.entity_id                  1 
_struct_ref.pdbx_seq_one_letter_code   
;CDAFVGTWKLVSSENFDDYMKEVGVGFATRKVAGMAKPNMIISVNGDLVTIRSESTFKNTEISFKLGVEFDEITADDRKV
KSIITLDGGALVQVQKWDGKSTTIKRKRDGDKLVVECVMKGVTSTRVYERA
;
_struct_ref.pdbx_align_begin           2 
_struct_ref.pdbx_db_isoform            ? 
# 
_struct_ref_seq.align_id                      1 
_struct_ref_seq.ref_id                        1 
_struct_ref_seq.pdbx_PDB_id_code              3JSQ 
_struct_ref_seq.pdbx_strand_id                A 
_struct_ref_seq.seq_align_beg                 1 
_struct_ref_seq.pdbx_seq_align_beg_ins_code   ? 
_struct_ref_seq.seq_align_end                 131 
_struct_ref_seq.pdbx_seq_align_end_ins_code   ? 
_struct_ref_seq.pdbx_db_accession             P04117 
_struct_ref_seq.db_align_beg                  2 
_struct_ref_seq.pdbx_db_align_beg_ins_code    ? 
_struct_ref_seq.db_align_end                  132 
_struct_ref_seq.pdbx_db_align_end_ins_code    ? 
_struct_ref_seq.pdbx_auth_seq_align_beg       1 
_struct_ref_seq.pdbx_auth_seq_align_end       131 
# 
loop_
_chem_comp.id 
_chem_comp.type 
_chem_comp.mon_nstd_flag 
_chem_comp.name 
_chem_comp.pdbx_synonyms 
_chem_comp.formula 
_chem_comp.formula_weight 
ALA 'L-peptide linking' y ALANINE                       ? 'C3 H7 N O2'     89.093  
ARG 'L-peptide linking' y ARGININE                      ? 'C6 H15 N4 O2 1' 175.209 
ASN 'L-peptide linking' y ASPARAGINE                    ? 'C4 H8 N2 O3'    132.118 
ASP 'L-peptide linking' y 'ASPARTIC ACID'               ? 'C4 H7 N O4'     133.103 
CL  non-polymer         . 'CHLORIDE ION'                ? 'Cl -1'          35.453  
CYS 'L-peptide linking' y CYSTEINE                      ? 'C3 H7 N O2 S'   121.158 
GLN 'L-peptide linking' y GLUTAMINE                     ? 'C5 H10 N2 O3'   146.144 
GLU 'L-peptide linking' y 'GLUTAMIC ACID'               ? 'C5 H9 N O4'     147.129 
GLY 'peptide linking'   y GLYCINE                       ? 'C2 H5 N O2'     75.067  
HNE non-polymer         . '(2E,4R)-4-HYDROXYNON-2-ENAL' ? 'C9 H16 O2'      156.222 
HOH non-polymer         . WATER                         ? 'H2 O'           18.015  
ILE 'L-peptide linking' y ISOLEUCINE                    ? 'C6 H13 N O2'    131.173 
LEU 'L-peptide linking' y LEUCINE                       ? 'C6 H13 N O2'    131.173 
LYS 'L-peptide linking' y LYSINE                        ? 'C6 H15 N2 O2 1' 147.195 
MET 'L-peptide linking' y METHIONINE                    ? 'C5 H11 N O2 S'  149.211 
PHE 'L-peptide linking' y PHENYLALANINE                 ? 'C9 H11 N O2'    165.189 
PO4 non-polymer         . 'PHOSPHATE ION'               ? 'O4 P -3'        94.971  
PRO 'L-peptide linking' y PROLINE                       ? 'C5 H9 N O2'     115.130 
SER 'L-peptide linking' y SERINE                        ? 'C3 H7 N O3'     105.093 
THR 'L-peptide linking' y THREONINE                     ? 'C4 H9 N O3'     119.119 
TRP 'L-peptide linking' y TRYPTOPHAN                    ? 'C11 H12 N2 O2'  204.225 
TYR 'L-peptide linking' y TYROSINE                      ? 'C9 H11 N O3'    181.189 
VAL 'L-peptide linking' y VALINE                        ? 'C5 H11 N O2'    117.146 
# 
_exptl.crystals_number   1 
_exptl.entry_id          3JSQ 
_exptl.method            'X-RAY DIFFRACTION' 
# 
_exptl_crystal.id                    1 
_exptl_crystal.density_Matthews      3.05 
_exptl_crystal.density_meas          ? 
_exptl_crystal.density_percent_sol   59.72 
_exptl_crystal.description           ? 
_exptl_crystal.F_000                 ? 
_exptl_crystal.preparation           ? 
# 
_exptl_crystal_grow.crystal_id      1 
_exptl_crystal_grow.method          'VAPOR DIFFUSION, SITTING DROP' 
_exptl_crystal_grow.pH              7.5 
_exptl_crystal_grow.temp            291 
_exptl_crystal_grow.temp_details    ? 
_exptl_crystal_grow.pdbx_details    
'0.1 M HEPES, 1.6 M Sodium/potassium phosphate, pH 7.5, VAPOR DIFFUSION, SITTING DROP, temperature 291K' 
_exptl_crystal_grow.pdbx_pH_range   ? 
# 
_diffrn.id                     1 
_diffrn.ambient_temp           100 
_diffrn.ambient_temp_details   ? 
_diffrn.crystal_id             1 
# 
_diffrn_detector.diffrn_id              1 
_diffrn_detector.detector               CCD 
_diffrn_detector.type                   'MARMOSAIC 300 mm CCD' 
_diffrn_detector.pdbx_collection_date   2008-03-29 
_diffrn_detector.details                Mirrors 
# 
_diffrn_radiation.diffrn_id                        1 
_diffrn_radiation.wavelength_id                    1 
_diffrn_radiation.pdbx_diffrn_protocol             'SINGLE WAVELENGTH' 
_diffrn_radiation.monochromator                    'Si(111)' 
_diffrn_radiation.pdbx_monochromatic_or_laue_m_l   M 
_diffrn_radiation.pdbx_scattering_type             x-ray 
# 
_diffrn_radiation_wavelength.id           1 
_diffrn_radiation_wavelength.wavelength   0.97934 
_diffrn_radiation_wavelength.wt           1.0 
# 
_diffrn_source.diffrn_id                   1 
_diffrn_source.source                      SYNCHROTRON 
_diffrn_source.type                        'APS BEAMLINE 23-ID-B' 
_diffrn_source.pdbx_wavelength             ? 
_diffrn_source.pdbx_wavelength_list        0.97934 
_diffrn_source.pdbx_synchrotron_site       APS 
_diffrn_source.pdbx_synchrotron_beamline   23-ID-B 
# 
_reflns.entry_id                     3JSQ 
_reflns.observed_criterion_sigma_F   ? 
_reflns.observed_criterion_sigma_I   ? 
_reflns.d_resolution_high            2.30 
_reflns.d_resolution_low             50.0 
_reflns.number_all                   7758 
_reflns.number_obs                   7758 
_reflns.percent_possible_obs         93.7 
_reflns.pdbx_Rmerge_I_obs            ? 
_reflns.pdbx_Rsym_value              0.065 
_reflns.pdbx_netI_over_sigmaI        16.63 
_reflns.B_iso_Wilson_estimate        ? 
_reflns.pdbx_redundancy              3.6 
_reflns.R_free_details               ? 
_reflns.limit_h_max                  ? 
_reflns.limit_h_min                  ? 
_reflns.limit_k_max                  ? 
_reflns.limit_k_min                  ? 
_reflns.limit_l_max                  ? 
_reflns.limit_l_min                  ? 
_reflns.observed_criterion_F_max     ? 
_reflns.observed_criterion_F_min     ? 
_reflns.pdbx_chi_squared             ? 
_reflns.pdbx_scaling_rejects         ? 
_reflns.pdbx_diffrn_id               1 
_reflns.pdbx_ordinal                 1 
# 
_reflns_shell.d_res_high             2.30 
_reflns_shell.d_res_low              2.34 
_reflns_shell.percent_possible_obs   ? 
_reflns_shell.percent_possible_all   73.5 
_reflns_shell.Rmerge_I_obs           ? 
_reflns_shell.meanI_over_sigI_obs    2.85 
_reflns_shell.pdbx_Rsym_value        0.332 
_reflns_shell.pdbx_redundancy        3.2 
_reflns_shell.number_unique_all      297 
_reflns_shell.number_measured_all    ? 
_reflns_shell.number_measured_obs    ? 
_reflns_shell.number_unique_obs      ? 
_reflns_shell.pdbx_chi_squared       ? 
_reflns_shell.pdbx_diffrn_id         ? 
_reflns_shell.pdbx_ordinal           1 
# 
_refine.entry_id                                 3JSQ 
_refine.ls_d_res_high                            2.30 
_refine.ls_d_res_low                             19.97 
_refine.pdbx_ls_sigma_F                          0.00 
_refine.pdbx_data_cutoff_high_absF               ? 
_refine.pdbx_data_cutoff_low_absF                ? 
_refine.ls_percent_reflns_obs                    93.980 
_refine.ls_number_reflns_obs                     7381 
_refine.ls_number_reflns_all                     7381 
_refine.pdbx_ls_cross_valid_method               THROUGHOUT 
_refine.pdbx_R_Free_selection_details            RANDOM 
_refine.details                                  ? 
_refine.ls_R_factor_all                          ? 
_refine.ls_R_factor_obs                          0.216 
_refine.ls_R_factor_R_work                       0.214 
_refine.ls_wR_factor_R_work                      ? 
_refine.ls_R_factor_R_free                       0.263 
_refine.ls_wR_factor_R_free                      ? 
_refine.ls_percent_reflns_R_free                 4.700 
_refine.ls_number_reflns_R_free                  364 
_refine.ls_R_factor_R_free_error                 ? 
_refine.B_iso_mean                               34.676 
_refine.solvent_model_param_bsol                 ? 
_refine.solvent_model_param_ksol                 ? 
_refine.pdbx_isotropic_thermal_model             Isotropic 
_refine.aniso_B[1][1]                            0.000 
_refine.aniso_B[2][2]                            0.010 
_refine.aniso_B[3][3]                            -0.010 
_refine.aniso_B[1][2]                            0.000 
_refine.aniso_B[1][3]                            0.000 
_refine.aniso_B[2][3]                            0.000 
_refine.correlation_coeff_Fo_to_Fc               0.932 
_refine.correlation_coeff_Fo_to_Fc_free          0.904 
_refine.overall_SU_R_Cruickshank_DPI             ? 
_refine.overall_SU_R_free                        ? 
_refine.pdbx_overall_ESU_R                       0.325 
_refine.pdbx_overall_ESU_R_Free                  0.247 
_refine.overall_SU_ML                            ? 
_refine.overall_SU_B                             ? 
_refine.solvent_model_details                    MASK 
_refine.pdbx_solvent_vdw_probe_radii             1.200 
_refine.pdbx_solvent_ion_probe_radii             0.800 
_refine.pdbx_solvent_shrinkage_radii             0.800 
_refine.ls_number_parameters                     ? 
_refine.ls_number_restraints                     ? 
_refine.pdbx_starting_model                      'PDB entry 1LIE' 
_refine.pdbx_method_to_determine_struct          'MOLECULAR REPLACEMENT' 
_refine.pdbx_stereochemistry_target_values       'MAXIMUM LIKELIHOOD' 
_refine.pdbx_stereochem_target_val_spec_case     ? 
_refine.overall_FOM_work_R_set                   ? 
_refine.B_iso_max                                96.42 
_refine.B_iso_min                                16.97 
_refine.occupancy_max                            1.00 
_refine.occupancy_min                            0.50 
_refine.pdbx_ls_sigma_I                          ? 
_refine.ls_redundancy_reflns_obs                 ? 
_refine.ls_R_factor_R_free_error_details         ? 
_refine.pdbx_data_cutoff_high_rms_absF           ? 
_refine.overall_FOM_free_R_set                   ? 
_refine.pdbx_overall_phase_error                 ? 
_refine.pdbx_refine_id                           'X-RAY DIFFRACTION' 
_refine.pdbx_diffrn_id                           1 
_refine.pdbx_TLS_residual_ADP_flag               ? 
_refine.pdbx_overall_SU_R_free_Cruickshank_DPI   ? 
_refine.pdbx_overall_SU_R_Blow_DPI               ? 
_refine.pdbx_overall_SU_R_free_Blow_DPI          ? 
# 
_refine_hist.pdbx_refine_id                   'X-RAY DIFFRACTION' 
_refine_hist.cycle_id                         LAST 
_refine_hist.pdbx_number_atoms_protein        1017 
_refine_hist.pdbx_number_atoms_nucleic_acid   0 
_refine_hist.pdbx_number_atoms_ligand         32 
_refine_hist.number_atoms_solvent             91 
_refine_hist.number_atoms_total               1140 
_refine_hist.d_res_high                       2.30 
_refine_hist.d_res_low                        19.97 
# 
loop_
_refine_ls_restr.type 
_refine_ls_restr.number 
_refine_ls_restr.dev_ideal 
_refine_ls_restr.dev_ideal_target 
_refine_ls_restr.weight 
_refine_ls_restr.pdbx_refine_id 
_refine_ls_restr.pdbx_restraint_function 
r_bond_refined_d         1061 0.016  0.022  ? 'X-RAY DIFFRACTION' ? 
r_angle_refined_deg      1426 1.160  1.982  ? 'X-RAY DIFFRACTION' ? 
r_dihedral_angle_1_deg   132  14.498 5.000  ? 'X-RAY DIFFRACTION' ? 
r_dihedral_angle_2_deg   43   33.196 24.419 ? 'X-RAY DIFFRACTION' ? 
r_dihedral_angle_3_deg   201  13.652 15.000 ? 'X-RAY DIFFRACTION' ? 
r_dihedral_angle_4_deg   7    24.395 15.000 ? 'X-RAY DIFFRACTION' ? 
r_chiral_restr           163  0.082  0.200  ? 'X-RAY DIFFRACTION' ? 
r_gen_planes_refined     754  0.007  0.020  ? 'X-RAY DIFFRACTION' ? 
r_nbd_refined            440  0.228  0.200  ? 'X-RAY DIFFRACTION' ? 
r_nbtor_refined          713  0.316  0.200  ? 'X-RAY DIFFRACTION' ? 
r_xyhbond_nbd_refined    94   0.174  0.200  ? 'X-RAY DIFFRACTION' ? 
r_symmetry_vdw_refined   28   0.296  0.200  ? 'X-RAY DIFFRACTION' ? 
r_symmetry_hbond_refined 6    0.254  0.200  ? 'X-RAY DIFFRACTION' ? 
r_mcbond_it              648  1.024  1.500  ? 'X-RAY DIFFRACTION' ? 
r_mcangle_it             1051 1.991  2.000  ? 'X-RAY DIFFRACTION' ? 
r_scbond_it              413  2.846  3.000  ? 'X-RAY DIFFRACTION' ? 
r_scangle_it             374  4.802  4.500  ? 'X-RAY DIFFRACTION' ? 
# 
_refine_ls_shell.d_res_high                       2.30 
_refine_ls_shell.d_res_low                        2.36 
_refine_ls_shell.pdbx_total_number_of_bins_used   20 
_refine_ls_shell.percent_reflns_obs               77.700 
_refine_ls_shell.number_reflns_R_work             443 
_refine_ls_shell.R_factor_all                     ? 
_refine_ls_shell.R_factor_R_work                  0.253 
_refine_ls_shell.R_factor_R_free                  0.390 
_refine_ls_shell.percent_reflns_R_free            ? 
_refine_ls_shell.number_reflns_R_free             24 
_refine_ls_shell.R_factor_R_free_error            ? 
_refine_ls_shell.number_reflns_all                467 
_refine_ls_shell.number_reflns_obs                467 
_refine_ls_shell.redundancy_reflns_obs            ? 
_refine_ls_shell.pdbx_refine_id                   'X-RAY DIFFRACTION' 
# 
_struct.entry_id                  3JSQ 
_struct.title                     
'Crystal structure of adipocyte fatty acid binding protein non-covalently modified with 4-hydroxy-2-nonenal' 
_struct.pdbx_model_details        ? 
_struct.pdbx_CASP_flag            N 
_struct.pdbx_model_type_details   ? 
# 
_struct_keywords.entry_id        3JSQ 
_struct_keywords.pdbx_keywords   'LIPID BINDING PROTEIN' 
_struct_keywords.text            'lipid binding protein, fatty acid binding protein' 
# 
loop_
_struct_asym.id 
_struct_asym.pdbx_blank_PDB_chainid_flag 
_struct_asym.pdbx_modified 
_struct_asym.entity_id 
_struct_asym.details 
A N N 1 ? 
B N N 2 ? 
C N N 3 ? 
D N N 4 ? 
E N N 4 ? 
F N N 4 ? 
G N N 4 ? 
H N N 5 ? 
# 
_struct_biol.id        1 
_struct_biol.details   
;Authors state that the assembly is a dimer. The second part of the biological assembly is generated by the two fold axis: [-X,Y,1/2-Z] as shown in remark 350
;
# 
loop_
_struct_conf.conf_type_id 
_struct_conf.id 
_struct_conf.pdbx_PDB_helix_id 
_struct_conf.beg_label_comp_id 
_struct_conf.beg_label_asym_id 
_struct_conf.beg_label_seq_id 
_struct_conf.pdbx_beg_PDB_ins_code 
_struct_conf.end_label_comp_id 
_struct_conf.end_label_asym_id 
_struct_conf.end_label_seq_id 
_struct_conf.pdbx_end_PDB_ins_code 
_struct_conf.beg_auth_comp_id 
_struct_conf.beg_auth_asym_id 
_struct_conf.beg_auth_seq_id 
_struct_conf.end_auth_comp_id 
_struct_conf.end_auth_asym_id 
_struct_conf.end_auth_seq_id 
_struct_conf.pdbx_PDB_helix_class 
_struct_conf.details 
_struct_conf.pdbx_PDB_helix_length 
HELX_P HELX_P1 1 CYS A 1  ? VAL A 5  ? CYS A 1  VAL A 5  5 ? 5  
HELX_P HELX_P2 2 ASN A 15 ? GLY A 24 ? ASN A 15 GLY A 24 1 ? 10 
HELX_P HELX_P3 3 GLY A 26 ? ALA A 36 ? GLY A 26 ALA A 36 1 ? 11 
# 
_struct_conf_type.id          HELX_P 
_struct_conf_type.criteria    ? 
_struct_conf_type.reference   ? 
# 
_struct_sheet.id               A 
_struct_sheet.type             ? 
_struct_sheet.number_strands   10 
_struct_sheet.details          ? 
# 
loop_
_struct_sheet_order.sheet_id 
_struct_sheet_order.range_id_1 
_struct_sheet_order.range_id_2 
_struct_sheet_order.offset 
_struct_sheet_order.sense 
A 1 2  ? anti-parallel 
A 2 3  ? anti-parallel 
A 3 4  ? anti-parallel 
A 4 5  ? anti-parallel 
A 5 6  ? anti-parallel 
A 6 7  ? anti-parallel 
A 7 8  ? anti-parallel 
A 8 9  ? anti-parallel 
A 9 10 ? anti-parallel 
# 
loop_
_struct_sheet_range.sheet_id 
_struct_sheet_range.id 
_struct_sheet_range.beg_label_comp_id 
_struct_sheet_range.beg_label_asym_id 
_struct_sheet_range.beg_label_seq_id 
_struct_sheet_range.pdbx_beg_PDB_ins_code 
_struct_sheet_range.end_label_comp_id 
_struct_sheet_range.end_label_asym_id 
_struct_sheet_range.end_label_seq_id 
_struct_sheet_range.pdbx_end_PDB_ins_code 
_struct_sheet_range.beg_auth_comp_id 
_struct_sheet_range.beg_auth_asym_id 
_struct_sheet_range.beg_auth_seq_id 
_struct_sheet_range.end_auth_comp_id 
_struct_sheet_range.end_auth_asym_id 
_struct_sheet_range.end_auth_seq_id 
A 1  ASN A 59  ? LYS A 65  ? ASN A 59  LYS A 65  
A 2  LEU A 48  ? GLU A 54  ? LEU A 48  GLU A 54  
A 3  ASN A 39  ? ASN A 45  ? ASN A 39  ASN A 45  
A 4  GLY A 6   ? GLU A 14  ? GLY A 6   GLU A 14  
A 5  VAL A 122 ? ARG A 130 ? VAL A 122 ARG A 130 
A 6  LYS A 112 ? MET A 119 ? LYS A 112 MET A 119 
A 7  LYS A 100 ? ASP A 109 ? LYS A 100 ASP A 109 
A 8  ALA A 90  ? TRP A 97  ? ALA A 90  TRP A 97  
A 9  LYS A 79  ? ASP A 87  ? LYS A 79  ASP A 87  
A 10 PHE A 70  ? ILE A 73  ? PHE A 70  ILE A 73  
# 
loop_
_pdbx_struct_sheet_hbond.sheet_id 
_pdbx_struct_sheet_hbond.range_id_1 
_pdbx_struct_sheet_hbond.range_id_2 
_pdbx_struct_sheet_hbond.range_1_label_atom_id 
_pdbx_struct_sheet_hbond.range_1_label_comp_id 
_pdbx_struct_sheet_hbond.range_1_label_asym_id 
_pdbx_struct_sheet_hbond.range_1_label_seq_id 
_pdbx_struct_sheet_hbond.range_1_PDB_ins_code 
_pdbx_struct_sheet_hbond.range_1_auth_atom_id 
_pdbx_struct_sheet_hbond.range_1_auth_comp_id 
_pdbx_struct_sheet_hbond.range_1_auth_asym_id 
_pdbx_struct_sheet_hbond.range_1_auth_seq_id 
_pdbx_struct_sheet_hbond.range_2_label_atom_id 
_pdbx_struct_sheet_hbond.range_2_label_comp_id 
_pdbx_struct_sheet_hbond.range_2_label_asym_id 
_pdbx_struct_sheet_hbond.range_2_label_seq_id 
_pdbx_struct_sheet_hbond.range_2_PDB_ins_code 
_pdbx_struct_sheet_hbond.range_2_auth_atom_id 
_pdbx_struct_sheet_hbond.range_2_auth_comp_id 
_pdbx_struct_sheet_hbond.range_2_auth_asym_id 
_pdbx_struct_sheet_hbond.range_2_auth_seq_id 
A 1 2  O PHE A 64  ? O PHE A 64  N VAL A 49  ? N VAL A 49  
A 2 3  O ARG A 52  ? O ARG A 52  N ILE A 41  ? N ILE A 41  
A 3 4  O MET A 40  ? O MET A 40  N TRP A 8   ? N TRP A 8   
A 4 5  N VAL A 11  ? N VAL A 11  O VAL A 127 ? O VAL A 127 
A 5 6  O ARG A 126 ? O ARG A 126 N VAL A 115 ? N VAL A 115 
A 6 7  O VAL A 114 ? O VAL A 114 N LYS A 107 ? N LYS A 107 
A 7 8  O LYS A 100 ? O LYS A 100 N TRP A 97  ? N TRP A 97  
A 8 9  O VAL A 92  ? O VAL A 92  N THR A 85  ? N THR A 85  
A 9 10 O VAL A 80  ? O VAL A 80  N GLU A 72  ? N GLU A 72  
# 
loop_
_struct_site.id 
_struct_site.pdbx_evidence_code 
_struct_site.pdbx_auth_asym_id 
_struct_site.pdbx_auth_comp_id 
_struct_site.pdbx_auth_seq_id 
_struct_site.pdbx_auth_ins_code 
_struct_site.pdbx_num_residues 
_struct_site.details 
AC1 Software A CL  200 ? 2 'BINDING SITE FOR RESIDUE CL A 200'  
AC2 Software A HNE 201 ? 5 'BINDING SITE FOR RESIDUE HNE A 201' 
AC3 Software A PO4 301 ? 8 'BINDING SITE FOR RESIDUE PO4 A 301' 
AC4 Software A PO4 302 ? 6 'BINDING SITE FOR RESIDUE PO4 A 302' 
AC5 Software A PO4 303 ? 5 'BINDING SITE FOR RESIDUE PO4 A 303' 
AC6 Software A PO4 304 ? 9 'BINDING SITE FOR RESIDUE PO4 A 304' 
# 
loop_
_struct_site_gen.id 
_struct_site_gen.site_id 
_struct_site_gen.pdbx_num_res 
_struct_site_gen.label_comp_id 
_struct_site_gen.label_asym_id 
_struct_site_gen.label_seq_id 
_struct_site_gen.pdbx_auth_ins_code 
_struct_site_gen.auth_comp_id 
_struct_site_gen.auth_asym_id 
_struct_site_gen.auth_seq_id 
_struct_site_gen.label_atom_id 
_struct_site_gen.label_alt_id 
_struct_site_gen.symmetry 
_struct_site_gen.details 
1  AC1 2 ARG A 108 ? ARG A 108 . ? 1_555 ? 
2  AC1 2 ARG A 108 ? ARG A 108 . ? 3_654 ? 
3  AC2 5 PHE A 16  ? PHE A 16  . ? 1_555 ? 
4  AC2 5 ASP A 76  ? ASP A 76  . ? 1_555 ? 
5  AC2 5 ARG A 126 ? ARG A 126 . ? 1_555 ? 
6  AC2 5 TYR A 128 ? TYR A 128 . ? 1_555 ? 
7  AC2 5 HOH H .   ? HOH A 161 . ? 1_555 ? 
8  AC3 8 SER A 13  ? SER A 13  . ? 1_555 ? 
9  AC3 8 GLU A 14  ? GLU A 14  . ? 1_555 ? 
10 AC3 8 ASN A 15  ? ASN A 15  . ? 1_555 ? 
11 AC3 8 HOH H .   ? HOH A 195 . ? 6_554 ? 
12 AC3 8 HOH H .   ? HOH A 203 . ? 1_555 ? 
13 AC3 8 HOH H .   ? HOH A 204 . ? 1_555 ? 
14 AC3 8 HOH H .   ? HOH A 214 . ? 1_555 ? 
15 AC3 8 HOH H .   ? HOH A 216 . ? 1_555 ? 
16 AC4 6 GLU A 14  ? GLU A 14  . ? 6_555 ? 
17 AC4 6 GLY A 26  ? GLY A 26  . ? 1_555 ? 
18 AC4 6 THR A 29  ? THR A 29  . ? 1_555 ? 
19 AC4 6 ASP A 76  ? ASP A 76  . ? 1_555 ? 
20 AC4 6 HOH H .   ? HOH A 208 . ? 1_555 ? 
21 AC4 6 HOH H .   ? HOH A 212 . ? 1_555 ? 
22 AC5 5 ASP A 17  ? ASP A 17  . ? 1_555 ? 
23 AC5 5 LYS A 21  ? LYS A 21  . ? 1_555 ? 
24 AC5 5 ARG A 30  ? ARG A 30  . ? 1_555 ? 
25 AC5 5 LYS A 31  ? LYS A 31  . ? 1_555 ? 
26 AC5 5 HOH H .   ? HOH A 209 . ? 1_555 ? 
27 AC6 9 ILE A 62  ? ILE A 62  . ? 1_555 ? 
28 AC6 9 GLU A 72  ? GLU A 72  . ? 1_555 ? 
29 AC6 9 GLN A 93  ? GLN A 93  . ? 1_555 ? 
30 AC6 9 GLN A 95  ? GLN A 95  . ? 1_555 ? 
31 AC6 9 ILE A 104 ? ILE A 104 . ? 1_555 ? 
32 AC6 9 ARG A 106 ? ARG A 106 . ? 1_555 ? 
33 AC6 9 HOH H .   ? HOH A 189 . ? 1_555 ? 
34 AC6 9 HOH H .   ? HOH A 191 . ? 1_555 ? 
35 AC6 9 HOH H .   ? HOH A 221 . ? 1_555 ? 
# 
_atom_sites.entry_id                    3JSQ 
_atom_sites.fract_transf_matrix[1][1]   -0.00655520 
_atom_sites.fract_transf_matrix[1][2]   -0.01070336 
_atom_sites.fract_transf_matrix[1][3]   -0.00293150 
_atom_sites.fract_transf_matrix[2][1]   0.00907426 
_atom_sites.fract_transf_matrix[2][2]   -0.00463317 
_atom_sites.fract_transf_matrix[2][3]   -0.00337474 
_atom_sites.fract_transf_matrix[3][1]   0.00331572 
_atom_sites.fract_transf_matrix[3][2]   -0.00716774 
_atom_sites.fract_transf_matrix[3][3]   0.01875614 
_atom_sites.fract_transf_vector[1]      0.381999 
_atom_sites.fract_transf_vector[2]      0.162428 
_atom_sites.fract_transf_vector[3]      0.064541 
# 
loop_
_atom_type.symbol 
C  
CL 
N  
O  
P  
S  
# 
loop_
_atom_site.group_PDB 
_atom_site.id 
_atom_site.type_symbol 
_atom_site.label_atom_id 
_atom_site.label_alt_id 
_atom_site.label_comp_id 
_atom_site.label_asym_id 
_atom_site.label_entity_id 
_atom_site.label_seq_id 
_atom_site.pdbx_PDB_ins_code 
_atom_site.Cartn_x 
_atom_site.Cartn_y 
_atom_site.Cartn_z 
_atom_site.occupancy 
_atom_site.B_iso_or_equiv 
_atom_site.pdbx_formal_charge 
_atom_site.auth_seq_id 
_atom_site.auth_comp_id 
_atom_site.auth_asym_id 
_atom_site.auth_atom_id 
_atom_site.pdbx_PDB_model_num 
ATOM   1    N  N   . CYS A 1 1   ? -13.820 -3.186  -9.702  1.00 51.73 ? 1   CYS A N   1 
ATOM   2    C  CA  . CYS A 1 1   ? -12.549 -3.134  -8.916  1.00 50.90 ? 1   CYS A CA  1 
ATOM   3    C  C   . CYS A 1 1   ? -11.544 -4.203  -9.396  1.00 49.77 ? 1   CYS A C   1 
ATOM   4    O  O   . CYS A 1 1   ? -10.480 -4.410  -8.782  1.00 49.14 ? 1   CYS A O   1 
ATOM   5    C  CB  . CYS A 1 1   ? -12.856 -3.309  -7.431  1.00 51.70 ? 1   CYS A CB  1 
ATOM   6    S  SG  . CYS A 1 1   ? -11.413 -3.360  -6.396  1.00 54.33 ? 1   CYS A SG  1 
ATOM   7    N  N   . ASP A 1 2   ? -11.875 -4.841  -10.517 1.00 48.26 ? 2   ASP A N   1 
ATOM   8    C  CA  . ASP A 1 2   ? -11.102 -5.967  -11.033 1.00 47.14 ? 2   ASP A CA  1 
ATOM   9    C  C   . ASP A 1 2   ? -9.865  -5.556  -11.824 1.00 44.87 ? 2   ASP A C   1 
ATOM   10   O  O   . ASP A 1 2   ? -9.040  -6.403  -12.168 1.00 45.16 ? 2   ASP A O   1 
ATOM   11   C  CB  . ASP A 1 2   ? -11.994 -6.893  -11.890 1.00 48.32 ? 2   ASP A CB  1 
ATOM   12   C  CG  . ASP A 1 2   ? -13.119 -7.557  -11.077 1.00 51.41 ? 2   ASP A CG  1 
ATOM   13   O  OD1 . ASP A 1 2   ? -12.881 -7.919  -9.894  1.00 54.91 ? 2   ASP A OD1 1 
ATOM   14   O  OD2 . ASP A 1 2   ? -14.233 -7.735  -11.628 1.00 54.72 ? 2   ASP A OD2 1 
ATOM   15   N  N   . ALA A 1 3   ? -9.731  -4.268  -12.124 1.00 42.17 ? 3   ALA A N   1 
ATOM   16   C  CA  . ALA A 1 3   ? -8.546  -3.778  -12.865 1.00 39.57 ? 3   ALA A CA  1 
ATOM   17   C  C   . ALA A 1 3   ? -7.245  -4.001  -12.071 1.00 37.89 ? 3   ALA A C   1 
ATOM   18   O  O   . ALA A 1 3   ? -6.156  -4.138  -12.660 1.00 38.36 ? 3   ALA A O   1 
ATOM   19   C  CB  . ALA A 1 3   ? -8.704  -2.317  -13.225 1.00 39.52 ? 3   ALA A CB  1 
ATOM   20   N  N   . PHE A 1 4   ? -7.376  -4.056  -10.742 1.00 35.02 ? 4   PHE A N   1 
ATOM   21   C  CA  . PHE A 1 4   ? -6.249  -4.235  -9.840  1.00 32.57 ? 4   PHE A CA  1 
ATOM   22   C  C   . PHE A 1 4   ? -5.955  -5.697  -9.539  1.00 31.07 ? 4   PHE A C   1 
ATOM   23   O  O   . PHE A 1 4   ? -4.896  -6.017  -9.014  1.00 30.03 ? 4   PHE A O   1 
ATOM   24   C  CB  . PHE A 1 4   ? -6.497  -3.479  -8.530  1.00 31.81 ? 4   PHE A CB  1 
ATOM   25   C  CG  . PHE A 1 4   ? -6.602  -2.013  -8.703  1.00 31.09 ? 4   PHE A CG  1 
ATOM   26   C  CD1 . PHE A 1 4   ? -5.448  -1.220  -8.724  1.00 28.14 ? 4   PHE A CD1 1 
ATOM   27   C  CD2 . PHE A 1 4   ? -7.835  -1.409  -8.894  1.00 30.13 ? 4   PHE A CD2 1 
ATOM   28   C  CE1 . PHE A 1 4   ? -5.538  0.129   -8.932  1.00 27.94 ? 4   PHE A CE1 1 
ATOM   29   C  CE2 . PHE A 1 4   ? -7.925  -0.013  -9.110  1.00 28.43 ? 4   PHE A CE2 1 
ATOM   30   C  CZ  . PHE A 1 4   ? -6.792  0.739   -9.120  1.00 27.95 ? 4   PHE A CZ  1 
ATOM   31   N  N   . VAL A 1 5   ? -6.894  -6.579  -9.863  1.00 30.32 ? 5   VAL A N   1 
ATOM   32   C  CA  . VAL A 1 5   ? -6.773  -7.993  -9.502  1.00 29.67 ? 5   VAL A CA  1 
ATOM   33   C  C   . VAL A 1 5   ? -5.579  -8.620  -10.187 1.00 30.06 ? 5   VAL A C   1 
ATOM   34   O  O   . VAL A 1 5   ? -5.295  -8.324  -11.344 1.00 31.23 ? 5   VAL A O   1 
ATOM   35   C  CB  . VAL A 1 5   ? -8.077  -8.790  -9.820  1.00 30.29 ? 5   VAL A CB  1 
ATOM   36   C  CG1 . VAL A 1 5   ? -7.828  -10.312 -9.841  1.00 27.93 ? 5   VAL A CG1 1 
ATOM   37   C  CG2 . VAL A 1 5   ? -9.145  -8.439  -8.849  1.00 28.09 ? 5   VAL A CG2 1 
ATOM   38   N  N   . GLY A 1 6   ? -4.852  -9.443  -9.449  1.00 29.56 ? 6   GLY A N   1 
ATOM   39   C  CA  . GLY A 1 6   ? -3.731  -10.150 -9.985  1.00 29.53 ? 6   GLY A CA  1 
ATOM   40   C  C   . GLY A 1 6   ? -2.528  -10.079 -9.086  1.00 30.29 ? 6   GLY A C   1 
ATOM   41   O  O   . GLY A 1 6   ? -2.603  -9.568  -7.971  1.00 28.86 ? 6   GLY A O   1 
ATOM   42   N  N   . THR A 1 7   ? -1.411  -10.606 -9.595  1.00 31.53 ? 7   THR A N   1 
ATOM   43   C  CA  . THR A 1 7   ? -0.107  -10.581 -8.920  1.00 32.50 ? 7   THR A CA  1 
ATOM   44   C  C   . THR A 1 7   ? 0.827   -9.559  -9.573  1.00 31.86 ? 7   THR A C   1 
ATOM   45   O  O   . THR A 1 7   ? 1.024   -9.562  -10.792 1.00 32.29 ? 7   THR A O   1 
ATOM   46   C  CB  . THR A 1 7   ? 0.527   -11.985 -8.945  1.00 33.54 ? 7   THR A CB  1 
ATOM   47   O  OG1 . THR A 1 7   ? -0.393  -12.899 -8.330  1.00 39.13 ? 7   THR A OG1 1 
ATOM   48   C  CG2 . THR A 1 7   ? 1.901   -12.030 -8.177  1.00 32.10 ? 7   THR A CG2 1 
ATOM   49   N  N   . TRP A 1 8   ? 1.392   -8.697  -8.742  1.00 31.18 ? 8   TRP A N   1 
ATOM   50   C  CA  . TRP A 1 8   ? 2.209   -7.584  -9.168  1.00 30.50 ? 8   TRP A CA  1 
ATOM   51   C  C   . TRP A 1 8   ? 3.572   -7.666  -8.492  1.00 31.15 ? 8   TRP A C   1 
ATOM   52   O  O   . TRP A 1 8   ? 3.664   -8.033  -7.328  1.00 32.22 ? 8   TRP A O   1 
ATOM   53   C  CB  . TRP A 1 8   ? 1.516   -6.276  -8.770  1.00 29.09 ? 8   TRP A CB  1 
ATOM   54   C  CG  . TRP A 1 8   ? 0.130   -6.173  -9.303  1.00 26.46 ? 8   TRP A CG  1 
ATOM   55   C  CD1 . TRP A 1 8   ? -1.034  -6.631  -8.703  1.00 26.43 ? 8   TRP A CD1 1 
ATOM   56   C  CD2 . TRP A 1 8   ? -0.263  -5.639  -10.565 1.00 22.16 ? 8   TRP A CD2 1 
ATOM   57   N  NE1 . TRP A 1 8   ? -2.107  -6.368  -9.500  1.00 21.75 ? 8   TRP A NE1 1 
ATOM   58   C  CE2 . TRP A 1 8   ? -1.666  -5.776  -10.660 1.00 21.25 ? 8   TRP A CE2 1 
ATOM   59   C  CE3 . TRP A 1 8   ? 0.427   -5.036  -11.617 1.00 20.13 ? 8   TRP A CE3 1 
ATOM   60   C  CZ2 . TRP A 1 8   ? -2.380  -5.335  -11.764 1.00 19.20 ? 8   TRP A CZ2 1 
ATOM   61   C  CZ3 . TRP A 1 8   ? -0.280  -4.614  -12.716 1.00 18.72 ? 8   TRP A CZ3 1 
ATOM   62   C  CH2 . TRP A 1 8   ? -1.669  -4.742  -12.776 1.00 21.28 ? 8   TRP A CH2 1 
ATOM   63   N  N   . LYS A 1 9   ? 4.630   -7.342  -9.223  1.00 31.83 ? 9   LYS A N   1 
ATOM   64   C  CA  . LYS A 1 9   ? 5.994   -7.315  -8.649  1.00 32.60 ? 9   LYS A CA  1 
ATOM   65   C  C   . LYS A 1 9   ? 6.522   -5.910  -8.760  1.00 31.98 ? 9   LYS A C   1 
ATOM   66   O  O   . LYS A 1 9   ? 6.242   -5.225  -9.737  1.00 32.05 ? 9   LYS A O   1 
ATOM   67   C  CB  . LYS A 1 9   ? 6.919   -8.262  -9.402  1.00 33.05 ? 9   LYS A CB  1 
ATOM   68   C  CG  . LYS A 1 9   ? 7.251   -7.753  -10.783 1.00 38.29 ? 9   LYS A CG  1 
ATOM   69   C  CD  . LYS A 1 9   ? 8.136   -8.681  -11.576 1.00 43.90 ? 9   LYS A CD  1 
ATOM   70   C  CE  . LYS A 1 9   ? 8.544   -7.973  -12.861 1.00 46.87 ? 9   LYS A CE  1 
ATOM   71   N  NZ  . LYS A 1 9   ? 9.373   -8.800  -13.789 1.00 49.69 ? 9   LYS A NZ  1 
ATOM   72   N  N   . LEU A 1 10  ? 7.296   -5.484  -7.768  1.00 31.68 ? 10  LEU A N   1 
ATOM   73   C  CA  . LEU A 1 10  ? 7.859   -4.145  -7.743  1.00 31.12 ? 10  LEU A CA  1 
ATOM   74   C  C   . LEU A 1 10  ? 8.931   -3.971  -8.827  1.00 32.09 ? 10  LEU A C   1 
ATOM   75   O  O   . LEU A 1 10  ? 9.830   -4.785  -8.953  1.00 32.14 ? 10  LEU A O   1 
ATOM   76   C  CB  . LEU A 1 10  ? 8.468   -3.870  -6.366  1.00 30.47 ? 10  LEU A CB  1 
ATOM   77   C  CG  . LEU A 1 10  ? 8.963   -2.454  -6.113  1.00 28.72 ? 10  LEU A CG  1 
ATOM   78   C  CD1 . LEU A 1 10  ? 7.807   -1.515  -5.941  1.00 24.60 ? 10  LEU A CD1 1 
ATOM   79   C  CD2 . LEU A 1 10  ? 9.885   -2.422  -4.885  1.00 29.48 ? 10  LEU A CD2 1 
ATOM   80   N  N   . VAL A 1 11  ? 8.840   -2.900  -9.593  1.00 32.91 ? 11  VAL A N   1 
ATOM   81   C  CA  . VAL A 1 11  ? 9.847   -2.652  -10.620 1.00 33.62 ? 11  VAL A CA  1 
ATOM   82   C  C   . VAL A 1 11  ? 10.606  -1.368  -10.385 1.00 33.36 ? 11  VAL A C   1 
ATOM   83   O  O   . VAL A 1 11  ? 11.705  -1.204  -10.872 1.00 34.37 ? 11  VAL A O   1 
ATOM   84   C  CB  . VAL A 1 11  ? 9.272   -2.688  -12.077 1.00 33.15 ? 11  VAL A CB  1 
ATOM   85   C  CG1 . VAL A 1 11  ? 8.671   -4.039  -12.373 1.00 34.91 ? 11  VAL A CG1 1 
ATOM   86   C  CG2 . VAL A 1 11  ? 8.269   -1.608  -12.284 1.00 32.93 ? 11  VAL A CG2 1 
ATOM   87   N  N   . SER A 1 12  ? 10.026  -0.455  -9.642  1.00 33.16 ? 12  SER A N   1 
ATOM   88   C  CA  . SER A 1 12  ? 10.725  0.783   -9.361  1.00 33.19 ? 12  SER A CA  1 
ATOM   89   C  C   . SER A 1 12  ? 10.249  1.386   -8.051  1.00 31.76 ? 12  SER A C   1 
ATOM   90   O  O   . SER A 1 12  ? 9.093   1.263   -7.699  1.00 30.64 ? 12  SER A O   1 
ATOM   91   C  CB  . SER A 1 12  ? 10.546  1.786   -10.526 1.00 33.50 ? 12  SER A CB  1 
ATOM   92   O  OG  . SER A 1 12  ? 9.491   2.725   -10.253 1.00 35.72 ? 12  SER A OG  1 
ATOM   93   N  N   . SER A 1 13  ? 11.161  2.038   -7.341  1.00 30.98 ? 13  SER A N   1 
ATOM   94   C  CA  . SER A 1 13  ? 10.816  2.742   -6.112  1.00 30.57 ? 13  SER A CA  1 
ATOM   95   C  C   . SER A 1 13  ? 11.456  4.114   -6.076  1.00 30.43 ? 13  SER A C   1 
ATOM   96   O  O   . SER A 1 13  ? 12.623  4.262   -6.397  1.00 31.43 ? 13  SER A O   1 
ATOM   97   C  CB  . SER A 1 13  ? 11.263  1.934   -4.893  1.00 30.24 ? 13  SER A CB  1 
ATOM   98   O  OG  . SER A 1 13  ? 10.800  2.544   -3.705  1.00 30.38 ? 13  SER A OG  1 
ATOM   99   N  N   . GLU A 1 14  ? 10.723  5.106   -5.619  1.00 29.81 ? 14  GLU A N   1 
ATOM   100  C  CA  . GLU A 1 14  ? 11.253  6.439   -5.598  1.00 29.86 ? 14  GLU A CA  1 
ATOM   101  C  C   . GLU A 1 14  ? 10.873  7.167   -4.372  1.00 28.94 ? 14  GLU A C   1 
ATOM   102  O  O   . GLU A 1 14  ? 9.697   7.242   -4.032  1.00 28.85 ? 14  GLU A O   1 
ATOM   103  C  CB  . GLU A 1 14  ? 10.753  7.229   -6.798  1.00 30.56 ? 14  GLU A CB  1 
ATOM   104  C  CG  . GLU A 1 14  ? 11.348  6.810   -8.094  1.00 34.35 ? 14  GLU A CG  1 
ATOM   105  C  CD  . GLU A 1 14  ? 10.636  7.440   -9.259  1.00 40.60 ? 14  GLU A CD  1 
ATOM   106  O  OE1 . GLU A 1 14  ? 9.378   7.255   -9.377  1.00 41.23 ? 14  GLU A OE1 1 
ATOM   107  O  OE2 . GLU A 1 14  ? 11.320  8.093   -10.074 1.00 41.32 ? 14  GLU A OE2 1 
ATOM   108  N  N   . ASN A 1 15  ? 11.866  7.752   -3.719  1.00 28.13 ? 15  ASN A N   1 
ATOM   109  C  CA  . ASN A 1 15  ? 11.643  8.561   -2.521  1.00 28.03 ? 15  ASN A CA  1 
ATOM   110  C  C   . ASN A 1 15  ? 11.012  7.785   -1.342  1.00 26.77 ? 15  ASN A C   1 
ATOM   111  O  O   . ASN A 1 15  ? 10.382  8.369   -0.482  1.00 25.11 ? 15  ASN A O   1 
ATOM   112  C  CB  . ASN A 1 15  ? 10.806  9.809   -2.852  1.00 27.27 ? 15  ASN A CB  1 
ATOM   113  C  CG  . ASN A 1 15  ? 11.106  10.945  -1.933  1.00 28.91 ? 15  ASN A CG  1 
ATOM   114  O  OD1 . ASN A 1 15  ? 12.234  11.084  -1.476  1.00 33.89 ? 15  ASN A OD1 1 
ATOM   115  N  ND2 . ASN A 1 15  ? 10.098  11.733  -1.606  1.00 28.16 ? 15  ASN A ND2 1 
ATOM   116  N  N   . PHE A 1 16  ? 11.178  6.475   -1.340  1.00 27.10 ? 16  PHE A N   1 
ATOM   117  C  CA  . PHE A 1 16  ? 10.530  5.622   -0.320  1.00 28.40 ? 16  PHE A CA  1 
ATOM   118  C  C   . PHE A 1 16  ? 11.109  5.861   1.084   1.00 28.75 ? 16  PHE A C   1 
ATOM   119  O  O   . PHE A 1 16  ? 10.384  5.856   2.082   1.00 28.90 ? 16  PHE A O   1 
ATOM   120  C  CB  . PHE A 1 16  ? 10.642  4.151   -0.711  1.00 27.39 ? 16  PHE A CB  1 
ATOM   121  C  CG  . PHE A 1 16  ? 9.720   3.257   0.051   1.00 30.39 ? 16  PHE A CG  1 
ATOM   122  C  CD1 . PHE A 1 16  ? 8.414   3.666   0.345   1.00 30.28 ? 16  PHE A CD1 1 
ATOM   123  C  CD2 . PHE A 1 16  ? 10.136  1.992   0.465   1.00 28.71 ? 16  PHE A CD2 1 
ATOM   124  C  CE1 . PHE A 1 16  ? 7.565   2.845   1.036   1.00 30.40 ? 16  PHE A CE1 1 
ATOM   125  C  CE2 . PHE A 1 16  ? 9.288   1.168   1.164   1.00 29.96 ? 16  PHE A CE2 1 
ATOM   126  C  CZ  . PHE A 1 16  ? 7.999   1.581   1.445   1.00 29.35 ? 16  PHE A CZ  1 
ATOM   127  N  N   . ASP A 1 17  ? 12.406  6.142   1.134   1.00 30.53 ? 17  ASP A N   1 
ATOM   128  C  CA  . ASP A 1 17  ? 13.114  6.372   2.396   1.00 31.88 ? 17  ASP A CA  1 
ATOM   129  C  C   . ASP A 1 17  ? 12.562  7.597   3.164   1.00 31.91 ? 17  ASP A C   1 
ATOM   130  O  O   . ASP A 1 17  ? 12.206  7.484   4.350   1.00 31.01 ? 17  ASP A O   1 
ATOM   131  C  CB  . ASP A 1 17  ? 14.621  6.508   2.138   1.00 33.08 ? 17  ASP A CB  1 
ATOM   132  C  CG  . ASP A 1 17  ? 15.438  6.551   3.427   1.00 36.94 ? 17  ASP A CG  1 
ATOM   133  O  OD1 . ASP A 1 17  ? 14.968  6.001   4.458   1.00 38.78 ? 17  ASP A OD1 1 
ATOM   134  O  OD2 . ASP A 1 17  ? 16.547  7.132   3.399   1.00 40.60 ? 17  ASP A OD2 1 
ATOM   135  N  N   . ASP A 1 18  ? 12.424  8.740   2.469   1.00 31.51 ? 18  ASP A N   1 
ATOM   136  C  CA  . ASP A 1 18  ? 11.855  9.970   3.091   1.00 31.50 ? 18  ASP A CA  1 
ATOM   137  C  C   . ASP A 1 18  ? 10.361  9.896   3.370   1.00 30.20 ? 18  ASP A C   1 
ATOM   138  O  O   . ASP A 1 18  ? 9.852   10.595  4.246   1.00 30.59 ? 18  ASP A O   1 
ATOM   139  C  CB  . ASP A 1 18  ? 12.159  11.205  2.251   1.00 32.10 ? 18  ASP A CB  1 
ATOM   140  C  CG  . ASP A 1 18  ? 13.665  11.483  2.134   1.00 36.60 ? 18  ASP A CG  1 
ATOM   141  O  OD1 . ASP A 1 18  ? 14.453  10.899  2.925   1.00 42.08 ? 18  ASP A OD1 1 
ATOM   142  O  OD2 . ASP A 1 18  ? 14.062  12.262  1.233   1.00 38.76 ? 18  ASP A OD2 1 
ATOM   143  N  N   . TYR A 1 19  ? 9.639   9.107   2.581   1.00 28.90 ? 19  TYR A N   1 
ATOM   144  C  CA  . TYR A 1 19  ? 8.255   8.816   2.916   1.00 27.26 ? 19  TYR A CA  1 
ATOM   145  C  C   . TYR A 1 19  ? 8.232   8.042   4.226   1.00 26.83 ? 19  TYR A C   1 
ATOM   146  O  O   . TYR A 1 19  ? 7.504   8.387   5.125   1.00 26.14 ? 19  TYR A O   1 
ATOM   147  C  CB  . TYR A 1 19  ? 7.549   8.010   1.837   1.00 25.86 ? 19  TYR A CB  1 
ATOM   148  C  CG  . TYR A 1 19  ? 6.183   7.528   2.292   1.00 25.12 ? 19  TYR A CG  1 
ATOM   149  C  CD1 . TYR A 1 19  ? 5.135   8.420   2.428   1.00 23.84 ? 19  TYR A CD1 1 
ATOM   150  C  CD2 . TYR A 1 19  ? 5.949   6.183   2.592   1.00 24.23 ? 19  TYR A CD2 1 
ATOM   151  C  CE1 . TYR A 1 19  ? 3.914   8.013   2.848   1.00 26.58 ? 19  TYR A CE1 1 
ATOM   152  C  CE2 . TYR A 1 19  ? 4.726   5.760   3.024   1.00 25.60 ? 19  TYR A CE2 1 
ATOM   153  C  CZ  . TYR A 1 19  ? 3.703   6.679   3.157   1.00 27.87 ? 19  TYR A CZ  1 
ATOM   154  O  OH  . TYR A 1 19  ? 2.449   6.281   3.586   1.00 30.53 ? 19  TYR A OH  1 
ATOM   155  N  N   . MET A 1 20  ? 9.020   6.979   4.306   1.00 27.04 ? 20  MET A N   1 
ATOM   156  C  CA  . MET A 1 20  ? 9.132   6.222   5.560   1.00 27.90 ? 20  MET A CA  1 
ATOM   157  C  C   . MET A 1 20  ? 9.608   7.118   6.732   1.00 28.48 ? 20  MET A C   1 
ATOM   158  O  O   . MET A 1 20  ? 8.964   7.158   7.792   1.00 28.77 ? 20  MET A O   1 
ATOM   159  C  CB  . MET A 1 20  ? 10.014  5.011   5.379   1.00 28.03 ? 20  MET A CB  1 
ATOM   160  C  CG  . MET A 1 20  ? 9.345   3.905   4.591   1.00 29.18 ? 20  MET A CG  1 
ATOM   161  S  SD  . MET A 1 20  ? 10.229  2.358   4.631   1.00 33.94 ? 20  MET A SD  1 
ATOM   162  C  CE  . MET A 1 20  ? 11.675  2.724   3.631   1.00 33.64 ? 20  MET A CE  1 
ATOM   163  N  N   . LYS A 1 21  ? 10.652  7.910   6.502   1.00 28.74 ? 21  LYS A N   1 
ATOM   164  C  CA  . LYS A 1 21  ? 11.086  8.894   7.492   1.00 28.84 ? 21  LYS A CA  1 
ATOM   165  C  C   . LYS A 1 21  ? 9.896   9.695   7.989   1.00 29.53 ? 21  LYS A C   1 
ATOM   166  O  O   . LYS A 1 21  ? 9.647   9.773   9.199   1.00 29.17 ? 21  LYS A O   1 
ATOM   167  C  CB  . LYS A 1 21  ? 12.126  9.846   6.908   0.50 28.53 ? 21  LYS A CB  1 
ATOM   168  C  CG  . LYS A 1 21  ? 13.513  9.292   6.818   0.50 27.62 ? 21  LYS A CG  1 
ATOM   169  C  CD  . LYS A 1 21  ? 14.512  10.427  6.770   0.50 27.80 ? 21  LYS A CD  1 
ATOM   170  C  CE  . LYS A 1 21  ? 15.825  9.977   6.209   0.50 30.06 ? 21  LYS A CE  1 
ATOM   171  N  NZ  . LYS A 1 21  ? 15.749  9.696   4.741   0.50 31.87 ? 21  LYS A NZ  1 
ATOM   172  N  N   . GLU A 1 22  ? 9.138   10.269  7.058   1.00 30.05 ? 22  GLU A N   1 
ATOM   173  C  CA  . GLU A 1 22  ? 7.962   11.085  7.418   1.00 31.65 ? 22  GLU A CA  1 
ATOM   174  C  C   . GLU A 1 22  ? 6.888   10.323  8.248   1.00 31.57 ? 22  GLU A C   1 
ATOM   175  O  O   . GLU A 1 22  ? 6.232   10.905  9.152   1.00 31.23 ? 22  GLU A O   1 
ATOM   176  C  CB  . GLU A 1 22  ? 7.321   11.673  6.175   1.00 31.84 ? 22  GLU A CB  1 
ATOM   177  C  CG  . GLU A 1 22  ? 6.236   12.646  6.492   1.00 35.27 ? 22  GLU A CG  1 
ATOM   178  C  CD  . GLU A 1 22  ? 6.746   13.825  7.324   1.00 42.91 ? 22  GLU A CD  1 
ATOM   179  O  OE1 . GLU A 1 22  ? 7.873   14.336  7.030   1.00 43.23 ? 22  GLU A OE1 1 
ATOM   180  O  OE2 . GLU A 1 22  ? 6.023   14.236  8.273   1.00 45.66 ? 22  GLU A OE2 1 
ATOM   181  N  N   . VAL A 1 23  ? 6.713   9.040   7.940   1.00 30.75 ? 23  VAL A N   1 
ATOM   182  C  CA  . VAL A 1 23  ? 5.723   8.210   8.624   1.00 30.87 ? 23  VAL A CA  1 
ATOM   183  C  C   . VAL A 1 23  ? 6.172   7.891   10.048  1.00 32.00 ? 23  VAL A C   1 
ATOM   184  O  O   . VAL A 1 23  ? 5.354   7.686   10.930  1.00 33.73 ? 23  VAL A O   1 
ATOM   185  C  CB  . VAL A 1 23  ? 5.437   6.891   7.821   1.00 30.37 ? 23  VAL A CB  1 
ATOM   186  C  CG1 . VAL A 1 23  ? 4.730   5.883   8.677   1.00 29.50 ? 23  VAL A CG1 1 
ATOM   187  C  CG2 . VAL A 1 23  ? 4.623   7.203   6.592   1.00 28.22 ? 23  VAL A CG2 1 
ATOM   188  N  N   . GLY A 1 24  ? 7.477   7.882   10.269  1.00 33.04 ? 24  GLY A N   1 
ATOM   189  C  CA  . GLY A 1 24  ? 8.024   7.610   11.582  1.00 33.50 ? 24  GLY A CA  1 
ATOM   190  C  C   . GLY A 1 24  ? 8.659   6.238   11.664  1.00 34.40 ? 24  GLY A C   1 
ATOM   191  O  O   . GLY A 1 24  ? 8.948   5.752   12.749  1.00 36.07 ? 24  GLY A O   1 
ATOM   192  N  N   . VAL A 1 25  ? 8.857   5.595   10.512  1.00 34.12 ? 25  VAL A N   1 
ATOM   193  C  CA  . VAL A 1 25  ? 9.510   4.278   10.473  1.00 33.43 ? 25  VAL A CA  1 
ATOM   194  C  C   . VAL A 1 25  ? 10.999  4.433   10.833  1.00 34.58 ? 25  VAL A C   1 
ATOM   195  O  O   . VAL A 1 25  ? 11.690  5.319   10.292  1.00 34.42 ? 25  VAL A O   1 
ATOM   196  C  CB  . VAL A 1 25  ? 9.392   3.616   9.064   1.00 32.92 ? 25  VAL A CB  1 
ATOM   197  C  CG1 . VAL A 1 25  ? 10.000  2.239   9.071   1.00 30.43 ? 25  VAL A CG1 1 
ATOM   198  C  CG2 . VAL A 1 25  ? 7.928   3.573   8.589   1.00 31.22 ? 25  VAL A CG2 1 
ATOM   199  N  N   . GLY A 1 26  ? 11.493  3.547   11.712  1.00 34.90 ? 26  GLY A N   1 
ATOM   200  C  CA  . GLY A 1 26  ? 12.866  3.628   12.229  1.00 33.73 ? 26  GLY A CA  1 
ATOM   201  C  C   . GLY A 1 26  ? 13.924  3.176   11.239  1.00 33.61 ? 26  GLY A C   1 
ATOM   202  O  O   . GLY A 1 26  ? 13.637  2.419   10.304  1.00 34.57 ? 26  GLY A O   1 
ATOM   203  N  N   . PHE A 1 27  ? 15.152  3.636   11.461  1.00 31.89 ? 27  PHE A N   1 
ATOM   204  C  CA  . PHE A 1 27  ? 16.285  3.355   10.592  1.00 30.50 ? 27  PHE A CA  1 
ATOM   205  C  C   . PHE A 1 27  ? 16.416  1.901   10.130  1.00 31.09 ? 27  PHE A C   1 
ATOM   206  O  O   . PHE A 1 27  ? 16.678  1.640   8.945   1.00 30.62 ? 27  PHE A O   1 
ATOM   207  C  CB  . PHE A 1 27  ? 17.596  3.810   11.281  1.00 30.90 ? 27  PHE A CB  1 
ATOM   208  C  CG  . PHE A 1 27  ? 18.827  3.639   10.436  1.00 28.12 ? 27  PHE A CG  1 
ATOM   209  C  CD1 . PHE A 1 27  ? 19.346  4.702   9.735   1.00 29.40 ? 27  PHE A CD1 1 
ATOM   210  C  CD2 . PHE A 1 27  ? 19.469  2.422   10.362  1.00 27.21 ? 27  PHE A CD2 1 
ATOM   211  C  CE1 . PHE A 1 27  ? 20.478  4.548   8.951   1.00 28.66 ? 27  PHE A CE1 1 
ATOM   212  C  CE2 . PHE A 1 27  ? 20.567  2.248   9.578   1.00 27.64 ? 27  PHE A CE2 1 
ATOM   213  C  CZ  . PHE A 1 27  ? 21.096  3.333   8.879   1.00 27.38 ? 27  PHE A CZ  1 
ATOM   214  N  N   . ALA A 1 28  ? 16.313  0.959   11.065  1.00 31.20 ? 28  ALA A N   1 
ATOM   215  C  CA  . ALA A 1 28  ? 16.564  -0.466  10.762  1.00 31.65 ? 28  ALA A CA  1 
ATOM   216  C  C   . ALA A 1 28  ? 15.516  -1.042  9.827   1.00 31.50 ? 28  ALA A C   1 
ATOM   217  O  O   . ALA A 1 28  ? 15.842  -1.714  8.870   1.00 32.07 ? 28  ALA A O   1 
ATOM   218  C  CB  . ALA A 1 28  ? 16.655  -1.303  12.061  1.00 31.78 ? 28  ALA A CB  1 
ATOM   219  N  N   . THR A 1 29  ? 14.259  -0.761  10.115  1.00 32.10 ? 29  THR A N   1 
ATOM   220  C  CA  . THR A 1 29  ? 13.174  -1.182  9.277   1.00 32.81 ? 29  THR A CA  1 
ATOM   221  C  C   . THR A 1 29  ? 13.270  -0.512  7.887   1.00 32.68 ? 29  THR A C   1 
ATOM   222  O  O   . THR A 1 29  ? 13.082  -1.171  6.884   1.00 32.03 ? 29  THR A O   1 
ATOM   223  C  CB  . THR A 1 29  ? 11.798  -0.923  9.952   1.00 32.40 ? 29  THR A CB  1 
ATOM   224  O  OG1 . THR A 1 29  ? 11.783  -1.557  11.228  1.00 34.46 ? 29  THR A OG1 1 
ATOM   225  C  CG2 . THR A 1 29  ? 10.672  -1.527  9.125   1.00 33.81 ? 29  THR A CG2 1 
ATOM   226  N  N   . ARG A 1 30  ? 13.609  0.785   7.845   1.00 32.85 ? 30  ARG A N   1 
ATOM   227  C  CA  . ARG A 1 30  ? 13.783  1.483   6.547   1.00 33.21 ? 30  ARG A CA  1 
ATOM   228  C  C   . ARG A 1 30  ? 14.794  0.780   5.656   1.00 34.60 ? 30  ARG A C   1 
ATOM   229  O  O   . ARG A 1 30  ? 14.549  0.602   4.463   1.00 35.41 ? 30  ARG A O   1 
ATOM   230  C  CB  . ARG A 1 30  ? 14.149  2.961   6.724   1.00 31.86 ? 30  ARG A CB  1 
ATOM   231  C  CG  . ARG A 1 30  ? 13.008  3.814   7.289   1.00 31.10 ? 30  ARG A CG  1 
ATOM   232  C  CD  . ARG A 1 30  ? 13.202  5.314   7.039   1.00 30.06 ? 30  ARG A CD  1 
ATOM   233  N  NE  . ARG A 1 30  ? 14.564  5.754   7.303   1.00 32.02 ? 30  ARG A NE  1 
ATOM   234  C  CZ  . ARG A 1 30  ? 15.000  6.229   8.476   1.00 33.39 ? 30  ARG A CZ  1 
ATOM   235  N  NH1 . ARG A 1 30  ? 14.184  6.355   9.506   1.00 31.13 ? 30  ARG A NH1 1 
ATOM   236  N  NH2 . ARG A 1 30  ? 16.265  6.586   8.608   1.00 34.84 ? 30  ARG A NH2 1 
ATOM   237  N  N   . LYS A 1 31  ? 15.920  0.352   6.231   1.00 36.14 ? 31  LYS A N   1 
ATOM   238  C  CA  . LYS A 1 31  ? 16.907  -0.424  5.464   1.00 38.07 ? 31  LYS A CA  1 
ATOM   239  C  C   . LYS A 1 31  ? 16.319  -1.728  4.889   1.00 37.87 ? 31  LYS A C   1 
ATOM   240  O  O   . LYS A 1 31  ? 16.480  -2.015  3.719   1.00 38.53 ? 31  LYS A O   1 
ATOM   241  C  CB  . LYS A 1 31  ? 18.172  -0.742  6.302   1.00 38.63 ? 31  LYS A CB  1 
ATOM   242  C  CG  . LYS A 1 31  ? 18.946  0.463   6.844   1.00 42.94 ? 31  LYS A CG  1 
ATOM   243  C  CD  . LYS A 1 31  ? 19.468  1.428   5.740   1.00 47.55 ? 31  LYS A CD  1 
ATOM   244  C  CE  . LYS A 1 31  ? 18.443  2.569   5.442   1.00 50.39 ? 31  LYS A CE  1 
ATOM   245  N  NZ  . LYS A 1 31  ? 17.947  3.248   6.699   1.00 47.95 ? 31  LYS A NZ  1 
ATOM   246  N  N   . VAL A 1 32  ? 15.666  -2.518  5.733   1.00 38.49 ? 32  VAL A N   1 
ATOM   247  C  CA  . VAL A 1 32  ? 15.089  -3.792  5.294   1.00 39.08 ? 32  VAL A CA  1 
ATOM   248  C  C   . VAL A 1 32  ? 13.879  -3.592  4.351   1.00 39.21 ? 32  VAL A C   1 
ATOM   249  O  O   . VAL A 1 32  ? 13.759  -4.279  3.343   1.00 38.97 ? 32  VAL A O   1 
ATOM   250  C  CB  . VAL A 1 32  ? 14.707  -4.706  6.494   1.00 39.62 ? 32  VAL A CB  1 
ATOM   251  C  CG1 . VAL A 1 32  ? 14.148  -6.055  5.989   1.00 40.97 ? 32  VAL A CG1 1 
ATOM   252  C  CG2 . VAL A 1 32  ? 15.905  -4.946  7.370   1.00 39.01 ? 32  VAL A CG2 1 
ATOM   253  N  N   . ALA A 1 33  ? 13.018  -2.629  4.669   1.00 39.52 ? 33  ALA A N   1 
ATOM   254  C  CA  . ALA A 1 33  ? 11.858  -2.312  3.806   1.00 40.74 ? 33  ALA A CA  1 
ATOM   255  C  C   . ALA A 1 33  ? 12.282  -1.789  2.419   1.00 41.55 ? 33  ALA A C   1 
ATOM   256  O  O   . ALA A 1 33  ? 11.677  -2.139  1.406   1.00 41.73 ? 33  ALA A O   1 
ATOM   257  C  CB  . ALA A 1 33  ? 10.913  -1.310  4.499   1.00 39.81 ? 33  ALA A CB  1 
ATOM   258  N  N   . GLY A 1 34  ? 13.337  -0.971  2.391   1.00 42.66 ? 34  GLY A N   1 
ATOM   259  C  CA  . GLY A 1 34  ? 13.850  -0.388  1.154   1.00 43.77 ? 34  GLY A CA  1 
ATOM   260  C  C   . GLY A 1 34  ? 14.582  -1.381  0.264   1.00 45.51 ? 34  GLY A C   1 
ATOM   261  O  O   . GLY A 1 34  ? 14.671  -1.187  -0.960  1.00 45.54 ? 34  GLY A O   1 
ATOM   262  N  N   . MET A 1 35  ? 15.107  -2.450  0.866   1.00 46.49 ? 35  MET A N   1 
ATOM   263  C  CA  . MET A 1 35  ? 15.794  -3.510  0.101   1.00 47.53 ? 35  MET A CA  1 
ATOM   264  C  C   . MET A 1 35  ? 14.836  -4.610  -0.399  1.00 47.32 ? 35  MET A C   1 
ATOM   265  O  O   . MET A 1 35  ? 15.191  -5.409  -1.264  1.00 47.51 ? 35  MET A O   1 
ATOM   266  C  CB  . MET A 1 35  ? 16.923  -4.121  0.924   1.00 48.02 ? 35  MET A CB  1 
ATOM   267  C  CG  . MET A 1 35  ? 18.129  -3.205  1.063   1.00 52.34 ? 35  MET A CG  1 
ATOM   268  S  SD  . MET A 1 35  ? 19.121  -3.520  2.554   1.00 61.08 ? 35  MET A SD  1 
ATOM   269  C  CE  . MET A 1 35  ? 20.370  -2.208  2.412   1.00 58.99 ? 35  MET A CE  1 
ATOM   270  N  N   . ALA A 1 36  ? 13.628  -4.648  0.150   1.00 46.78 ? 36  ALA A N   1 
ATOM   271  C  CA  . ALA A 1 36  ? 12.642  -5.623  -0.283  1.00 46.23 ? 36  ALA A CA  1 
ATOM   272  C  C   . ALA A 1 36  ? 12.083  -5.267  -1.662  1.00 45.76 ? 36  ALA A C   1 
ATOM   273  O  O   . ALA A 1 36  ? 11.932  -4.088  -1.991  1.00 46.12 ? 36  ALA A O   1 
ATOM   274  C  CB  . ALA A 1 36  ? 11.531  -5.722  0.725   1.00 45.86 ? 36  ALA A CB  1 
ATOM   275  N  N   . LYS A 1 37  ? 11.823  -6.295  -2.473  1.00 44.99 ? 37  LYS A N   1 
ATOM   276  C  CA  . LYS A 1 37  ? 11.075  -6.153  -3.722  1.00 43.76 ? 37  LYS A CA  1 
ATOM   277  C  C   . LYS A 1 37  ? 9.828   -6.989  -3.582  1.00 41.89 ? 37  LYS A C   1 
ATOM   278  O  O   . LYS A 1 37  ? 9.807   -8.150  -3.989  1.00 41.71 ? 37  LYS A O   1 
ATOM   279  C  CB  . LYS A 1 37  ? 11.884  -6.656  -4.910  1.00 44.55 ? 37  LYS A CB  1 
ATOM   280  C  CG  . LYS A 1 37  ? 13.172  -5.900  -5.162  1.00 48.34 ? 37  LYS A CG  1 
ATOM   281  C  CD  . LYS A 1 37  ? 14.067  -6.667  -6.148  1.00 51.42 ? 37  LYS A CD  1 
ATOM   282  C  CE  . LYS A 1 37  ? 15.287  -5.834  -6.550  1.00 55.25 ? 37  LYS A CE  1 
ATOM   283  N  NZ  . LYS A 1 37  ? 14.894  -4.618  -7.362  1.00 56.55 ? 37  LYS A NZ  1 
ATOM   284  N  N   . PRO A 1 38  ? 8.784   -6.416  -2.982  1.00 40.44 ? 38  PRO A N   1 
ATOM   285  C  CA  . PRO A 1 38  ? 7.593   -7.173  -2.673  1.00 39.28 ? 38  PRO A CA  1 
ATOM   286  C  C   . PRO A 1 38  ? 6.781   -7.532  -3.892  1.00 38.17 ? 38  PRO A C   1 
ATOM   287  O  O   . PRO A 1 38  ? 6.812   -6.823  -4.907  1.00 37.22 ? 38  PRO A O   1 
ATOM   288  C  CB  . PRO A 1 38  ? 6.787   -6.214  -1.806  1.00 39.25 ? 38  PRO A CB  1 
ATOM   289  C  CG  . PRO A 1 38  ? 7.745   -5.092  -1.459  1.00 40.44 ? 38  PRO A CG  1 
ATOM   290  C  CD  . PRO A 1 38  ? 8.666   -5.014  -2.563  1.00 40.29 ? 38  PRO A CD  1 
ATOM   291  N  N   . ASN A 1 39  ? 6.130   -8.676  -3.813  1.00 37.47 ? 39  ASN A N   1 
ATOM   292  C  CA  . ASN A 1 39  ? 5.012   -8.974  -4.650  1.00 37.79 ? 39  ASN A CA  1 
ATOM   293  C  C   . ASN A 1 39  ? 3.788   -8.467  -3.934  1.00 36.80 ? 39  ASN A C   1 
ATOM   294  O  O   . ASN A 1 39  ? 3.751   -8.449  -2.712  1.00 37.39 ? 39  ASN A O   1 
ATOM   295  C  CB  . ASN A 1 39  ? 4.895   -10.472 -4.886  1.00 38.49 ? 39  ASN A CB  1 
ATOM   296  C  CG  . ASN A 1 39  ? 5.797   -10.956 -6.000  1.00 41.63 ? 39  ASN A CG  1 
ATOM   297  O  OD1 . ASN A 1 39  ? 6.956   -10.317 -6.148  1.00 46.06 ? 39  ASN A OD1 1 
ATOM   298  N  ND2 . ASN A 1 39  ? 5.438   -11.862 -6.753  1.00 43.70 ? 39  ASN A ND2 1 
ATOM   299  N  N   . MET A 1 40  ? 2.801   -8.026  -4.694  1.00 35.03 ? 40  MET A N   1 
ATOM   300  C  CA  . MET A 1 40  ? 1.574   -7.544  -4.143  1.00 33.50 ? 40  MET A CA  1 
ATOM   301  C  C   . MET A 1 40  ? 0.460   -8.322  -4.819  1.00 32.90 ? 40  MET A C   1 
ATOM   302  O  O   . MET A 1 40  ? 0.341   -8.304  -6.051  1.00 32.71 ? 40  MET A O   1 
ATOM   303  C  CB  . MET A 1 40  ? 1.445   -6.068  -4.432  1.00 33.55 ? 40  MET A CB  1 
ATOM   304  C  CG  . MET A 1 40  ? 0.260   -5.425  -3.857  1.00 35.98 ? 40  MET A CG  1 
ATOM   305  S  SD  . MET A 1 40  ? 0.195   -3.747  -4.422  1.00 44.68 ? 40  MET A SD  1 
ATOM   306  C  CE  . MET A 1 40  ? -1.302  -3.177  -3.714  1.00 43.59 ? 40  MET A CE  1 
ATOM   307  N  N   . ILE A 1 41  ? -0.310  -9.062  -4.038  1.00 31.30 ? 41  ILE A N   1 
ATOM   308  C  CA  . ILE A 1 41  ? -1.348  -9.904  -4.602  1.00 29.89 ? 41  ILE A CA  1 
ATOM   309  C  C   . ILE A 1 41  ? -2.692  -9.351  -4.204  1.00 29.47 ? 41  ILE A C   1 
ATOM   310  O  O   . ILE A 1 41  ? -2.964  -9.142  -3.019  1.00 28.22 ? 41  ILE A O   1 
ATOM   311  C  CB  . ILE A 1 41  ? -1.188  -11.360 -4.167  1.00 30.43 ? 41  ILE A CB  1 
ATOM   312  C  CG1 . ILE A 1 41  ? 0.292   -11.764 -4.270  1.00 29.35 ? 41  ILE A CG1 1 
ATOM   313  C  CG2 . ILE A 1 41  ? -2.105  -12.290 -5.020  1.00 29.96 ? 41  ILE A CG2 1 
ATOM   314  C  CD1 . ILE A 1 41  ? 0.624   -13.101 -3.657  1.00 32.64 ? 41  ILE A CD1 1 
ATOM   315  N  N   . ILE A 1 42  ? -3.497  -9.024  -5.209  1.00 28.36 ? 42  ILE A N   1 
ATOM   316  C  CA  . ILE A 1 42  ? -4.785  -8.404  -4.999  1.00 28.05 ? 42  ILE A CA  1 
ATOM   317  C  C   . ILE A 1 42  ? -5.878  -9.309  -5.515  1.00 29.04 ? 42  ILE A C   1 
ATOM   318  O  O   . ILE A 1 42  ? -5.827  -9.783  -6.647  1.00 28.82 ? 42  ILE A O   1 
ATOM   319  C  CB  . ILE A 1 42  ? -4.856  -7.050  -5.740  1.00 28.28 ? 42  ILE A CB  1 
ATOM   320  C  CG1 . ILE A 1 42  ? -3.754  -6.113  -5.235  1.00 26.70 ? 42  ILE A CG1 1 
ATOM   321  C  CG2 . ILE A 1 42  ? -6.280  -6.419  -5.629  1.00 26.48 ? 42  ILE A CG2 1 
ATOM   322  C  CD1 . ILE A 1 42  ? -3.464  -4.934  -6.157  1.00 24.94 ? 42  ILE A CD1 1 
ATOM   323  N  N   . SER A 1 43  ? -6.863  -9.586  -4.681  1.00 30.76 ? 43  SER A N   1 
ATOM   324  C  CA  . SER A 1 43  ? -8.029  -10.326 -5.152  1.00 31.48 ? 43  SER A CA  1 
ATOM   325  C  C   . SER A 1 43  ? -9.331  -9.784  -4.629  1.00 31.95 ? 43  SER A C   1 
ATOM   326  O  O   . SER A 1 43  ? -9.372  -9.046  -3.641  1.00 30.98 ? 43  SER A O   1 
ATOM   327  C  CB  . SER A 1 43  ? -7.898  -11.820 -4.874  1.00 31.67 ? 43  SER A CB  1 
ATOM   328  O  OG  . SER A 1 43  ? -7.434  -12.053 -3.573  1.00 34.07 ? 43  SER A OG  1 
ATOM   329  N  N   . VAL A 1 44  ? -10.392 -10.085 -5.354  1.00 33.16 ? 44  VAL A N   1 
ATOM   330  C  CA  . VAL A 1 44  ? -11.714 -9.703  -4.945  1.00 34.00 ? 44  VAL A CA  1 
ATOM   331  C  C   . VAL A 1 44  ? -12.527 -10.968 -4.806  1.00 34.56 ? 44  VAL A C   1 
ATOM   332  O  O   . VAL A 1 44  ? -12.399 -11.878 -5.618  1.00 35.60 ? 44  VAL A O   1 
ATOM   333  C  CB  . VAL A 1 44  ? -12.381 -8.756  -5.980  1.00 33.93 ? 44  VAL A CB  1 
ATOM   334  C  CG1 . VAL A 1 44  ? -13.795 -8.394  -5.537  1.00 35.06 ? 44  VAL A CG1 1 
ATOM   335  C  CG2 . VAL A 1 44  ? -11.549 -7.483  -6.166  1.00 33.77 ? 44  VAL A CG2 1 
ATOM   336  N  N   . ASN A 1 45  ? -13.248 -11.084 -3.703  1.00 34.78 ? 45  ASN A N   1 
ATOM   337  C  CA  A ASN A 1 45  ? -14.214 -12.175 -3.524  0.50 34.80 ? 45  ASN A CA  1 
ATOM   338  C  CA  B ASN A 1 45  ? -14.196 -12.178 -3.506  0.50 34.75 ? 45  ASN A CA  1 
ATOM   339  C  C   . ASN A 1 45  ? -15.542 -11.586 -3.079  1.00 35.04 ? 45  ASN A C   1 
ATOM   340  O  O   . ASN A 1 45  ? -15.715 -11.174 -1.928  1.00 34.90 ? 45  ASN A O   1 
ATOM   341  C  CB  A ASN A 1 45  ? -13.707 -13.216 -2.522  0.50 34.25 ? 45  ASN A CB  1 
ATOM   342  C  CB  B ASN A 1 45  ? -13.678 -13.165 -2.454  0.50 34.19 ? 45  ASN A CB  1 
ATOM   343  C  CG  A ASN A 1 45  ? -14.406 -14.575 -2.669  0.50 34.22 ? 45  ASN A CG  1 
ATOM   344  C  CG  B ASN A 1 45  ? -12.351 -13.825 -2.854  0.50 33.81 ? 45  ASN A CG  1 
ATOM   345  O  OD1 A ASN A 1 45  ? -15.711 -14.556 -2.936  0.50 33.13 ? 45  ASN A OD1 1 
ATOM   346  O  OD1 B ASN A 1 45  ? -12.325 -14.986 -3.224  0.50 34.00 ? 45  ASN A OD1 1 
ATOM   347  N  ND2 A ASN A 1 45  ? -13.773 -15.619 -2.545  0.50 33.64 ? 45  ASN A ND2 1 
ATOM   348  N  ND2 B ASN A 1 45  ? -11.251 -13.080 -2.754  0.50 32.35 ? 45  ASN A ND2 1 
ATOM   349  N  N   . GLY A 1 46  ? -16.468 -11.487 -4.010  1.00 35.65 ? 46  GLY A N   1 
ATOM   350  C  CA  . GLY A 1 46  ? -17.723 -10.815 -3.722  1.00 36.57 ? 46  GLY A CA  1 
ATOM   351  C  C   . GLY A 1 46  ? -17.424 -9.361  -3.408  1.00 36.67 ? 46  GLY A C   1 
ATOM   352  O  O   . GLY A 1 46  ? -16.772 -8.672  -4.199  1.00 37.24 ? 46  GLY A O   1 
ATOM   353  N  N   . ASP A 1 47  ? -17.847 -8.905  -2.231  1.00 36.31 ? 47  ASP A N   1 
ATOM   354  C  CA  . ASP A 1 47  ? -17.607 -7.512  -1.815  1.00 35.48 ? 47  ASP A CA  1 
ATOM   355  C  C   . ASP A 1 47  ? -16.298 -7.359  -1.027  1.00 34.61 ? 47  ASP A C   1 
ATOM   356  O  O   . ASP A 1 47  ? -15.961 -6.245  -0.556  1.00 35.25 ? 47  ASP A O   1 
ATOM   357  C  CB  . ASP A 1 47  ? -18.788 -6.968  -0.995  0.50 35.48 ? 47  ASP A CB  1 
ATOM   358  C  CG  . ASP A 1 47  ? -18.990 -7.711  0.322   0.50 35.89 ? 47  ASP A CG  1 
ATOM   359  O  OD1 . ASP A 1 47  ? -18.303 -8.718  0.574   0.50 37.55 ? 47  ASP A OD1 1 
ATOM   360  O  OD2 . ASP A 1 47  ? -19.852 -7.287  1.110   0.50 39.28 ? 47  ASP A OD2 1 
ATOM   361  N  N   . LEU A 1 48  ? -15.563 -8.465  -0.873  1.00 31.46 ? 48  LEU A N   1 
ATOM   362  C  CA  . LEU A 1 48  ? -14.374 -8.457  -0.042  1.00 29.07 ? 48  LEU A CA  1 
ATOM   363  C  C   . LEU A 1 48  ? -13.084 -8.373  -0.853  1.00 28.55 ? 48  LEU A C   1 
ATOM   364  O  O   . LEU A 1 48  ? -12.792 -9.250  -1.699  1.00 27.45 ? 48  LEU A O   1 
ATOM   365  C  CB  . LEU A 1 48  ? -14.352 -9.670  0.910   1.00 28.56 ? 48  LEU A CB  1 
ATOM   366  C  CG  . LEU A 1 48  ? -13.369 -9.605  2.094   1.00 28.27 ? 48  LEU A CG  1 
ATOM   367  C  CD1 . LEU A 1 48  ? -13.790 -8.554  3.130   1.00 25.95 ? 48  LEU A CD1 1 
ATOM   368  C  CD2 . LEU A 1 48  ? -13.229 -10.977 2.764   1.00 26.99 ? 48  LEU A CD2 1 
ATOM   369  N  N   . VAL A 1 49  ? -12.301 -7.333  -0.576  1.00 26.41 ? 49  VAL A N   1 
ATOM   370  C  CA  . VAL A 1 49  ? -11.035 -7.160  -1.236  1.00 25.69 ? 49  VAL A CA  1 
ATOM   371  C  C   . VAL A 1 49  ? -9.889  -7.550  -0.325  1.00 25.29 ? 49  VAL A C   1 
ATOM   372  O  O   . VAL A 1 49  ? -9.936  -7.337  0.900   1.00 24.75 ? 49  VAL A O   1 
ATOM   373  C  CB  . VAL A 1 49  ? -10.816 -5.723  -1.738  1.00 25.35 ? 49  VAL A CB  1 
ATOM   374  C  CG1 . VAL A 1 49  ? -9.512  -5.643  -2.536  1.00 23.81 ? 49  VAL A CG1 1 
ATOM   375  C  CG2 . VAL A 1 49  ? -11.995 -5.258  -2.567  1.00 24.34 ? 49  VAL A CG2 1 
ATOM   376  N  N   . THR A 1 50  ? -8.865  -8.127  -0.923  1.00 24.70 ? 50  THR A N   1 
ATOM   377  C  CA  . THR A 1 50  ? -7.731  -8.594  -0.184  1.00 25.75 ? 50  THR A CA  1 
ATOM   378  C  C   . THR A 1 50  ? -6.435  -8.179  -0.878  1.00 25.23 ? 50  THR A C   1 
ATOM   379  O  O   . THR A 1 50  ? -6.324  -8.241  -2.117  1.00 24.58 ? 50  THR A O   1 
ATOM   380  C  CB  . THR A 1 50  ? -7.821  -10.143 0.010   1.00 26.03 ? 50  THR A CB  1 
ATOM   381  O  OG1 . THR A 1 50  ? -9.039  -10.449 0.723   1.00 30.78 ? 50  THR A OG1 1 
ATOM   382  C  CG2 . THR A 1 50  ? -6.680  -10.652 0.814   1.00 26.52 ? 50  THR A CG2 1 
ATOM   383  N  N   . ILE A 1 51  ? -5.479  -7.702  -0.092  1.00 25.46 ? 51  ILE A N   1 
ATOM   384  C  CA  . ILE A 1 51  ? -4.166  -7.338  -0.601  1.00 26.56 ? 51  ILE A CA  1 
ATOM   385  C  C   . ILE A 1 51  ? -3.080  -7.976  0.230   1.00 28.01 ? 51  ILE A C   1 
ATOM   386  O  O   . ILE A 1 51  ? -2.890  -7.629  1.398   1.00 28.93 ? 51  ILE A O   1 
ATOM   387  C  CB  . ILE A 1 51  ? -3.954  -5.789  -0.654  1.00 25.89 ? 51  ILE A CB  1 
ATOM   388  C  CG1 . ILE A 1 51  ? -5.117  -5.111  -1.384  1.00 25.49 ? 51  ILE A CG1 1 
ATOM   389  C  CG2 . ILE A 1 51  ? -2.601  -5.454  -1.316  1.00 24.51 ? 51  ILE A CG2 1 
ATOM   390  C  CD1 . ILE A 1 51  ? -5.012  -3.594  -1.447  1.00 29.17 ? 51  ILE A CD1 1 
ATOM   391  N  N   . ARG A 1 52  ? -2.394  -8.944  -0.363  1.00 30.06 ? 52  ARG A N   1 
ATOM   392  C  CA  . ARG A 1 52  ? -1.277  -9.590  0.256   1.00 31.90 ? 52  ARG A CA  1 
ATOM   393  C  C   . ARG A 1 52  ? 0.003   -8.950  -0.278  1.00 34.32 ? 52  ARG A C   1 
ATOM   394  O  O   . ARG A 1 52  ? 0.148   -8.714  -1.493  1.00 34.46 ? 52  ARG A O   1 
ATOM   395  C  CB  . ARG A 1 52  ? -1.290  -11.076 -0.056  1.00 31.91 ? 52  ARG A CB  1 
ATOM   396  C  CG  . ARG A 1 52  ? -2.489  -11.805 0.473   1.00 33.28 ? 52  ARG A CG  1 
ATOM   397  C  CD  . ARG A 1 52  ? -2.258  -13.332 0.590   1.00 37.67 ? 52  ARG A CD  1 
ATOM   398  N  NE  . ARG A 1 52  ? -2.228  -14.001 -0.706  1.00 42.16 ? 52  ARG A NE  1 
ATOM   399  C  CZ  . ARG A 1 52  ? -1.313  -14.903 -1.071  1.00 44.04 ? 52  ARG A CZ  1 
ATOM   400  N  NH1 . ARG A 1 52  ? -0.371  -15.288 -0.220  1.00 44.34 ? 52  ARG A NH1 1 
ATOM   401  N  NH2 . ARG A 1 52  ? -1.361  -15.444 -2.287  1.00 44.78 ? 52  ARG A NH2 1 
ATOM   402  N  N   . SER A 1 53  ? 0.906   -8.623  0.631   1.00 36.01 ? 53  SER A N   1 
ATOM   403  C  CA  . SER A 1 53  ? 2.192   -8.088  0.267   1.00 37.89 ? 53  SER A CA  1 
ATOM   404  C  C   . SER A 1 53  ? 3.247   -9.054  0.768   1.00 39.08 ? 53  SER A C   1 
ATOM   405  O  O   . SER A 1 53  ? 3.245   -9.433  1.942   1.00 38.75 ? 53  SER A O   1 
ATOM   406  C  CB  . SER A 1 53  ? 2.377   -6.710  0.877   1.00 37.96 ? 53  SER A CB  1 
ATOM   407  O  OG  . SER A 1 53  ? 3.612   -6.141  0.475   1.00 42.47 ? 53  SER A OG  1 
ATOM   408  N  N   . GLU A 1 54  ? 4.131   -9.479  -0.127  1.00 41.39 ? 54  GLU A N   1 
ATOM   409  C  CA  . GLU A 1 54  ? 5.105   -10.532 0.204   1.00 43.44 ? 54  GLU A CA  1 
ATOM   410  C  C   . GLU A 1 54  ? 6.537   -10.144 -0.147  1.00 43.92 ? 54  GLU A C   1 
ATOM   411  O  O   . GLU A 1 54  ? 6.927   -10.165 -1.312  1.00 44.16 ? 54  GLU A O   1 
ATOM   412  C  CB  . GLU A 1 54  ? 4.731   -11.861 -0.496  1.00 43.60 ? 54  GLU A CB  1 
ATOM   413  C  CG  . GLU A 1 54  ? 3.243   -12.088 -0.666  1.00 45.73 ? 54  GLU A CG  1 
ATOM   414  C  CD  . GLU A 1 54  ? 2.662   -13.054 0.352   1.00 50.51 ? 54  GLU A CD  1 
ATOM   415  O  OE1 . GLU A 1 54  ? 2.694   -14.280 0.080   1.00 50.13 ? 54  GLU A OE1 1 
ATOM   416  O  OE2 . GLU A 1 54  ? 2.120   -12.584 1.393   1.00 50.99 ? 54  GLU A OE2 1 
ATOM   417  N  N   . SER A 1 55  ? 7.302   -9.873  0.882   1.00 45.29 ? 55  SER A N   1 
ATOM   418  C  CA  . SER A 1 55  ? 8.691   -9.559  0.791   1.00 46.22 ? 55  SER A CA  1 
ATOM   419  C  C   . SER A 1 55  ? 9.414   -10.504 1.691   1.00 47.57 ? 55  SER A C   1 
ATOM   420  O  O   . SER A 1 55  ? 8.823   -11.153 2.523   1.00 47.55 ? 55  SER A O   1 
ATOM   421  C  CB  . SER A 1 55  ? 8.945   -8.150  1.272   1.00 46.37 ? 55  SER A CB  1 
ATOM   422  O  OG  . SER A 1 55  ? 7.959   -7.683  2.153   1.00 46.10 ? 55  SER A OG  1 
ATOM   423  N  N   . THR A 1 56  ? 10.714  -10.569 1.501   1.00 48.57 ? 56  THR A N   1 
ATOM   424  C  CA  . THR A 1 56  ? 11.663  -10.912 2.529   1.00 49.27 ? 56  THR A CA  1 
ATOM   425  C  C   . THR A 1 56  ? 11.512  -10.114 3.806   1.00 49.16 ? 56  THR A C   1 
ATOM   426  O  O   . THR A 1 56  ? 11.824  -10.583 4.860   1.00 50.35 ? 56  THR A O   1 
ATOM   427  C  CB  . THR A 1 56  ? 13.079  -10.763 2.004   1.00 49.85 ? 56  THR A CB  1 
ATOM   428  O  OG1 . THR A 1 56  ? 13.305  -9.413  1.594   1.00 50.75 ? 56  THR A OG1 1 
ATOM   429  C  CG2 . THR A 1 56  ? 13.309  -11.672 0.837   1.00 50.15 ? 56  THR A CG2 1 
ATOM   430  N  N   . PHE A 1 57  ? 11.029  -8.902  3.708   1.00 48.65 ? 57  PHE A N   1 
ATOM   431  C  CA  . PHE A 1 57  ? 10.803  -8.095  4.870   1.00 47.69 ? 57  PHE A CA  1 
ATOM   432  C  C   . PHE A 1 57  ? 9.680   -8.663  5.749   1.00 47.51 ? 57  PHE A C   1 
ATOM   433  O  O   . PHE A 1 57  ? 9.968   -9.178  6.808   1.00 47.90 ? 57  PHE A O   1 
ATOM   434  C  CB  . PHE A 1 57  ? 10.585  -6.652  4.428   1.00 47.63 ? 57  PHE A CB  1 
ATOM   435  C  CG  . PHE A 1 57  ? 10.137  -5.744  5.492   1.00 47.07 ? 57  PHE A CG  1 
ATOM   436  C  CD1 . PHE A 1 57  ? 9.011   -5.014  5.336   1.00 47.50 ? 57  PHE A CD1 1 
ATOM   437  C  CD2 . PHE A 1 57  ? 10.846  -5.605  6.635   1.00 46.96 ? 57  PHE A CD2 1 
ATOM   438  C  CE1 . PHE A 1 57  ? 8.590   -4.181  6.308   1.00 49.20 ? 57  PHE A CE1 1 
ATOM   439  C  CE2 . PHE A 1 57  ? 10.410  -4.782  7.612   1.00 48.03 ? 57  PHE A CE2 1 
ATOM   440  C  CZ  . PHE A 1 57  ? 9.285   -4.069  7.441   1.00 47.67 ? 57  PHE A CZ  1 
ATOM   441  N  N   . LYS A 1 58  ? 8.426   -8.588  5.302   1.00 46.08 ? 58  LYS A N   1 
ATOM   442  C  CA  . LYS A 1 58  ? 7.297   -9.235  5.982   1.00 44.80 ? 58  LYS A CA  1 
ATOM   443  C  C   . LYS A 1 58  ? 6.253   -9.687  4.983   1.00 42.83 ? 58  LYS A C   1 
ATOM   444  O  O   . LYS A 1 58  ? 6.199   -9.211  3.848   1.00 42.02 ? 58  LYS A O   1 
ATOM   445  C  CB  . LYS A 1 58  ? 6.615   -8.276  6.976   1.00 45.63 ? 58  LYS A CB  1 
ATOM   446  C  CG  . LYS A 1 58  ? 7.122   -8.357  8.394   1.00 47.97 ? 58  LYS A CG  1 
ATOM   447  C  CD  . LYS A 1 58  ? 6.269   -7.478  9.285   1.00 53.08 ? 58  LYS A CD  1 
ATOM   448  C  CE  . LYS A 1 58  ? 6.818   -7.395  10.698  1.00 53.69 ? 58  LYS A CE  1 
ATOM   449  N  NZ  . LYS A 1 58  ? 5.933   -6.541  11.538  1.00 56.06 ? 58  LYS A NZ  1 
ATOM   450  N  N   . ASN A 1 59  ? 5.379   -10.550 5.444   1.00 40.97 ? 59  ASN A N   1 
ATOM   451  C  CA  . ASN A 1 59  ? 4.223   -10.900 4.706   1.00 39.56 ? 59  ASN A CA  1 
ATOM   452  C  C   . ASN A 1 59  ? 3.025   -10.362 5.438   1.00 38.07 ? 59  ASN A C   1 
ATOM   453  O  O   . ASN A 1 59  ? 2.819   -10.668 6.605   1.00 38.86 ? 59  ASN A O   1 
ATOM   454  C  CB  . ASN A 1 59  ? 4.153   -12.399 4.535   1.00 39.31 ? 59  ASN A CB  1 
ATOM   455  C  CG  . ASN A 1 59  ? 5.336   -12.944 3.751   1.00 41.08 ? 59  ASN A CG  1 
ATOM   456  O  OD1 . ASN A 1 59  ? 5.688   -12.419 2.696   1.00 39.95 ? 59  ASN A OD1 1 
ATOM   457  N  ND2 . ASN A 1 59  ? 5.947   -14.021 4.259   1.00 43.25 ? 59  ASN A ND2 1 
ATOM   458  N  N   . THR A 1 60  ? 2.311   -9.459  4.791   1.00 36.25 ? 60  THR A N   1 
ATOM   459  C  CA  . THR A 1 60  ? 1.096   -8.885  5.358   1.00 34.75 ? 60  THR A CA  1 
ATOM   460  C  C   . THR A 1 60  ? -0.091  -9.161  4.487   1.00 31.83 ? 60  THR A C   1 
ATOM   461  O  O   . THR A 1 60  ? 0.030   -9.554  3.335   1.00 31.32 ? 60  THR A O   1 
ATOM   462  C  CB  . THR A 1 60  ? 1.191   -7.318  5.561   1.00 35.43 ? 60  THR A CB  1 
ATOM   463  O  OG1 . THR A 1 60  ? 1.490   -6.682  4.306   1.00 38.56 ? 60  THR A OG1 1 
ATOM   464  C  CG2 . THR A 1 60  ? 2.259   -6.959  6.586   1.00 36.84 ? 60  THR A CG2 1 
ATOM   465  N  N   . GLU A 1 61  ? -1.247  -8.933  5.043   1.00 30.31 ? 61  GLU A N   1 
ATOM   466  C  CA  . GLU A 1 61  ? -2.454  -9.025  4.306   1.00 29.39 ? 61  GLU A CA  1 
ATOM   467  C  C   . GLU A 1 61  ? -3.492  -8.170  4.960   1.00 28.38 ? 61  GLU A C   1 
ATOM   468  O  O   . GLU A 1 61  ? -3.638  -8.181  6.177   1.00 28.49 ? 61  GLU A O   1 
ATOM   469  C  CB  . GLU A 1 61  ? -2.933  -10.465 4.251   1.00 29.31 ? 61  GLU A CB  1 
ATOM   470  C  CG  . GLU A 1 61  ? -4.335  -10.617 3.680   1.00 30.96 ? 61  GLU A CG  1 
ATOM   471  C  CD  . GLU A 1 61  ? -4.753  -12.049 3.563   1.00 35.05 ? 61  GLU A CD  1 
ATOM   472  O  OE1 . GLU A 1 61  ? -3.963  -12.944 3.941   1.00 35.20 ? 61  GLU A OE1 1 
ATOM   473  O  OE2 . GLU A 1 61  ? -5.871  -12.294 3.085   1.00 39.69 ? 61  GLU A OE2 1 
ATOM   474  N  N   . ILE A 1 62  ? -4.219  -7.413  4.157   1.00 27.37 ? 62  ILE A N   1 
ATOM   475  C  CA  . ILE A 1 62  ? -5.416  -6.774  4.641   1.00 26.30 ? 62  ILE A CA  1 
ATOM   476  C  C   . ILE A 1 62  ? -6.621  -7.286  3.873   1.00 25.82 ? 62  ILE A C   1 
ATOM   477  O  O   . ILE A 1 62  ? -6.532  -7.587  2.694   1.00 25.11 ? 62  ILE A O   1 
ATOM   478  C  CB  . ILE A 1 62  ? -5.323  -5.224  4.597   1.00 26.33 ? 62  ILE A CB  1 
ATOM   479  C  CG1 . ILE A 1 62  ? -4.957  -4.730  3.212   1.00 25.92 ? 62  ILE A CG1 1 
ATOM   480  C  CG2 . ILE A 1 62  ? -4.304  -4.721  5.628   1.00 26.90 ? 62  ILE A CG2 1 
ATOM   481  C  CD1 . ILE A 1 62  ? -5.049  -3.160  3.079   1.00 27.23 ? 62  ILE A CD1 1 
ATOM   482  N  N   . SER A 1 63  ? -7.730  -7.441  4.567   1.00 24.74 ? 63  SER A N   1 
ATOM   483  C  CA  . SER A 1 63  ? -8.964  -7.769  3.937   1.00 24.55 ? 63  SER A CA  1 
ATOM   484  C  C   . SER A 1 63  ? -9.945  -6.739  4.340   1.00 23.13 ? 63  SER A C   1 
ATOM   485  O  O   . SER A 1 63  ? -10.033 -6.371  5.500   1.00 24.09 ? 63  SER A O   1 
ATOM   486  C  CB  . SER A 1 63  ? -9.445  -9.167  4.334   1.00 25.17 ? 63  SER A CB  1 
ATOM   487  O  OG  . SER A 1 63  ? -8.566  -10.162 3.830   1.00 29.81 ? 63  SER A OG  1 
ATOM   488  N  N   . PHE A 1 64  ? -10.690 -6.243  3.390   1.00 22.05 ? 64  PHE A N   1 
ATOM   489  C  CA  . PHE A 1 64  ? -11.535 -5.106  3.670   1.00 20.74 ? 64  PHE A CA  1 
ATOM   490  C  C   . PHE A 1 64  ? -12.706 -5.052  2.709   1.00 20.01 ? 64  PHE A C   1 
ATOM   491  O  O   . PHE A 1 64  ? -12.691 -5.681  1.666   1.00 19.55 ? 64  PHE A O   1 
ATOM   492  C  CB  . PHE A 1 64  ? -10.697 -3.805  3.591   1.00 19.51 ? 64  PHE A CB  1 
ATOM   493  C  CG  . PHE A 1 64  ? -10.070 -3.575  2.248   1.00 17.66 ? 64  PHE A CG  1 
ATOM   494  C  CD1 . PHE A 1 64  ? -8.840  -4.098  1.951   1.00 18.07 ? 64  PHE A CD1 1 
ATOM   495  C  CD2 . PHE A 1 64  ? -10.741 -2.860  1.270   1.00 18.89 ? 64  PHE A CD2 1 
ATOM   496  C  CE1 . PHE A 1 64  ? -8.289  -3.944  0.687   1.00 20.82 ? 64  PHE A CE1 1 
ATOM   497  C  CE2 . PHE A 1 64  ? -10.188 -2.682  0.006   1.00 18.52 ? 64  PHE A CE2 1 
ATOM   498  C  CZ  . PHE A 1 64  ? -8.963  -3.206  -0.279  1.00 19.99 ? 64  PHE A CZ  1 
ATOM   499  N  N   . LYS A 1 65  ? -13.730 -4.314  3.094   1.00 20.21 ? 65  LYS A N   1 
ATOM   500  C  CA  . LYS A 1 65  ? -14.804 -3.959  2.192   1.00 21.19 ? 65  LYS A CA  1 
ATOM   501  C  C   . LYS A 1 65  ? -14.607 -2.486  1.781   1.00 21.34 ? 65  LYS A C   1 
ATOM   502  O  O   . LYS A 1 65  ? -14.210 -1.655  2.605   1.00 20.74 ? 65  LYS A O   1 
ATOM   503  C  CB  . LYS A 1 65  ? -16.153 -4.149  2.887   1.00 21.05 ? 65  LYS A CB  1 
ATOM   504  C  CG  . LYS A 1 65  ? -16.596 -5.599  2.992   1.00 26.07 ? 65  LYS A CG  1 
ATOM   505  C  CD  . LYS A 1 65  ? -17.560 -5.822  4.136   1.00 33.30 ? 65  LYS A CD  1 
ATOM   506  C  CE  . LYS A 1 65  ? -18.826 -5.055  3.958   1.00 38.10 ? 65  LYS A CE  1 
ATOM   507  N  NZ  . LYS A 1 65  ? -19.516 -5.468  2.708   1.00 44.87 ? 65  LYS A NZ  1 
ATOM   508  N  N   . LEU A 1 66  ? -14.852 -2.164  0.510   1.00 21.25 ? 66  LEU A N   1 
ATOM   509  C  CA  . LEU A 1 66  ? -14.724 -0.782  0.072   1.00 20.51 ? 66  LEU A CA  1 
ATOM   510  C  C   . LEU A 1 66  ? -15.580 0.133   0.933   1.00 19.78 ? 66  LEU A C   1 
ATOM   511  O  O   . LEU A 1 66  ? -16.697 -0.213  1.277   1.00 19.19 ? 66  LEU A O   1 
ATOM   512  C  CB  . LEU A 1 66  ? -15.130 -0.623  -1.369  1.00 20.39 ? 66  LEU A CB  1 
ATOM   513  C  CG  . LEU A 1 66  ? -14.264 -1.228  -2.446  1.00 23.47 ? 66  LEU A CG  1 
ATOM   514  C  CD1 . LEU A 1 66  ? -14.925 -0.886  -3.798  1.00 22.26 ? 66  LEU A CD1 1 
ATOM   515  C  CD2 . LEU A 1 66  ? -12.864 -0.638  -2.369  1.00 23.39 ? 66  LEU A CD2 1 
ATOM   516  N  N   . GLY A 1 67  ? -15.039 1.305   1.258   1.00 18.93 ? 67  GLY A N   1 
ATOM   517  C  CA  . GLY A 1 67  ? -15.743 2.318   2.056   1.00 18.77 ? 67  GLY A CA  1 
ATOM   518  C  C   . GLY A 1 67  ? -16.150 1.945   3.462   1.00 18.24 ? 67  GLY A C   1 
ATOM   519  O  O   . GLY A 1 67  ? -16.973 2.628   4.073   1.00 17.81 ? 67  GLY A O   1 
ATOM   520  N  N   . VAL A 1 68  ? -15.626 0.844   3.976   1.00 19.06 ? 68  VAL A N   1 
ATOM   521  C  CA  . VAL A 1 68  ? -15.872 0.477   5.407   1.00 19.02 ? 68  VAL A CA  1 
ATOM   522  C  C   . VAL A 1 68  ? -14.539 0.487   6.140   1.00 20.02 ? 68  VAL A C   1 
ATOM   523  O  O   . VAL A 1 68  ? -13.603 -0.210  5.761   1.00 19.81 ? 68  VAL A O   1 
ATOM   524  C  CB  . VAL A 1 68  ? -16.564 -0.891  5.565   1.00 19.02 ? 68  VAL A CB  1 
ATOM   525  C  CG1 . VAL A 1 68  ? -16.822 -1.209  7.046   1.00 18.40 ? 68  VAL A CG1 1 
ATOM   526  C  CG2 . VAL A 1 68  ? -17.898 -0.954  4.752   1.00 19.10 ? 68  VAL A CG2 1 
ATOM   527  N  N   . GLU A 1 69  ? -14.437 1.348   7.129   1.00 21.74 ? 69  GLU A N   1 
ATOM   528  C  CA  . GLU A 1 69  ? -13.241 1.483   7.918   1.00 23.46 ? 69  GLU A CA  1 
ATOM   529  C  C   . GLU A 1 69  ? -12.919 0.195   8.671   1.00 23.81 ? 69  GLU A C   1 
ATOM   530  O  O   . GLU A 1 69  ? -13.819 -0.446  9.210   1.00 24.29 ? 69  GLU A O   1 
ATOM   531  C  CB  . GLU A 1 69  ? -13.445 2.583   8.923   1.00 24.39 ? 69  GLU A CB  1 
ATOM   532  C  CG  . GLU A 1 69  ? -12.264 2.819   9.814   1.00 28.76 ? 69  GLU A CG  1 
ATOM   533  C  CD  . GLU A 1 69  ? -12.350 4.139   10.516  1.00 34.93 ? 69  GLU A CD  1 
ATOM   534  O  OE1 . GLU A 1 69  ? -13.198 4.276   11.418  1.00 38.60 ? 69  GLU A OE1 1 
ATOM   535  O  OE2 . GLU A 1 69  ? -11.577 5.050   10.157  1.00 41.42 ? 69  GLU A OE2 1 
ATOM   536  N  N   . PHE A 1 70  ? -11.642 -0.173  8.697   1.00 22.42 ? 70  PHE A N   1 
ATOM   537  C  CA  . PHE A 1 70  ? -11.189 -1.345  9.416   1.00 23.08 ? 70  PHE A CA  1 
ATOM   538  C  C   . PHE A 1 70  ? -9.903  -1.009  10.191  1.00 23.49 ? 70  PHE A C   1 
ATOM   539  O  O   . PHE A 1 70  ? -9.222  -0.044  9.865   1.00 22.51 ? 70  PHE A O   1 
ATOM   540  C  CB  . PHE A 1 70  ? -10.946 -2.530  8.449   1.00 22.42 ? 70  PHE A CB  1 
ATOM   541  C  CG  . PHE A 1 70  ? -9.967  -2.221  7.324   1.00 21.74 ? 70  PHE A CG  1 
ATOM   542  C  CD1 . PHE A 1 70  ? -10.338 -1.411  6.258   1.00 19.53 ? 70  PHE A CD1 1 
ATOM   543  C  CD2 . PHE A 1 70  ? -8.687  -2.765  7.332   1.00 21.53 ? 70  PHE A CD2 1 
ATOM   544  C  CE1 . PHE A 1 70  ? -9.445  -1.125  5.226   1.00 19.48 ? 70  PHE A CE1 1 
ATOM   545  C  CE2 . PHE A 1 70  ? -7.794  -2.492  6.325   1.00 17.72 ? 70  PHE A CE2 1 
ATOM   546  C  CZ  . PHE A 1 70  ? -8.163  -1.659  5.261   1.00 16.97 ? 70  PHE A CZ  1 
ATOM   547  N  N   . ASP A 1 71  ? -9.616  -1.785  11.243  1.00 23.99 ? 71  ASP A N   1 
ATOM   548  C  CA  . ASP A 1 71  ? -8.356  -1.664  11.975  1.00 25.56 ? 71  ASP A CA  1 
ATOM   549  C  C   . ASP A 1 71  ? -7.279  -2.497  11.309  1.00 25.15 ? 71  ASP A C   1 
ATOM   550  O  O   . ASP A 1 71  ? -7.539  -3.600  10.801  1.00 23.93 ? 71  ASP A O   1 
ATOM   551  C  CB  . ASP A 1 71  ? -8.522  -2.091  13.446  1.00 26.17 ? 71  ASP A CB  1 
ATOM   552  C  CG  . ASP A 1 71  ? -9.210  -1.035  14.278  1.00 32.13 ? 71  ASP A CG  1 
ATOM   553  O  OD1 . ASP A 1 71  ? -9.423  0.086   13.747  1.00 33.99 ? 71  ASP A OD1 1 
ATOM   554  O  OD2 . ASP A 1 71  ? -9.505  -1.303  15.478  1.00 38.87 ? 71  ASP A OD2 1 
ATOM   555  N  N   . GLU A 1 72  ? -6.061  -1.985  11.341  1.00 25.51 ? 72  GLU A N   1 
ATOM   556  C  CA  . GLU A 1 72  ? -4.964  -2.599  10.636  1.00 25.99 ? 72  GLU A CA  1 
ATOM   557  C  C   . GLU A 1 72  ? -3.685  -2.459  11.441  1.00 26.35 ? 72  GLU A C   1 
ATOM   558  O  O   . GLU A 1 72  ? -3.470  -1.462  12.080  1.00 26.52 ? 72  GLU A O   1 
ATOM   559  C  CB  . GLU A 1 72  ? -4.791  -1.921  9.245   1.00 24.86 ? 72  GLU A CB  1 
ATOM   560  C  CG  . GLU A 1 72  ? -3.517  -2.359  8.491   1.00 25.26 ? 72  GLU A CG  1 
ATOM   561  C  CD  . GLU A 1 72  ? -3.255  -1.591  7.178   1.00 29.38 ? 72  GLU A CD  1 
ATOM   562  O  OE1 . GLU A 1 72  ? -3.979  -0.597  6.856   1.00 27.18 ? 72  GLU A OE1 1 
ATOM   563  O  OE2 . GLU A 1 72  ? -2.311  -1.992  6.465   1.00 32.41 ? 72  GLU A OE2 1 
ATOM   564  N  N   . ILE A 1 73  ? -2.826  -3.468  11.368  1.00 27.48 ? 73  ILE A N   1 
ATOM   565  C  CA  . ILE A 1 73  ? -1.453  -3.330  11.858  1.00 28.57 ? 73  ILE A CA  1 
ATOM   566  C  C   . ILE A 1 73  ? -0.548  -3.290  10.636  1.00 28.19 ? 73  ILE A C   1 
ATOM   567  O  O   . ILE A 1 73  ? -0.445  -4.269  9.928   1.00 29.02 ? 73  ILE A O   1 
ATOM   568  C  CB  . ILE A 1 73  ? -1.011  -4.516  12.734  1.00 28.51 ? 73  ILE A CB  1 
ATOM   569  C  CG1 . ILE A 1 73  ? -2.017  -4.792  13.856  1.00 29.05 ? 73  ILE A CG1 1 
ATOM   570  C  CG2 . ILE A 1 73  ? 0.400   -4.266  13.272  1.00 29.77 ? 73  ILE A CG2 1 
ATOM   571  C  CD1 . ILE A 1 73  ? -2.074  -3.717  14.905  1.00 32.71 ? 73  ILE A CD1 1 
ATOM   572  N  N   . THR A 1 74  ? 0.081   -2.158  10.379  1.00 28.43 ? 74  THR A N   1 
ATOM   573  C  CA  . THR A 1 74  ? 0.897   -2.024  9.170   1.00 29.97 ? 74  THR A CA  1 
ATOM   574  C  C   . THR A 1 74  ? 2.151   -2.873  9.266   1.00 31.25 ? 74  THR A C   1 
ATOM   575  O  O   . THR A 1 74  ? 2.471   -3.395  10.331  1.00 30.90 ? 74  THR A O   1 
ATOM   576  C  CB  . THR A 1 74  ? 1.271   -0.553  8.885   1.00 29.31 ? 74  THR A CB  1 
ATOM   577  O  OG1 . THR A 1 74  ? 1.984   -0.017  10.009  1.00 31.88 ? 74  THR A OG1 1 
ATOM   578  C  CG2 . THR A 1 74  ? 0.019   0.271   8.634   1.00 26.14 ? 74  THR A CG2 1 
ATOM   579  N  N   . ALA A 1 75  ? 2.855   -3.022  8.150   1.00 33.11 ? 75  ALA A N   1 
ATOM   580  C  CA  . ALA A 1 75  ? 4.095   -3.810  8.124   1.00 35.24 ? 75  ALA A CA  1 
ATOM   581  C  C   . ALA A 1 75  ? 5.182   -3.275  9.074   1.00 35.88 ? 75  ALA A C   1 
ATOM   582  O  O   . ALA A 1 75  ? 5.973   -4.041  9.614   1.00 37.17 ? 75  ALA A O   1 
ATOM   583  C  CB  . ALA A 1 75  ? 4.632   -3.941  6.666   1.00 34.99 ? 75  ALA A CB  1 
ATOM   584  N  N   . ASP A 1 76  ? 5.209   -1.966  9.278   1.00 37.71 ? 76  ASP A N   1 
ATOM   585  C  CA  . ASP A 1 76  ? 6.153   -1.359  10.229  1.00 39.34 ? 76  ASP A CA  1 
ATOM   586  C  C   . ASP A 1 76  ? 5.567   -1.311  11.661  1.00 39.72 ? 76  ASP A C   1 
ATOM   587  O  O   . ASP A 1 76  ? 6.129   -0.672  12.549  1.00 40.87 ? 76  ASP A O   1 
ATOM   588  C  CB  . ASP A 1 76  ? 6.582   0.040   9.766   1.00 39.23 ? 76  ASP A CB  1 
ATOM   589  C  CG  . ASP A 1 76  ? 5.419   0.973   9.601   1.00 42.00 ? 76  ASP A CG  1 
ATOM   590  O  OD1 . ASP A 1 76  ? 4.586   0.740   8.681   1.00 44.19 ? 76  ASP A OD1 1 
ATOM   591  O  OD2 . ASP A 1 76  ? 5.327   1.949   10.387  1.00 45.38 ? 76  ASP A OD2 1 
ATOM   592  N  N   . ASP A 1 77  ? 4.408   -1.962  11.846  1.00 39.82 ? 77  ASP A N   1 
ATOM   593  C  CA  . ASP A 1 77  ? 3.792   -2.185  13.178  1.00 39.09 ? 77  ASP A CA  1 
ATOM   594  C  C   . ASP A 1 77  ? 3.074   -1.007  13.810  1.00 37.60 ? 77  ASP A C   1 
ATOM   595  O  O   . ASP A 1 77  ? 2.930   -0.947  15.027  1.00 37.88 ? 77  ASP A O   1 
ATOM   596  C  CB  . ASP A 1 77  ? 4.778   -2.810  14.166  1.00 39.68 ? 77  ASP A CB  1 
ATOM   597  C  CG  . ASP A 1 77  ? 4.874   -4.320  14.014  1.00 44.63 ? 77  ASP A CG  1 
ATOM   598  O  OD1 . ASP A 1 77  ? 3.814   -4.971  13.754  1.00 48.12 ? 77  ASP A OD1 1 
ATOM   599  O  OD2 . ASP A 1 77  ? 6.007   -4.866  14.157  1.00 47.36 ? 77  ASP A OD2 1 
ATOM   600  N  N   . ARG A 1 78  ? 2.570   -0.093  12.992  1.00 35.17 ? 78  ARG A N   1 
ATOM   601  C  CA  . ARG A 1 78  ? 1.609   0.879   13.478  1.00 32.89 ? 78  ARG A CA  1 
ATOM   602  C  C   . ARG A 1 78  ? 0.190   0.244   13.485  1.00 31.68 ? 78  ARG A C   1 
ATOM   603  O  O   . ARG A 1 78  ? -0.182  -0.510  12.584  1.00 29.46 ? 78  ARG A O   1 
ATOM   604  C  CB  . ARG A 1 78  ? 1.568   2.114   12.582  1.00 33.11 ? 78  ARG A CB  1 
ATOM   605  C  CG  . ARG A 1 78  ? 2.702   3.107   12.713  1.00 32.60 ? 78  ARG A CG  1 
ATOM   606  C  CD  . ARG A 1 78  ? 2.637   4.106   11.514  1.00 29.19 ? 78  ARG A CD  1 
ATOM   607  N  NE  . ARG A 1 78  ? 2.896   3.398   10.274  1.00 30.17 ? 78  ARG A NE  1 
ATOM   608  C  CZ  . ARG A 1 78  ? 2.151   3.457   9.168   1.00 28.45 ? 78  ARG A CZ  1 
ATOM   609  N  NH1 . ARG A 1 78  ? 1.099   4.261   9.086   1.00 29.67 ? 78  ARG A NH1 1 
ATOM   610  N  NH2 . ARG A 1 78  ? 2.495   2.721   8.125   1.00 28.44 ? 78  ARG A NH2 1 
ATOM   611  N  N   . LYS A 1 79  ? -0.584  0.591   14.502  1.00 31.07 ? 79  LYS A N   1 
ATOM   612  C  CA  . LYS A 1 79  ? -1.973  0.273   14.559  1.00 30.17 ? 79  LYS A CA  1 
ATOM   613  C  C   . LYS A 1 79  ? -2.709  1.458   13.967  1.00 28.63 ? 79  LYS A C   1 
ATOM   614  O  O   . LYS A 1 79  ? -2.658  2.574   14.495  1.00 26.91 ? 79  LYS A O   1 
ATOM   615  C  CB  . LYS A 1 79  ? -2.387  0.058   16.006  1.00 31.35 ? 79  LYS A CB  1 
ATOM   616  C  CG  . LYS A 1 79  ? -3.823  -0.460  16.215  1.00 33.45 ? 79  LYS A CG  1 
ATOM   617  C  CD  . LYS A 1 79  ? -4.191  -0.264  17.668  1.00 35.75 ? 79  LYS A CD  1 
ATOM   618  C  CE  . LYS A 1 79  ? -5.434  -0.998  18.046  1.00 40.57 ? 79  LYS A CE  1 
ATOM   619  N  NZ  . LYS A 1 79  ? -5.630  -0.931  19.573  1.00 44.62 ? 79  LYS A NZ  1 
ATOM   620  N  N   . VAL A 1 80  ? -3.355  1.234   12.837  1.00 27.45 ? 80  VAL A N   1 
ATOM   621  C  CA  . VAL A 1 80  ? -4.047  2.321   12.162  1.00 26.55 ? 80  VAL A CA  1 
ATOM   622  C  C   . VAL A 1 80  ? -5.504  1.990   11.867  1.00 26.59 ? 80  VAL A C   1 
ATOM   623  O  O   . VAL A 1 80  ? -5.897  0.820   11.836  1.00 25.73 ? 80  VAL A O   1 
ATOM   624  C  CB  . VAL A 1 80  ? -3.312  2.741   10.856  1.00 25.98 ? 80  VAL A CB  1 
ATOM   625  C  CG1 . VAL A 1 80  ? -1.847  3.093   11.155  1.00 23.11 ? 80  VAL A CG1 1 
ATOM   626  C  CG2 . VAL A 1 80  ? -3.379  1.626   9.809   1.00 24.81 ? 80  VAL A CG2 1 
ATOM   627  N  N   . LYS A 1 81  ? -6.304  3.031   11.694  1.00 26.43 ? 81  LYS A N   1 
ATOM   628  C  CA  . LYS A 1 81  ? -7.611  2.886   11.093  1.00 26.53 ? 81  LYS A CA  1 
ATOM   629  C  C   . LYS A 1 81  ? -7.429  3.181   9.619   1.00 25.13 ? 81  LYS A C   1 
ATOM   630  O  O   . LYS A 1 81  ? -6.772  4.155   9.263   1.00 23.57 ? 81  LYS A O   1 
ATOM   631  C  CB  . LYS A 1 81  ? -8.614  3.864   11.705  1.00 27.58 ? 81  LYS A CB  1 
ATOM   632  C  CG  . LYS A 1 81  ? -8.621  3.877   13.269  1.00 32.80 ? 81  LYS A CG  1 
ATOM   633  C  CD  . LYS A 1 81  ? -9.920  4.489   13.832  1.00 40.54 ? 81  LYS A CD  1 
ATOM   634  C  CE  . LYS A 1 81  ? -10.043 5.997   13.549  1.00 44.55 ? 81  LYS A CE  1 
ATOM   635  N  NZ  . LYS A 1 81  ? -11.387 6.570   14.038  1.00 48.57 ? 81  LYS A NZ  1 
ATOM   636  N  N   . SER A 1 82  ? -7.950  2.296   8.763   1.00 24.04 ? 82  SER A N   1 
ATOM   637  C  CA  . SER A 1 82  ? -7.926  2.528   7.325   1.00 24.16 ? 82  SER A CA  1 
ATOM   638  C  C   . SER A 1 82  ? -9.316  2.545   6.738   1.00 24.17 ? 82  SER A C   1 
ATOM   639  O  O   . SER A 1 82  ? -10.212 1.893   7.240   1.00 22.98 ? 82  SER A O   1 
ATOM   640  C  CB  . SER A 1 82  ? -7.111  1.484   6.614   1.00 23.39 ? 82  SER A CB  1 
ATOM   641  O  OG  . SER A 1 82  ? -5.897  1.265   7.275   1.00 29.07 ? 82  SER A OG  1 
ATOM   642  N  N   . ILE A 1 83  ? -9.489  3.371   5.709   1.00 24.36 ? 83  ILE A N   1 
ATOM   643  C  CA  . ILE A 1 83  ? -10.632 3.310   4.850   1.00 25.11 ? 83  ILE A CA  1 
ATOM   644  C  C   . ILE A 1 83  ? -10.105 3.286   3.415   1.00 24.50 ? 83  ILE A C   1 
ATOM   645  O  O   . ILE A 1 83  ? -9.225  4.066   3.053   1.00 24.57 ? 83  ILE A O   1 
ATOM   646  C  CB  . ILE A 1 83  ? -11.574 4.536   5.022   1.00 25.85 ? 83  ILE A CB  1 
ATOM   647  C  CG1 . ILE A 1 83  ? -11.833 4.823   6.493   1.00 27.60 ? 83  ILE A CG1 1 
ATOM   648  C  CG2 . ILE A 1 83  ? -12.914 4.287   4.309   1.00 25.77 ? 83  ILE A CG2 1 
ATOM   649  C  CD1 . ILE A 1 83  ? -12.201 6.307   6.781   1.00 32.17 ? 83  ILE A CD1 1 
ATOM   650  N  N   . ILE A 1 84  ? -10.630 2.374   2.617   1.00 23.70 ? 84  ILE A N   1 
ATOM   651  C  CA  . ILE A 1 84  ? -10.234 2.249   1.251   1.00 22.95 ? 84  ILE A CA  1 
ATOM   652  C  C   . ILE A 1 84  ? -11.440 2.455   0.335   1.00 24.29 ? 84  ILE A C   1 
ATOM   653  O  O   . ILE A 1 84  ? -12.554 1.950   0.588   1.00 24.02 ? 84  ILE A O   1 
ATOM   654  C  CB  . ILE A 1 84  ? -9.536  0.912   0.990   1.00 23.32 ? 84  ILE A CB  1 
ATOM   655  C  CG1 . ILE A 1 84  ? -8.227  0.840   1.821   1.00 21.88 ? 84  ILE A CG1 1 
ATOM   656  C  CG2 . ILE A 1 84  ? -9.221  0.755   -0.484  1.00 22.05 ? 84  ILE A CG2 1 
ATOM   657  C  CD1 . ILE A 1 84  ? -7.460  -0.461  1.697   1.00 19.18 ? 84  ILE A CD1 1 
ATOM   658  N  N   . THR A 1 85  ? -11.228 3.232   -0.703  1.00 25.21 ? 85  THR A N   1 
ATOM   659  C  CA  . THR A 1 85  ? -12.293 3.645   -1.549  1.00 26.86 ? 85  THR A CA  1 
ATOM   660  C  C   . THR A 1 85  ? -11.849 3.578   -2.995  1.00 26.63 ? 85  THR A C   1 
ATOM   661  O  O   . THR A 1 85  ? -10.670 3.527   -3.278  1.00 25.82 ? 85  THR A O   1 
ATOM   662  C  CB  . THR A 1 85  ? -12.746 5.104   -1.202  1.00 27.17 ? 85  THR A CB  1 
ATOM   663  O  OG1 . THR A 1 85  ? -11.686 6.012   -1.494  1.00 29.82 ? 85  THR A OG1 1 
ATOM   664  C  CG2 . THR A 1 85  ? -13.112 5.225   0.272   1.00 27.71 ? 85  THR A CG2 1 
ATOM   665  N  N   . LEU A 1 86  ? -12.812 3.531   -3.903  1.00 26.97 ? 86  LEU A N   1 
ATOM   666  C  CA  . LEU A 1 86  ? -12.527 3.527   -5.329  1.00 28.62 ? 86  LEU A CA  1 
ATOM   667  C  C   . LEU A 1 86  ? -12.943 4.875   -5.910  1.00 29.17 ? 86  LEU A C   1 
ATOM   668  O  O   . LEU A 1 86  ? -14.104 5.240   -5.870  1.00 28.37 ? 86  LEU A O   1 
ATOM   669  C  CB  . LEU A 1 86  ? -13.268 2.398   -6.019  1.00 28.01 ? 86  LEU A CB  1 
ATOM   670  C  CG  . LEU A 1 86  ? -12.928 2.063   -7.482  1.00 30.80 ? 86  LEU A CG  1 
ATOM   671  C  CD1 . LEU A 1 86  ? -11.504 1.465   -7.615  1.00 29.13 ? 86  LEU A CD1 1 
ATOM   672  C  CD2 . LEU A 1 86  ? -13.954 1.060   -8.015  1.00 32.40 ? 86  LEU A CD2 1 
ATOM   673  N  N   . ASP A 1 87  ? -11.979 5.606   -6.425  1.00 31.33 ? 87  ASP A N   1 
ATOM   674  C  CA  . ASP A 1 87  ? -12.203 6.964   -6.859  1.00 35.43 ? 87  ASP A CA  1 
ATOM   675  C  C   . ASP A 1 87  ? -11.721 7.116   -8.268  1.00 36.75 ? 87  ASP A C   1 
ATOM   676  O  O   . ASP A 1 87  ? -10.520 7.212   -8.516  1.00 37.76 ? 87  ASP A O   1 
ATOM   677  C  CB  . ASP A 1 87  ? -11.471 7.933   -5.932  1.00 35.38 ? 87  ASP A CB  1 
ATOM   678  C  CG  . ASP A 1 87  ? -11.872 7.748   -4.461  1.00 41.84 ? 87  ASP A CG  1 
ATOM   679  O  OD1 . ASP A 1 87  ? -13.099 7.578   -4.181  1.00 46.86 ? 87  ASP A OD1 1 
ATOM   680  O  OD2 . ASP A 1 87  ? -10.977 7.749   -3.586  1.00 46.09 ? 87  ASP A OD2 1 
ATOM   681  N  N   . GLY A 1 88  ? -12.659 7.078   -9.209  1.00 38.73 ? 88  GLY A N   1 
ATOM   682  C  CA  . GLY A 1 88  ? -12.328 7.196   -10.628 1.00 38.74 ? 88  GLY A CA  1 
ATOM   683  C  C   . GLY A 1 88  ? -11.163 6.304   -11.007 1.00 38.68 ? 88  GLY A C   1 
ATOM   684  O  O   . GLY A 1 88  ? -10.099 6.799   -11.433 1.00 39.49 ? 88  GLY A O   1 
ATOM   685  N  N   . GLY A 1 89  ? -11.333 4.996   -10.813 1.00 37.52 ? 89  GLY A N   1 
ATOM   686  C  CA  . GLY A 1 89  ? -10.294 4.027   -11.205 1.00 36.62 ? 89  GLY A CA  1 
ATOM   687  C  C   . GLY A 1 89  ? -9.068  3.881   -10.277 1.00 35.54 ? 89  GLY A C   1 
ATOM   688  O  O   . GLY A 1 89  ? -8.268  2.963   -10.455 1.00 36.69 ? 89  GLY A O   1 
ATOM   689  N  N   . ALA A 1 90  ? -8.897  4.792   -9.322  1.00 32.44 ? 90  ALA A N   1 
ATOM   690  C  CA  . ALA A 1 90  ? -7.826  4.650   -8.348  1.00 29.74 ? 90  ALA A CA  1 
ATOM   691  C  C   . ALA A 1 90  ? -8.352  4.032   -7.043  1.00 27.87 ? 90  ALA A C   1 
ATOM   692  O  O   . ALA A 1 90  ? -9.404  4.393   -6.558  1.00 27.10 ? 90  ALA A O   1 
ATOM   693  C  CB  . ALA A 1 90  ? -7.173  5.998   -8.075  1.00 29.66 ? 90  ALA A CB  1 
ATOM   694  N  N   . LEU A 1 91  ? -7.625  3.086   -6.507  1.00 25.73 ? 91  LEU A N   1 
ATOM   695  C  CA  . LEU A 1 91  ? -7.926  2.563   -5.205  1.00 25.37 ? 91  LEU A CA  1 
ATOM   696  C  C   . LEU A 1 91  ? -7.227  3.492   -4.183  1.00 23.88 ? 91  LEU A C   1 
ATOM   697  O  O   . LEU A 1 91  ? -6.015  3.591   -4.173  1.00 23.24 ? 91  LEU A O   1 
ATOM   698  C  CB  . LEU A 1 91  ? -7.381  1.124   -5.104  1.00 25.38 ? 91  LEU A CB  1 
ATOM   699  C  CG  . LEU A 1 91  ? -7.986  0.046   -4.213  1.00 27.49 ? 91  LEU A CG  1 
ATOM   700  C  CD1 . LEU A 1 91  ? -9.536  -0.045  -4.347  1.00 28.33 ? 91  LEU A CD1 1 
ATOM   701  C  CD2 . LEU A 1 91  ? -7.353  -1.279  -4.601  1.00 26.59 ? 91  LEU A CD2 1 
ATOM   702  N  N   . VAL A 1 92  ? -8.000  4.190   -3.364  1.00 22.81 ? 92  VAL A N   1 
ATOM   703  C  CA  . VAL A 1 92  ? -7.425  5.147   -2.407  1.00 22.53 ? 92  VAL A CA  1 
ATOM   704  C  C   . VAL A 1 92  ? -7.586  4.701   -0.954  1.00 22.28 ? 92  VAL A C   1 
ATOM   705  O  O   . VAL A 1 92  ? -8.668  4.507   -0.476  1.00 21.75 ? 92  VAL A O   1 
ATOM   706  C  CB  . VAL A 1 92  ? -7.998  6.563   -2.589  1.00 22.44 ? 92  VAL A CB  1 
ATOM   707  C  CG1 . VAL A 1 92  ? -7.352  7.551   -1.581  1.00 23.39 ? 92  VAL A CG1 1 
ATOM   708  C  CG2 . VAL A 1 92  ? -7.804  7.035   -4.044  1.00 23.13 ? 92  VAL A CG2 1 
ATOM   709  N  N   . GLN A 1 93  ? -6.466  4.532   -0.279  1.00 22.21 ? 93  GLN A N   1 
ATOM   710  C  CA  . GLN A 1 93  ? -6.437  4.148   1.103   1.00 21.62 ? 93  GLN A CA  1 
ATOM   711  C  C   . GLN A 1 93  ? -5.947  5.308   2.006   1.00 22.93 ? 93  GLN A C   1 
ATOM   712  O  O   . GLN A 1 93  ? -4.877  5.910   1.776   1.00 23.93 ? 93  GLN A O   1 
ATOM   713  C  CB  . GLN A 1 93  ? -5.538  2.938   1.272   1.00 20.87 ? 93  GLN A CB  1 
ATOM   714  C  CG  . GLN A 1 93  ? -5.247  2.578   2.728   1.00 19.84 ? 93  GLN A CG  1 
ATOM   715  C  CD  . GLN A 1 93  ? -4.372  1.400   2.836   1.00 22.14 ? 93  GLN A CD  1 
ATOM   716  O  OE1 . GLN A 1 93  ? -3.616  1.095   1.923   1.00 25.35 ? 93  GLN A OE1 1 
ATOM   717  N  NE2 . GLN A 1 93  ? -4.461  0.700   3.945   1.00 26.47 ? 93  GLN A NE2 1 
ATOM   718  N  N   . VAL A 1 94  ? -6.726  5.623   3.007   1.00 24.36 ? 94  VAL A N   1 
ATOM   719  C  CA  . VAL A 1 94  ? -6.307  6.575   4.035   1.00 26.30 ? 94  VAL A CA  1 
ATOM   720  C  C   . VAL A 1 94  ? -6.070  5.809   5.329   1.00 26.91 ? 94  VAL A C   1 
ATOM   721  O  O   . VAL A 1 94  ? -6.925  5.012   5.740   1.00 27.37 ? 94  VAL A O   1 
ATOM   722  C  CB  . VAL A 1 94  ? -7.380  7.668   4.281   1.00 26.39 ? 94  VAL A CB  1 
ATOM   723  C  CG1 . VAL A 1 94  ? -6.973  8.567   5.457   1.00 27.44 ? 94  VAL A CG1 1 
ATOM   724  C  CG2 . VAL A 1 94  ? -7.569  8.517   3.022   1.00 27.14 ? 94  VAL A CG2 1 
ATOM   725  N  N   . GLN A 1 95  ? -4.886  5.992   5.917   1.00 27.45 ? 95  GLN A N   1 
ATOM   726  C  CA  . GLN A 1 95  ? -4.555  5.447   7.229   1.00 27.52 ? 95  GLN A CA  1 
ATOM   727  C  C   . GLN A 1 95  ? -4.405  6.579   8.229   1.00 28.21 ? 95  GLN A C   1 
ATOM   728  O  O   . GLN A 1 95  ? -3.725  7.553   7.971   1.00 27.70 ? 95  GLN A O   1 
ATOM   729  C  CB  . GLN A 1 95  ? -3.255  4.664   7.197   1.00 27.63 ? 95  GLN A CB  1 
ATOM   730  C  CG  . GLN A 1 95  ? -3.190  3.564   6.218   1.00 25.62 ? 95  GLN A CG  1 
ATOM   731  C  CD  . GLN A 1 95  ? -1.851  2.902   6.243   1.00 25.54 ? 95  GLN A CD  1 
ATOM   732  O  OE1 . GLN A 1 95  ? -0.852  3.528   6.570   1.00 26.02 ? 95  GLN A OE1 1 
ATOM   733  N  NE2 . GLN A 1 95  ? -1.809  1.624   5.892   1.00 28.11 ? 95  GLN A NE2 1 
ATOM   734  N  N   . LYS A 1 96  ? -5.043  6.423   9.380   1.00 28.95 ? 96  LYS A N   1 
ATOM   735  C  CA  . LYS A 1 96  ? -5.012  7.406   10.429  1.00 30.34 ? 96  LYS A CA  1 
ATOM   736  C  C   . LYS A 1 96  ? -4.492  6.746   11.693  1.00 30.44 ? 96  LYS A C   1 
ATOM   737  O  O   . LYS A 1 96  ? -4.810  5.597   11.979  1.00 30.25 ? 96  LYS A O   1 
ATOM   738  C  CB  . LYS A 1 96  ? -6.420  7.952   10.704  1.00 31.05 ? 96  LYS A CB  1 
ATOM   739  C  CG  . LYS A 1 96  ? -7.091  8.701   9.560   1.00 33.03 ? 96  LYS A CG  1 
ATOM   740  C  CD  . LYS A 1 96  ? -8.513  9.185   9.986   1.00 37.45 ? 96  LYS A CD  1 
ATOM   741  C  CE  . LYS A 1 96  ? -9.339  8.038   10.639  1.00 42.81 ? 96  LYS A CE  1 
ATOM   742  N  NZ  . LYS A 1 96  ? -10.735 8.453   11.120  1.00 45.03 ? 96  LYS A NZ  1 
ATOM   743  N  N   . TRP A 1 97  ? -3.716  7.485   12.459  1.00 30.66 ? 97  TRP A N   1 
ATOM   744  C  CA  . TRP A 1 97  ? -3.215  7.000   13.748  1.00 31.20 ? 97  TRP A CA  1 
ATOM   745  C  C   . TRP A 1 97  ? -2.599  8.167   14.459  1.00 32.18 ? 97  TRP A C   1 
ATOM   746  O  O   . TRP A 1 97  ? -2.140  9.105   13.813  1.00 32.65 ? 97  TRP A O   1 
ATOM   747  C  CB  . TRP A 1 97  ? -2.181  5.860   13.556  1.00 29.72 ? 97  TRP A CB  1 
ATOM   748  C  CG  . TRP A 1 97  ? -0.787  6.315   13.055  1.00 29.75 ? 97  TRP A CG  1 
ATOM   749  C  CD1 . TRP A 1 97  ? 0.380   6.291   13.761  1.00 30.34 ? 97  TRP A CD1 1 
ATOM   750  C  CD2 . TRP A 1 97  ? -0.450  6.829   11.746  1.00 29.05 ? 97  TRP A CD2 1 
ATOM   751  N  NE1 . TRP A 1 97  ? 1.417   6.745   12.982  1.00 31.51 ? 97  TRP A NE1 1 
ATOM   752  C  CE2 . TRP A 1 97  ? 0.934   7.094   11.746  1.00 28.10 ? 97  TRP A CE2 1 
ATOM   753  C  CE3 . TRP A 1 97  ? -1.186  7.075   10.572  1.00 27.63 ? 97  TRP A CE3 1 
ATOM   754  C  CZ2 . TRP A 1 97  ? 1.603   7.606   10.632  1.00 28.93 ? 97  TRP A CZ2 1 
ATOM   755  C  CZ3 . TRP A 1 97  ? -0.515  7.585   9.458   1.00 28.10 ? 97  TRP A CZ3 1 
ATOM   756  C  CH2 . TRP A 1 97  ? 0.863   7.850   9.501   1.00 26.89 ? 97  TRP A CH2 1 
ATOM   757  N  N   . ASP A 1 98  ? -2.638  8.148   15.792  1.00 33.92 ? 98  ASP A N   1 
ATOM   758  C  CA  . ASP A 1 98  ? -1.944  9.157   16.609  1.00 34.59 ? 98  ASP A CA  1 
ATOM   759  C  C   . ASP A 1 98  ? -1.937  10.564  15.986  1.00 33.58 ? 98  ASP A C   1 
ATOM   760  O  O   . ASP A 1 98  ? -0.875  11.187  15.832  1.00 33.60 ? 98  ASP A O   1 
ATOM   761  C  CB  . ASP A 1 98  ? -0.516  8.693   16.890  1.00 35.51 ? 98  ASP A CB  1 
ATOM   762  C  CG  . ASP A 1 98  ? -0.468  7.300   17.493  1.00 39.77 ? 98  ASP A CG  1 
ATOM   763  O  OD1 . ASP A 1 98  ? -1.516  6.836   18.004  1.00 45.11 ? 98  ASP A OD1 1 
ATOM   764  O  OD2 . ASP A 1 98  ? 0.608   6.654   17.445  1.00 43.33 ? 98  ASP A OD2 1 
ATOM   765  N  N   . GLY A 1 99  ? -3.120  11.032  15.585  1.00 32.91 ? 99  GLY A N   1 
ATOM   766  C  CA  . GLY A 1 99  ? -3.287  12.388  15.042  1.00 32.58 ? 99  GLY A CA  1 
ATOM   767  C  C   . GLY A 1 99  ? -2.673  12.637  13.660  1.00 32.19 ? 99  GLY A C   1 
ATOM   768  O  O   . GLY A 1 99  ? -2.713  13.760  13.151  1.00 32.56 ? 99  GLY A O   1 
ATOM   769  N  N   . LYS A 1 100 ? -2.113  11.590  13.051  1.00 30.23 ? 100 LYS A N   1 
ATOM   770  C  CA  . LYS A 1 100 ? -1.547  11.702  11.704  1.00 29.14 ? 100 LYS A CA  1 
ATOM   771  C  C   . LYS A 1 100 ? -2.358  10.918  10.717  1.00 29.33 ? 100 LYS A C   1 
ATOM   772  O  O   . LYS A 1 100 ? -3.269  10.188  11.088  1.00 29.76 ? 100 LYS A O   1 
ATOM   773  C  CB  . LYS A 1 100 ? -0.143  11.172  11.727  1.00 27.91 ? 100 LYS A CB  1 
ATOM   774  C  CG  . LYS A 1 100 ? 0.642   11.781  12.858  1.00 29.87 ? 100 LYS A CG  1 
ATOM   775  C  CD  . LYS A 1 100 ? 1.622   10.836  13.415  1.00 31.66 ? 100 LYS A CD  1 
ATOM   776  C  CE  . LYS A 1 100 ? 2.727   10.651  12.471  1.00 32.34 ? 100 LYS A CE  1 
ATOM   777  N  NZ  . LYS A 1 100 ? 3.886   10.139  13.279  1.00 36.99 ? 100 LYS A NZ  1 
ATOM   778  N  N   . SER A 1 101 ? -2.007  11.050  9.450   1.00 30.49 ? 101 SER A N   1 
ATOM   779  C  CA  . SER A 1 101 ? -2.631  10.282  8.414   1.00 31.39 ? 101 SER A CA  1 
ATOM   780  C  C   . SER A 1 101 ? -1.793  10.316  7.179   1.00 30.93 ? 101 SER A C   1 
ATOM   781  O  O   . SER A 1 101 ? -0.954  11.203  6.996   1.00 31.42 ? 101 SER A O   1 
ATOM   782  C  CB  . SER A 1 101 ? -4.028  10.787  8.126   1.00 31.72 ? 101 SER A CB  1 
ATOM   783  O  OG  . SER A 1 101 ? -3.977  12.084  7.577   1.00 37.30 ? 101 SER A OG  1 
ATOM   784  N  N   . THR A 1 102 ? -1.975  9.311   6.350   1.00 30.78 ? 102 THR A N   1 
ATOM   785  C  CA  . THR A 1 102 ? -1.243  9.191   5.106   1.00 30.52 ? 102 THR A CA  1 
ATOM   786  C  C   . THR A 1 102 ? -2.164  8.573   4.084   1.00 29.85 ? 102 THR A C   1 
ATOM   787  O  O   . THR A 1 102 ? -3.007  7.763   4.419   1.00 29.92 ? 102 THR A O   1 
ATOM   788  C  CB  . THR A 1 102 ? 0.092   8.335   5.267   1.00 30.71 ? 102 THR A CB  1 
ATOM   789  O  OG1 . THR A 1 102 ? 0.776   8.265   4.016   1.00 32.64 ? 102 THR A OG1 1 
ATOM   790  C  CG2 . THR A 1 102 ? -0.191  6.884   5.757   1.00 28.87 ? 102 THR A CG2 1 
ATOM   791  N  N   . THR A 1 103 ? -2.033  9.013   2.843   1.00 30.12 ? 103 THR A N   1 
ATOM   792  C  CA  . THR A 1 103 ? -2.838  8.507   1.742   1.00 30.18 ? 103 THR A CA  1 
ATOM   793  C  C   . THR A 1 103 ? -1.990  7.638   0.824   1.00 28.77 ? 103 THR A C   1 
ATOM   794  O  O   . THR A 1 103 ? -0.856  7.986   0.497   1.00 28.94 ? 103 THR A O   1 
ATOM   795  C  CB  . THR A 1 103 ? -3.486  9.672   0.958   1.00 31.00 ? 103 THR A CB  1 
ATOM   796  O  OG1 . THR A 1 103 ? -4.299  10.441  1.859   1.00 33.05 ? 103 THR A OG1 1 
ATOM   797  C  CG2 . THR A 1 103 ? -4.389  9.147   -0.211  1.00 32.16 ? 103 THR A CG2 1 
ATOM   798  N  N   . ILE A 1 104 ? -2.529  6.475   0.478   1.00 27.48 ? 104 ILE A N   1 
ATOM   799  C  CA  . ILE A 1 104 ? -1.885  5.520   -0.407  1.00 25.05 ? 104 ILE A CA  1 
ATOM   800  C  C   . ILE A 1 104 ? -2.817  5.305   -1.628  1.00 26.51 ? 104 ILE A C   1 
ATOM   801  O  O   . ILE A 1 104 ? -3.892  4.719   -1.514  1.00 25.01 ? 104 ILE A O   1 
ATOM   802  C  CB  . ILE A 1 104 ? -1.596  4.194   0.336   1.00 25.63 ? 104 ILE A CB  1 
ATOM   803  C  CG1 . ILE A 1 104 ? -0.813  4.471   1.647   1.00 24.17 ? 104 ILE A CG1 1 
ATOM   804  C  CG2 . ILE A 1 104 ? -0.850  3.190   -0.560  1.00 22.24 ? 104 ILE A CG2 1 
ATOM   805  C  CD1 . ILE A 1 104 ? -0.605  3.293   2.486   1.00 27.89 ? 104 ILE A CD1 1 
ATOM   806  N  N   . LYS A 1 105 ? -2.425  5.871   -2.772  1.00 26.27 ? 105 LYS A N   1 
ATOM   807  C  CA  . LYS A 1 105 ? -3.232  5.793   -3.978  1.00 26.79 ? 105 LYS A CA  1 
ATOM   808  C  C   . LYS A 1 105 ? -2.689  4.714   -4.910  1.00 25.73 ? 105 LYS A C   1 
ATOM   809  O  O   . LYS A 1 105 ? -1.542  4.760   -5.294  1.00 25.91 ? 105 LYS A O   1 
ATOM   810  C  CB  . LYS A 1 105 ? -3.227  7.152   -4.684  1.00 27.12 ? 105 LYS A CB  1 
ATOM   811  C  CG  . LYS A 1 105 ? -4.535  7.497   -5.349  1.00 31.68 ? 105 LYS A CG  1 
ATOM   812  C  CD  . LYS A 1 105 ? -4.458  8.830   -6.154  1.00 37.01 ? 105 LYS A CD  1 
ATOM   813  C  CE  . LYS A 1 105 ? -3.909  8.586   -7.550  1.00 40.40 ? 105 LYS A CE  1 
ATOM   814  N  NZ  . LYS A 1 105 ? -4.163  9.730   -8.498  1.00 44.77 ? 105 LYS A NZ  1 
ATOM   815  N  N   . ARG A 1 106 ? -3.492  3.707   -5.208  1.00 24.60 ? 106 ARG A N   1 
ATOM   816  C  CA  . ARG A 1 106 ? -3.085  2.689   -6.168  1.00 24.70 ? 106 ARG A CA  1 
ATOM   817  C  C   . ARG A 1 106 ? -3.841  2.910   -7.456  1.00 25.21 ? 106 ARG A C   1 
ATOM   818  O  O   . ARG A 1 106 ? -5.046  2.931   -7.464  1.00 24.88 ? 106 ARG A O   1 
ATOM   819  C  CB  . ARG A 1 106 ? -3.348  1.272   -5.644  1.00 24.06 ? 106 ARG A CB  1 
ATOM   820  C  CG  . ARG A 1 106 ? -2.470  0.843   -4.442  1.00 24.65 ? 106 ARG A CG  1 
ATOM   821  C  CD  . ARG A 1 106 ? -3.074  -0.399  -3.770  1.00 26.91 ? 106 ARG A CD  1 
ATOM   822  N  NE  . ARG A 1 106 ? -2.205  -0.980  -2.746  1.00 29.91 ? 106 ARG A NE  1 
ATOM   823  C  CZ  . ARG A 1 106 ? -2.303  -0.727  -1.438  1.00 31.39 ? 106 ARG A CZ  1 
ATOM   824  N  NH1 . ARG A 1 106 ? -3.261  0.095   -0.974  1.00 27.87 ? 106 ARG A NH1 1 
ATOM   825  N  NH2 . ARG A 1 106 ? -1.466  -1.314  -0.587  1.00 31.50 ? 106 ARG A NH2 1 
ATOM   826  N  N   . LYS A 1 107 ? -3.109  3.107   -8.539  1.00 26.86 ? 107 LYS A N   1 
ATOM   827  C  CA  . LYS A 1 107 ? -3.726  3.325   -9.831  1.00 29.52 ? 107 LYS A CA  1 
ATOM   828  C  C   . LYS A 1 107 ? -3.051  2.554   -10.952 1.00 29.92 ? 107 LYS A C   1 
ATOM   829  O  O   . LYS A 1 107 ? -1.886  2.164   -10.856 1.00 28.86 ? 107 LYS A O   1 
ATOM   830  C  CB  . LYS A 1 107 ? -3.807  4.810   -10.150 1.00 30.28 ? 107 LYS A CB  1 
ATOM   831  C  CG  . LYS A 1 107 ? -2.491  5.488   -10.336 1.00 34.43 ? 107 LYS A CG  1 
ATOM   832  C  CD  . LYS A 1 107 ? -2.639  6.991   -10.099 1.00 40.55 ? 107 LYS A CD  1 
ATOM   833  C  CE  . LYS A 1 107 ? -1.377  7.749   -10.561 1.00 44.99 ? 107 LYS A CE  1 
ATOM   834  N  NZ  . LYS A 1 107 ? -1.241  7.777   -12.082 1.00 45.85 ? 107 LYS A NZ  1 
ATOM   835  N  N   . ARG A 1 108 ? -3.829  2.271   -11.981 1.00 32.00 ? 108 ARG A N   1 
ATOM   836  C  CA  . ARG A 1 108 ? -3.349  1.555   -13.165 1.00 33.77 ? 108 ARG A CA  1 
ATOM   837  C  C   . ARG A 1 108 ? -2.861  2.568   -14.195 1.00 35.09 ? 108 ARG A C   1 
ATOM   838  O  O   . ARG A 1 108 ? -3.537  3.537   -14.465 1.00 34.56 ? 108 ARG A O   1 
ATOM   839  C  CB  . ARG A 1 108 ? -4.473  0.722   -13.753 1.00 33.12 ? 108 ARG A CB  1 
ATOM   840  C  CG  . ARG A 1 108 ? -4.967  -0.416  -12.859 1.00 33.10 ? 108 ARG A CG  1 
ATOM   841  C  CD  . ARG A 1 108 ? -3.937  -1.531  -12.753 1.00 35.50 ? 108 ARG A CD  1 
ATOM   842  N  NE  . ARG A 1 108 ? -3.037  -1.582  -13.920 1.00 37.17 ? 108 ARG A NE  1 
ATOM   843  C  CZ  . ARG A 1 108 ? -3.234  -2.326  -15.006 1.00 35.98 ? 108 ARG A CZ  1 
ATOM   844  N  NH1 . ARG A 1 108 ? -4.298  -3.096  -15.104 1.00 36.23 ? 108 ARG A NH1 1 
ATOM   845  N  NH2 . ARG A 1 108 ? -2.359  -2.306  -15.996 1.00 36.47 ? 108 ARG A NH2 1 
ATOM   846  N  N   . ASP A 1 109 ? -1.646  2.362   -14.702 1.00 37.46 ? 109 ASP A N   1 
ATOM   847  C  CA  . ASP A 1 109 ? -1.048  3.219   -15.742 1.00 39.51 ? 109 ASP A CA  1 
ATOM   848  C  C   . ASP A 1 109 ? -0.496  2.303   -16.796 1.00 39.62 ? 109 ASP A C   1 
ATOM   849  O  O   . ASP A 1 109 ? 0.511   1.614   -16.560 1.00 39.84 ? 109 ASP A O   1 
ATOM   850  C  CB  . ASP A 1 109 ? 0.102   4.039   -15.180 1.00 41.18 ? 109 ASP A CB  1 
ATOM   851  C  CG  . ASP A 1 109 ? -0.365  5.169   -14.273 1.00 46.75 ? 109 ASP A CG  1 
ATOM   852  O  OD1 . ASP A 1 109 ? -1.572  5.522   -14.295 1.00 53.36 ? 109 ASP A OD1 1 
ATOM   853  O  OD2 . ASP A 1 109 ? 0.476   5.730   -13.555 1.00 52.79 ? 109 ASP A OD2 1 
ATOM   854  N  N   . GLY A 1 110 ? -1.146  2.277   -17.960 1.00 39.25 ? 110 GLY A N   1 
ATOM   855  C  CA  . GLY A 1 110 ? -0.828  1.290   -18.972 1.00 37.48 ? 110 GLY A CA  1 
ATOM   856  C  C   . GLY A 1 110 ? -0.812  -0.074  -18.332 1.00 37.04 ? 110 GLY A C   1 
ATOM   857  O  O   . GLY A 1 110 ? -1.775  -0.472  -17.659 1.00 37.85 ? 110 GLY A O   1 
ATOM   858  N  N   . ASP A 1 111 ? 0.310   -0.768  -18.481 1.00 35.81 ? 111 ASP A N   1 
ATOM   859  C  CA  . ASP A 1 111 ? 0.499   -2.102  -17.936 1.00 34.78 ? 111 ASP A CA  1 
ATOM   860  C  C   . ASP A 1 111 ? 1.010   -2.096  -16.470 1.00 33.93 ? 111 ASP A C   1 
ATOM   861  O  O   . ASP A 1 111 ? 1.334   -3.161  -15.910 1.00 33.11 ? 111 ASP A O   1 
ATOM   862  C  CB  . ASP A 1 111 ? 1.504   -2.861  -18.806 1.00 35.73 ? 111 ASP A CB  1 
ATOM   863  C  CG  . ASP A 1 111 ? 2.826   -2.061  -19.034 1.00 40.58 ? 111 ASP A CG  1 
ATOM   864  O  OD1 . ASP A 1 111 ? 3.740   -2.595  -19.708 1.00 46.57 ? 111 ASP A OD1 1 
ATOM   865  O  OD2 . ASP A 1 111 ? 2.941   -0.905  -18.543 1.00 43.64 ? 111 ASP A OD2 1 
ATOM   866  N  N   . LYS A 1 112 ? 1.115   -0.907  -15.874 1.00 31.88 ? 112 LYS A N   1 
ATOM   867  C  CA  . LYS A 1 112 ? 1.692   -0.769  -14.529 1.00 31.49 ? 112 LYS A CA  1 
ATOM   868  C  C   . LYS A 1 112 ? 0.656   -0.508  -13.434 1.00 29.69 ? 112 LYS A C   1 
ATOM   869  O  O   . LYS A 1 112 ? -0.348  0.163   -13.658 1.00 28.97 ? 112 LYS A O   1 
ATOM   870  C  CB  . LYS A 1 112 ? 2.753   0.367   -14.497 1.00 31.75 ? 112 LYS A CB  1 
ATOM   871  C  CG  . LYS A 1 112 ? 3.999   0.135   -15.363 1.00 32.60 ? 112 LYS A CG  1 
ATOM   872  C  CD  . LYS A 1 112 ? 4.726   -1.126  -14.953 1.00 35.54 ? 112 LYS A CD  1 
ATOM   873  C  CE  . LYS A 1 112 ? 6.131   -1.203  -15.561 1.00 39.17 ? 112 LYS A CE  1 
ATOM   874  N  NZ  . LYS A 1 112 ? 6.132   -1.816  -16.923 1.00 40.58 ? 112 LYS A NZ  1 
ATOM   875  N  N   . LEU A 1 113 ? 0.929   -1.013  -12.239 1.00 27.99 ? 113 LEU A N   1 
ATOM   876  C  CA  . LEU A 1 113 ? 0.209   -0.567  -11.072 1.00 26.11 ? 113 LEU A CA  1 
ATOM   877  C  C   . LEU A 1 113 ? 1.096   0.450   -10.340 1.00 25.29 ? 113 LEU A C   1 
ATOM   878  O  O   . LEU A 1 113 ? 2.174   0.132   -9.928  1.00 25.57 ? 113 LEU A O   1 
ATOM   879  C  CB  . LEU A 1 113 ? -0.160  -1.745  -10.160 1.00 26.69 ? 113 LEU A CB  1 
ATOM   880  C  CG  . LEU A 1 113 ? -1.304  -1.468  -9.172  1.00 26.29 ? 113 LEU A CG  1 
ATOM   881  C  CD1 . LEU A 1 113 ? -1.881  -2.766  -8.602  1.00 27.65 ? 113 LEU A CD1 1 
ATOM   882  C  CD2 . LEU A 1 113 ? -0.841  -0.589  -8.080  1.00 26.65 ? 113 LEU A CD2 1 
ATOM   883  N  N   . VAL A 1 114 ? 0.631   1.680   -10.241 1.00 24.67 ? 114 VAL A N   1 
ATOM   884  C  CA  . VAL A 1 114 ? 1.386   2.732   -9.626  1.00 24.57 ? 114 VAL A CA  1 
ATOM   885  C  C   . VAL A 1 114 ? 0.856   3.039   -8.239  1.00 25.12 ? 114 VAL A C   1 
ATOM   886  O  O   . VAL A 1 114 ? -0.285  3.428   -8.085  1.00 24.44 ? 114 VAL A O   1 
ATOM   887  C  CB  . VAL A 1 114 ? 1.318   4.026   -10.468 1.00 24.46 ? 114 VAL A CB  1 
ATOM   888  C  CG1 . VAL A 1 114 ? 2.025   5.181   -9.741  1.00 24.55 ? 114 VAL A CG1 1 
ATOM   889  C  CG2 . VAL A 1 114 ? 1.927   3.796   -11.850 1.00 23.02 ? 114 VAL A CG2 1 
ATOM   890  N  N   . VAL A 1 115 ? 1.714   2.898   -7.230  1.00 25.67 ? 115 VAL A N   1 
ATOM   891  C  CA  . VAL A 1 115 ? 1.345   3.236   -5.860  1.00 25.70 ? 115 VAL A CA  1 
ATOM   892  C  C   . VAL A 1 115 ? 1.991   4.556   -5.409  1.00 26.72 ? 115 VAL A C   1 
ATOM   893  O  O   . VAL A 1 115 ? 3.203   4.663   -5.337  1.00 27.49 ? 115 VAL A O   1 
ATOM   894  C  CB  . VAL A 1 115 ? 1.702   2.103   -4.882  1.00 25.45 ? 115 VAL A CB  1 
ATOM   895  C  CG1 . VAL A 1 115 ? 1.124   2.380   -3.528  1.00 23.47 ? 115 VAL A CG1 1 
ATOM   896  C  CG2 . VAL A 1 115 ? 1.198   0.772   -5.415  1.00 24.28 ? 115 VAL A CG2 1 
ATOM   897  N  N   . GLU A 1 116 ? 1.166   5.553   -5.136  1.00 27.08 ? 116 GLU A N   1 
ATOM   898  C  CA  . GLU A 1 116 ? 1.642   6.843   -4.651  1.00 29.08 ? 116 GLU A CA  1 
ATOM   899  C  C   . GLU A 1 116 ? 1.276   7.020   -3.188  1.00 29.02 ? 116 GLU A C   1 
ATOM   900  O  O   . GLU A 1 116 ? 0.113   6.923   -2.818  1.00 28.32 ? 116 GLU A O   1 
ATOM   901  C  CB  . GLU A 1 116 ? 1.060   7.985   -5.503  1.00 29.35 ? 116 GLU A CB  1 
ATOM   902  C  CG  . GLU A 1 116 ? 1.331   7.787   -7.006  1.00 33.97 ? 116 GLU A CG  1 
ATOM   903  C  CD  . GLU A 1 116 ? 0.523   8.705   -7.907  1.00 40.99 ? 116 GLU A CD  1 
ATOM   904  O  OE1 . GLU A 1 116 ? -0.665  9.001   -7.590  1.00 45.33 ? 116 GLU A OE1 1 
ATOM   905  O  OE2 . GLU A 1 116 ? 1.053   9.086   -8.973  1.00 44.03 ? 116 GLU A OE2 1 
ATOM   906  N  N   . CYS A 1 117 ? 2.282   7.217   -2.352  1.00 30.37 ? 117 CYS A N   1 
ATOM   907  C  CA  . CYS A 1 117 ? 2.071   7.357   -0.919  1.00 31.68 ? 117 CYS A CA  1 
ATOM   908  C  C   . CYS A 1 117 ? 2.405   8.778   -0.491  1.00 31.19 ? 117 CYS A C   1 
ATOM   909  O  O   . CYS A 1 117 ? 3.518   9.213   -0.670  1.00 31.81 ? 117 CYS A O   1 
ATOM   910  C  CB  . CYS A 1 117 ? 2.961   6.383   -0.149  1.00 31.22 ? 117 CYS A CB  1 
ATOM   911  S  SG  . CYS A 1 117 ? 2.895   4.672   -0.652  1.00 36.09 ? 117 CYS A SG  1 
ATOM   912  N  N   . VAL A 1 118 ? 1.446   9.479   0.081   1.00 31.79 ? 118 VAL A N   1 
ATOM   913  C  CA  . VAL A 1 118 ? 1.677   10.839  0.522   1.00 32.22 ? 118 VAL A CA  1 
ATOM   914  C  C   . VAL A 1 118 ? 1.430   11.010  2.022   1.00 32.79 ? 118 VAL A C   1 
ATOM   915  O  O   . VAL A 1 118 ? 0.500   10.449  2.583   1.00 32.24 ? 118 VAL A O   1 
ATOM   916  C  CB  . VAL A 1 118 ? 0.798   11.861  -0.238  1.00 32.61 ? 118 VAL A CB  1 
ATOM   917  C  CG1 . VAL A 1 118 ? 1.279   13.315  0.079   1.00 31.50 ? 118 VAL A CG1 1 
ATOM   918  C  CG2 . VAL A 1 118 ? 0.842   11.606  -1.732  1.00 32.89 ? 118 VAL A CG2 1 
ATOM   919  N  N   . MET A 1 119 ? 2.283   11.801  2.654   1.00 33.88 ? 119 MET A N   1 
ATOM   920  C  CA  . MET A 1 119 ? 2.073   12.241  4.023   1.00 34.51 ? 119 MET A CA  1 
ATOM   921  C  C   . MET A 1 119 ? 2.770   13.577  4.222   1.00 35.01 ? 119 MET A C   1 
ATOM   922  O  O   . MET A 1 119 ? 3.974   13.672  4.060   1.00 33.60 ? 119 MET A O   1 
ATOM   923  C  CB  . MET A 1 119 ? 2.637   11.233  5.019   1.00 34.14 ? 119 MET A CB  1 
ATOM   924  C  CG  . MET A 1 119 ? 2.621   11.778  6.409   1.00 35.53 ? 119 MET A CG  1 
ATOM   925  S  SD  . MET A 1 119 ? 2.888   10.613  7.721   1.00 40.02 ? 119 MET A SD  1 
ATOM   926  C  CE  . MET A 1 119 ? 2.283   11.607  9.081   1.00 38.18 ? 119 MET A CE  1 
ATOM   927  N  N   . LYS A 1 120 ? 2.015   14.596  4.620   1.00 36.74 ? 120 LYS A N   1 
ATOM   928  C  CA  . LYS A 1 120 ? 2.597   15.922  4.892   1.00 37.71 ? 120 LYS A CA  1 
ATOM   929  C  C   . LYS A 1 120 ? 3.489   16.383  3.730   1.00 37.55 ? 120 LYS A C   1 
ATOM   930  O  O   . LYS A 1 120 ? 4.625   16.798  3.942   1.00 37.28 ? 120 LYS A O   1 
ATOM   931  C  CB  . LYS A 1 120 ? 3.418   15.914  6.191   1.00 37.71 ? 120 LYS A CB  1 
ATOM   932  C  CG  . LYS A 1 120 ? 2.644   15.628  7.465   1.00 40.56 ? 120 LYS A CG  1 
ATOM   933  C  CD  . LYS A 1 120 ? 1.582   16.693  7.746   1.00 46.29 ? 120 LYS A CD  1 
ATOM   934  C  CE  . LYS A 1 120 ? 1.540   17.079  9.251   1.00 49.25 ? 120 LYS A CE  1 
ATOM   935  N  NZ  . LYS A 1 120 ? 1.202   15.941  10.188  1.00 48.91 ? 120 LYS A NZ  1 
ATOM   936  N  N   . GLY A 1 121 ? 2.986   16.260  2.499   1.00 37.59 ? 121 GLY A N   1 
ATOM   937  C  CA  . GLY A 1 121 ? 3.708   16.770  1.325   1.00 37.17 ? 121 GLY A CA  1 
ATOM   938  C  C   . GLY A 1 121 ? 4.837   15.894  0.794   1.00 37.34 ? 121 GLY A C   1 
ATOM   939  O  O   . GLY A 1 121 ? 5.343   16.134  -0.304  1.00 37.33 ? 121 GLY A O   1 
ATOM   940  N  N   . VAL A 1 122 ? 5.263   14.903  1.584   1.00 36.76 ? 122 VAL A N   1 
ATOM   941  C  CA  . VAL A 1 122 ? 6.269   13.932  1.129   1.00 35.77 ? 122 VAL A CA  1 
ATOM   942  C  C   . VAL A 1 122 ? 5.574   12.764  0.410   1.00 35.63 ? 122 VAL A C   1 
ATOM   943  O  O   . VAL A 1 122 ? 4.690   12.135  0.974   1.00 35.90 ? 122 VAL A O   1 
ATOM   944  C  CB  . VAL A 1 122 ? 7.133   13.389  2.310   1.00 35.64 ? 122 VAL A CB  1 
ATOM   945  C  CG1 . VAL A 1 122 ? 8.275   12.543  1.785   1.00 33.52 ? 122 VAL A CG1 1 
ATOM   946  C  CG2 . VAL A 1 122 ? 7.675   14.550  3.180   1.00 35.79 ? 122 VAL A CG2 1 
ATOM   947  N  N   . THR A 1 123 ? 5.996   12.485  -0.827  1.00 34.83 ? 123 THR A N   1 
ATOM   948  C  CA  . THR A 1 123 ? 5.362   11.476  -1.683  1.00 34.58 ? 123 THR A CA  1 
ATOM   949  C  C   . THR A 1 123 ? 6.352   10.399  -2.012  1.00 33.13 ? 123 THR A C   1 
ATOM   950  O  O   . THR A 1 123 ? 7.534   10.675  -2.229  1.00 33.49 ? 123 THR A O   1 
ATOM   951  C  CB  . THR A 1 123 ? 4.849   12.122  -3.048  1.00 35.17 ? 123 THR A CB  1 
ATOM   952  O  OG1 . THR A 1 123 ? 3.796   13.075  -2.778  1.00 37.55 ? 123 THR A OG1 1 
ATOM   953  C  CG2 . THR A 1 123 ? 4.326   11.068  -4.008  1.00 35.78 ? 123 THR A CG2 1 
ATOM   954  N  N   . SER A 1 124 ? 5.902   9.167   -1.986  1.00 31.93 ? 124 SER A N   1 
ATOM   955  C  CA  . SER A 1 124 ? 6.705   8.071   -2.486  1.00 30.45 ? 124 SER A CA  1 
ATOM   956  C  C   . SER A 1 124 ? 5.923   7.444   -3.611  1.00 29.33 ? 124 SER A C   1 
ATOM   957  O  O   . SER A 1 124 ? 4.711   7.497   -3.616  1.00 29.24 ? 124 SER A O   1 
ATOM   958  C  CB  . SER A 1 124 ? 6.990   7.050   -1.400  1.00 29.98 ? 124 SER A CB  1 
ATOM   959  O  OG  . SER A 1 124 ? 7.655   5.911   -1.937  1.00 31.17 ? 124 SER A OG  1 
ATOM   960  N  N   . THR A 1 125 ? 6.632   6.897   -4.586  1.00 27.69 ? 125 THR A N   1 
ATOM   961  C  CA  . THR A 1 125 ? 6.010   6.293   -5.707  1.00 27.27 ? 125 THR A CA  1 
ATOM   962  C  C   . THR A 1 125 ? 6.635   4.965   -5.997  1.00 26.27 ? 125 THR A C   1 
ATOM   963  O  O   . THR A 1 125 ? 7.803   4.877   -6.269  1.00 25.91 ? 125 THR A O   1 
ATOM   964  C  CB  . THR A 1 125 ? 6.064   7.220   -6.988  1.00 27.35 ? 125 THR A CB  1 
ATOM   965  O  OG1 . THR A 1 125 ? 5.495   8.502   -6.669  1.00 29.45 ? 125 THR A OG1 1 
ATOM   966  C  CG2 . THR A 1 125 ? 5.261   6.591   -8.145  1.00 26.62 ? 125 THR A CG2 1 
ATOM   967  N  N   . ARG A 1 126 ? 5.822   3.923   -5.950  1.00 25.91 ? 126 ARG A N   1 
ATOM   968  C  CA  . ARG A 1 126 ? 6.273   2.616   -6.310  1.00 26.35 ? 126 ARG A CA  1 
ATOM   969  C  C   . ARG A 1 126 ? 5.489   2.087   -7.484  1.00 25.14 ? 126 ARG A C   1 
ATOM   970  O  O   . ARG A 1 126 ? 4.266   2.208   -7.538  1.00 24.78 ? 126 ARG A O   1 
ATOM   971  C  CB  . ARG A 1 126 ? 6.206   1.689   -5.107  1.00 27.59 ? 126 ARG A CB  1 
ATOM   972  C  CG  . ARG A 1 126 ? 7.281   2.055   -4.080  1.00 32.12 ? 126 ARG A CG  1 
ATOM   973  C  CD  . ARG A 1 126 ? 6.845   1.811   -2.690  1.00 34.43 ? 126 ARG A CD  1 
ATOM   974  N  NE  . ARG A 1 126 ? 7.048   0.435   -2.274  1.00 35.81 ? 126 ARG A NE  1 
ATOM   975  C  CZ  . ARG A 1 126 ? 8.232   -0.118  -2.061  1.00 36.04 ? 126 ARG A CZ  1 
ATOM   976  N  NH1 . ARG A 1 126 ? 9.351   0.565   -2.300  1.00 35.40 ? 126 ARG A NH1 1 
ATOM   977  N  NH2 . ARG A 1 126 ? 8.299   -1.374  -1.641  1.00 35.79 ? 126 ARG A NH2 1 
ATOM   978  N  N   . VAL A 1 127 ? 6.203   1.551   -8.455  1.00 24.08 ? 127 VAL A N   1 
ATOM   979  C  CA  . VAL A 1 127 ? 5.580   1.031   -9.659  1.00 23.75 ? 127 VAL A CA  1 
ATOM   980  C  C   . VAL A 1 127 ? 5.703   -0.479  -9.695  1.00 23.80 ? 127 VAL A C   1 
ATOM   981  O  O   . VAL A 1 127 ? 6.767   -1.021  -9.414  1.00 21.95 ? 127 VAL A O   1 
ATOM   982  C  CB  . VAL A 1 127 ? 6.169   1.685   -10.942 1.00 23.15 ? 127 VAL A CB  1 
ATOM   983  C  CG1 . VAL A 1 127 ? 5.348   1.304   -12.155 1.00 23.61 ? 127 VAL A CG1 1 
ATOM   984  C  CG2 . VAL A 1 127 ? 6.173   3.188   -10.799 1.00 24.23 ? 127 VAL A CG2 1 
ATOM   985  N  N   . TYR A 1 128 ? 4.569   -1.148  -9.966  1.00 24.18 ? 128 TYR A N   1 
ATOM   986  C  CA  . TYR A 1 128 ? 4.500   -2.599  -10.079 1.00 25.50 ? 128 TYR A CA  1 
ATOM   987  C  C   . TYR A 1 128 ? 4.072   -2.992  -11.487 1.00 27.18 ? 128 TYR A C   1 
ATOM   988  O  O   . TYR A 1 128 ? 3.371   -2.236  -12.159 1.00 26.81 ? 128 TYR A O   1 
ATOM   989  C  CB  . TYR A 1 128 ? 3.460   -3.176  -9.078  1.00 25.96 ? 128 TYR A CB  1 
ATOM   990  C  CG  . TYR A 1 128 ? 3.814   -3.007  -7.633  1.00 23.56 ? 128 TYR A CG  1 
ATOM   991  C  CD1 . TYR A 1 128 ? 3.713   -1.762  -7.011  1.00 23.54 ? 128 TYR A CD1 1 
ATOM   992  C  CD2 . TYR A 1 128 ? 4.191   -4.104  -6.862  1.00 23.31 ? 128 TYR A CD2 1 
ATOM   993  C  CE1 . TYR A 1 128 ? 4.057   -1.602  -5.655  1.00 24.67 ? 128 TYR A CE1 1 
ATOM   994  C  CE2 . TYR A 1 128 ? 4.513   -3.966  -5.505  1.00 23.20 ? 128 TYR A CE2 1 
ATOM   995  C  CZ  . TYR A 1 128 ? 4.446   -2.714  -4.915  1.00 24.86 ? 128 TYR A CZ  1 
ATOM   996  O  OH  . TYR A 1 128 ? 4.762   -2.573  -3.595  1.00 28.91 ? 128 TYR A OH  1 
ATOM   997  N  N   . GLU A 1 129 ? 4.476   -4.184  -11.913 1.00 29.06 ? 129 GLU A N   1 
ATOM   998  C  CA  . GLU A 1 129 ? 3.995   -4.780  -13.156 1.00 31.75 ? 129 GLU A CA  1 
ATOM   999  C  C   . GLU A 1 129 ? 3.557   -6.198  -12.864 1.00 32.67 ? 129 GLU A C   1 
ATOM   1000 O  O   . GLU A 1 129 ? 3.931   -6.771  -11.836 1.00 31.99 ? 129 GLU A O   1 
ATOM   1001 C  CB  . GLU A 1 129 ? 5.076   -4.759  -14.244 1.00 32.32 ? 129 GLU A CB  1 
ATOM   1002 C  CG  . GLU A 1 129 ? 6.289   -5.618  -13.934 1.00 36.91 ? 129 GLU A CG  1 
ATOM   1003 C  CD  . GLU A 1 129 ? 7.313   -5.666  -15.084 1.00 45.22 ? 129 GLU A CD  1 
ATOM   1004 O  OE1 . GLU A 1 129 ? 7.261   -4.790  -15.991 1.00 49.84 ? 129 GLU A OE1 1 
ATOM   1005 O  OE2 . GLU A 1 129 ? 8.183   -6.574  -15.068 1.00 48.15 ? 129 GLU A OE2 1 
ATOM   1006 N  N   . ARG A 1 130 ? 2.712   -6.749  -13.721 1.00 34.49 ? 130 ARG A N   1 
ATOM   1007 C  CA  . ARG A 1 130 ? 2.207   -8.085  -13.500 1.00 36.90 ? 130 ARG A CA  1 
ATOM   1008 C  C   . ARG A 1 130 ? 3.355   -9.054  -13.459 1.00 38.52 ? 130 ARG A C   1 
ATOM   1009 O  O   . ARG A 1 130 ? 4.285   -8.927  -14.239 1.00 39.27 ? 130 ARG A O   1 
ATOM   1010 C  CB  . ARG A 1 130 ? 1.205   -8.474  -14.583 1.00 37.15 ? 130 ARG A CB  1 
ATOM   1011 C  CG  . ARG A 1 130 ? -0.167  -7.837  -14.385 1.00 37.20 ? 130 ARG A CG  1 
ATOM   1012 C  CD  . ARG A 1 130 ? -1.153  -8.276  -15.438 1.00 37.78 ? 130 ARG A CD  1 
ATOM   1013 N  NE  . ARG A 1 130 ? -2.330  -7.401  -15.468 1.00 35.90 ? 130 ARG A NE  1 
ATOM   1014 C  CZ  . ARG A 1 130 ? -3.316  -7.444  -14.575 1.00 36.23 ? 130 ARG A CZ  1 
ATOM   1015 N  NH1 . ARG A 1 130 ? -3.265  -8.304  -13.551 1.00 36.24 ? 130 ARG A NH1 1 
ATOM   1016 N  NH2 . ARG A 1 130 ? -4.338  -6.615  -14.686 1.00 37.19 ? 130 ARG A NH2 1 
ATOM   1017 N  N   . ALA A 1 131 ? 3.309   -9.997  -12.522 1.00 40.34 ? 131 ALA A N   1 
ATOM   1018 C  CA  . ALA A 1 131 ? 4.366   -10.997 -12.379 1.00 42.76 ? 131 ALA A CA  1 
ATOM   1019 C  C   . ALA A 1 131 ? 4.226   -12.134 -13.395 1.00 44.47 ? 131 ALA A C   1 
ATOM   1020 O  O   . ALA A 1 131 ? 3.097   -12.599 -13.692 1.00 45.44 ? 131 ALA A O   1 
ATOM   1021 C  CB  . ALA A 1 131 ? 4.389   -11.552 -10.972 1.00 42.54 ? 131 ALA A CB  1 
ATOM   1022 O  OXT . ALA A 1 131 ? 5.244   -12.642 -13.921 1.00 45.62 ? 131 ALA A OXT 1 
HETATM 1023 CL CL  . CL  B 2 .   ? -2.319  -4.634  -18.131 0.50 30.00 ? 200 CL  A CL  1 
HETATM 1024 C  C1  . HNE C 3 .   ? 3.236   0.289   -0.792  1.00 67.97 ? 201 HNE A C1  1 
HETATM 1025 C  C2  . HNE C 3 .   ? 3.981   0.537   0.288   1.00 68.54 ? 201 HNE A C2  1 
HETATM 1026 C  C3  . HNE C 3 .   ? 3.622   1.436   1.218   1.00 67.64 ? 201 HNE A C3  1 
HETATM 1027 C  C4  . HNE C 3 .   ? 4.575   1.567   2.390   1.00 66.85 ? 201 HNE A C4  1 
HETATM 1028 C  C5  . HNE C 3 .   ? 3.871   2.070   3.662   1.00 65.46 ? 201 HNE A C5  1 
HETATM 1029 C  C6  . HNE C 3 .   ? 4.882   2.306   4.803   1.00 63.18 ? 201 HNE A C6  1 
HETATM 1030 C  C7  . HNE C 3 .   ? 5.335   1.007   5.474   1.00 61.17 ? 201 HNE A C7  1 
HETATM 1031 C  C8  . HNE C 3 .   ? 6.849   0.847   5.412   1.00 59.19 ? 201 HNE A C8  1 
HETATM 1032 C  C9  . HNE C 3 .   ? 7.242   -0.589  5.144   1.00 58.50 ? 201 HNE A C9  1 
HETATM 1033 O  O10 . HNE C 3 .   ? 5.073   0.228   2.659   1.00 67.68 ? 201 HNE A O10 1 
HETATM 1034 O  O11 . HNE C 3 .   ? 3.643   -0.543  -1.596  1.00 65.47 ? 201 HNE A O11 1 
HETATM 1035 P  P   . PO4 D 4 .   ? 15.223  7.349   -4.731  1.00 96.41 ? 301 PO4 A P   1 
HETATM 1036 O  O1  . PO4 D 4 .   ? 14.322  7.737   -5.877  1.00 95.83 ? 301 PO4 A O1  1 
HETATM 1037 O  O2  . PO4 D 4 .   ? 16.621  7.137   -5.265  1.00 96.37 ? 301 PO4 A O2  1 
HETATM 1038 O  O3  . PO4 D 4 .   ? 15.232  8.447   -3.687  1.00 95.68 ? 301 PO4 A O3  1 
HETATM 1039 O  O4  . PO4 D 4 .   ? 14.729  6.064   -4.101  1.00 96.42 ? 301 PO4 A O4  1 
HETATM 1040 P  P   . PO4 E 4 .   ? 10.017  0.590   13.745  1.00 61.33 ? 302 PO4 A P   1 
HETATM 1041 O  O1  . PO4 E 4 .   ? 9.446   0.557   12.347  1.00 62.80 ? 302 PO4 A O1  1 
HETATM 1042 O  O2  . PO4 E 4 .   ? 10.388  2.013   14.068  1.00 61.87 ? 302 PO4 A O2  1 
HETATM 1043 O  O3  . PO4 E 4 .   ? 8.959   0.103   14.718  1.00 62.93 ? 302 PO4 A O3  1 
HETATM 1044 O  O4  . PO4 E 4 .   ? 11.219  -0.327  13.851  1.00 58.93 ? 302 PO4 A O4  1 
HETATM 1045 P  P   . PO4 F 4 .   ? 18.513  7.559   5.997   1.00 68.05 ? 303 PO4 A P   1 
HETATM 1046 O  O1  . PO4 F 4 .   ? 17.237  6.812   6.301   1.00 66.91 ? 303 PO4 A O1  1 
HETATM 1047 O  O2  . PO4 F 4 .   ? 19.521  6.574   5.431   1.00 66.86 ? 303 PO4 A O2  1 
HETATM 1048 O  O3  . PO4 F 4 .   ? 18.254  8.657   4.989   1.00 68.09 ? 303 PO4 A O3  1 
HETATM 1049 O  O4  . PO4 F 4 .   ? 19.035  8.204   7.267   1.00 67.44 ? 303 PO4 A O4  1 
HETATM 1050 P  P   . PO4 G 4 .   ? -1.180  -1.235  3.382   1.00 54.13 ? 304 PO4 A P   1 
HETATM 1051 O  O1  . PO4 G 4 .   ? -1.846  -1.679  2.105   1.00 57.05 ? 304 PO4 A O1  1 
HETATM 1052 O  O2  . PO4 G 4 .   ? -0.084  -0.257  3.070   1.00 54.58 ? 304 PO4 A O2  1 
HETATM 1053 O  O3  . PO4 G 4 .   ? -2.209  -0.626  4.297   1.00 52.95 ? 304 PO4 A O3  1 
HETATM 1054 O  O4  . PO4 G 4 .   ? -0.557  -2.437  4.043   1.00 59.19 ? 304 PO4 A O4  1 
HETATM 1055 O  O   . HOH H 5 .   ? -9.988  0.303   17.791  1.00 48.93 ? 132 HOH A O   1 
HETATM 1056 O  O   . HOH H 5 .   ? -3.760  -6.067  9.868   1.00 24.92 ? 133 HOH A O   1 
HETATM 1057 O  O   . HOH H 5 .   ? 8.597   4.754   -8.996  1.00 34.84 ? 134 HOH A O   1 
HETATM 1058 O  O   . HOH H 5 .   ? 11.822  -9.125  -1.510  1.00 41.22 ? 135 HOH A O   1 
HETATM 1059 O  O   . HOH H 5 .   ? -12.195 0.240   3.639   1.00 17.13 ? 136 HOH A O   1 
HETATM 1060 O  O   . HOH H 5 .   ? -13.489 -3.034  5.669   1.00 19.12 ? 137 HOH A O   1 
HETATM 1061 O  O   . HOH H 5 .   ? -16.373 -3.941  -1.026  1.00 28.57 ? 138 HOH A O   1 
HETATM 1062 O  O   . HOH H 5 .   ? -10.229 6.481   1.013   1.00 43.03 ? 139 HOH A O   1 
HETATM 1063 O  O   . HOH H 5 .   ? -4.636  2.116   -2.231  1.00 31.31 ? 140 HOH A O   1 
HETATM 1064 O  O   . HOH H 5 .   ? -16.191 0.449   10.336  1.00 40.71 ? 141 HOH A O   1 
HETATM 1065 O  O   . HOH H 5 .   ? -17.573 -12.609 -6.578  1.00 53.71 ? 142 HOH A O   1 
HETATM 1066 O  O   . HOH H 5 .   ? -5.195  -11.374 -2.256  1.00 35.52 ? 143 HOH A O   1 
HETATM 1067 O  O   . HOH H 5 .   ? -1.437  -10.842 -12.560 1.00 38.45 ? 144 HOH A O   1 
HETATM 1068 O  O   . HOH H 5 .   ? -18.319 -2.193  0.391   1.00 28.80 ? 145 HOH A O   1 
HETATM 1069 O  O   . HOH H 5 .   ? -5.468  -12.456 -7.304  1.00 41.00 ? 146 HOH A O   1 
HETATM 1070 O  O   . HOH H 5 .   ? -0.726  13.783  5.882   1.00 36.63 ? 147 HOH A O   1 
HETATM 1071 O  O   . HOH H 5 .   ? 0.694   -6.622  10.039  1.00 42.41 ? 148 HOH A O   1 
HETATM 1072 O  O   . HOH H 5 .   ? -10.052 -12.254 -7.499  1.00 30.14 ? 149 HOH A O   1 
HETATM 1073 O  O   . HOH H 5 .   ? 10.721  -1.953  -1.086  1.00 40.65 ? 150 HOH A O   1 
HETATM 1074 O  O   . HOH H 5 .   ? -6.595  -5.309  8.933   1.00 35.38 ? 151 HOH A O   1 
HETATM 1075 O  O   . HOH H 5 .   ? 7.484   -12.519 -12.598 1.00 53.13 ? 152 HOH A O   1 
HETATM 1076 O  O   . HOH H 5 .   ? -6.338  -7.214  -13.303 1.00 52.17 ? 153 HOH A O   1 
HETATM 1077 O  O   . HOH H 5 .   ? -4.292  0.298   -17.261 1.00 41.75 ? 154 HOH A O   1 
HETATM 1078 O  O   . HOH H 5 .   ? 11.273  12.839  4.978   1.00 35.30 ? 155 HOH A O   1 
HETATM 1079 O  O   . HOH H 5 .   ? 0.528   -11.911 -13.426 1.00 47.18 ? 156 HOH A O   1 
HETATM 1080 O  O   . HOH H 5 .   ? 0.474   -12.386 3.466   1.00 39.25 ? 157 HOH A O   1 
HETATM 1081 O  O   . HOH H 5 .   ? -7.797  -13.549 -8.166  1.00 44.95 ? 158 HOH A O   1 
HETATM 1082 O  O   . HOH H 5 .   ? -1.785  -6.137  7.930   1.00 49.90 ? 159 HOH A O   1 
HETATM 1083 O  O   . HOH H 5 .   ? 2.516   -5.233  -16.006 1.00 41.56 ? 160 HOH A O   1 
HETATM 1084 O  O   . HOH H 5 .   ? 1.649   3.845   4.729   1.00 44.75 ? 161 HOH A O   1 
HETATM 1085 O  O   . HOH H 5 .   ? 17.704  -0.097  1.865   1.00 58.40 ? 162 HOH A O   1 
HETATM 1086 O  O   . HOH H 5 .   ? -4.618  6.239   17.176  1.00 38.19 ? 163 HOH A O   1 
HETATM 1087 O  O   . HOH H 5 .   ? -10.989 -11.002 -1.417  1.00 30.53 ? 164 HOH A O   1 
HETATM 1088 O  O   . HOH H 5 .   ? 7.209   10.498  -5.476  1.00 39.51 ? 165 HOH A O   1 
HETATM 1089 O  O   . HOH H 5 .   ? 0.104   -17.506 -3.062  1.00 51.63 ? 166 HOH A O   1 
HETATM 1090 O  O   . HOH H 5 .   ? -15.575 -14.096 -6.510  1.00 50.44 ? 167 HOH A O   1 
HETATM 1091 O  O   . HOH H 5 .   ? -4.563  -14.101 -2.393  1.00 50.41 ? 168 HOH A O   1 
HETATM 1092 O  O   . HOH H 5 .   ? 9.197   -12.430 5.932   1.00 42.75 ? 169 HOH A O   1 
HETATM 1093 O  O   . HOH H 5 .   ? 14.016  -12.707 7.055   1.00 48.96 ? 170 HOH A O   1 
HETATM 1094 O  O   . HOH H 5 .   ? -7.823  -15.814 -5.880  1.00 46.33 ? 171 HOH A O   1 
HETATM 1095 O  O   . HOH H 5 .   ? -5.953  3.948   15.242  1.00 57.08 ? 172 HOH A O   1 
HETATM 1096 O  O   . HOH H 5 .   ? 14.132  -8.827  -2.590  1.00 64.99 ? 173 HOH A O   1 
HETATM 1097 O  O   . HOH H 5 .   ? -6.051  9.229   -10.619 1.00 61.14 ? 174 HOH A O   1 
HETATM 1098 O  O   . HOH H 5 .   ? 14.940  2.761   2.668   1.00 44.55 ? 175 HOH A O   1 
HETATM 1099 O  O   . HOH H 5 .   ? -7.697  -7.402  7.634   1.00 40.18 ? 176 HOH A O   1 
HETATM 1100 O  O   . HOH H 5 .   ? 16.536  12.892  4.084   1.00 50.26 ? 177 HOH A O   1 
HETATM 1101 O  O   . HOH H 5 .   ? 6.542   3.719   13.068  1.00 49.68 ? 178 HOH A O   1 
HETATM 1102 O  O   . HOH H 5 .   ? -6.417  -10.117 6.021   1.00 41.59 ? 179 HOH A O   1 
HETATM 1103 O  O   . HOH H 5 .   ? -0.977  -6.041  2.755   1.00 39.14 ? 180 HOH A O   1 
HETATM 1104 O  O   . HOH H 5 .   ? 11.307  7.579   11.528  1.00 53.95 ? 181 HOH A O   1 
HETATM 1105 O  O   . HOH H 5 .   ? 7.926   14.381  -2.094  1.00 43.16 ? 182 HOH A O   1 
HETATM 1106 O  O   . HOH H 5 .   ? -4.776  12.258  4.534   1.00 49.97 ? 183 HOH A O   1 
HETATM 1107 O  O   . HOH H 5 .   ? 14.721  2.962   -0.349  1.00 45.78 ? 184 HOH A O   1 
HETATM 1108 O  O   . HOH H 5 .   ? 4.698   6.545   13.626  1.00 52.00 ? 185 HOH A O   1 
HETATM 1109 O  O   . HOH H 5 .   ? 9.332   16.643  -0.277  1.00 43.49 ? 186 HOH A O   1 
HETATM 1110 O  O   . HOH H 5 .   ? 1.191   -6.669  -18.614 0.50 29.71 ? 187 HOH A O   1 
HETATM 1111 O  O   . HOH H 5 .   ? 2.961   -2.943  0.701   1.00 64.43 ? 188 HOH A O   1 
HETATM 1112 O  O   . HOH H 5 .   ? 0.811   0.303   5.381   1.00 42.30 ? 189 HOH A O   1 
HETATM 1113 O  O   . HOH H 5 .   ? 4.414   -1.321  17.615  1.00 51.32 ? 190 HOH A O   1 
HETATM 1114 O  O   . HOH H 5 .   ? 1.668   -2.703  5.740   1.00 39.95 ? 191 HOH A O   1 
HETATM 1115 O  O   . HOH H 5 .   ? 3.684   -4.673  -2.010  1.00 45.33 ? 192 HOH A O   1 
HETATM 1116 O  O   . HOH H 5 .   ? 3.571   -16.450 -1.068  1.00 51.24 ? 193 HOH A O   1 
HETATM 1117 O  O   . HOH H 5 .   ? 5.694   1.056   18.813  1.00 48.68 ? 194 HOH A O   1 
HETATM 1118 O  O   . HOH H 5 .   ? 7.930   -0.475  18.570  1.00 41.05 ? 195 HOH A O   1 
HETATM 1119 O  O   . HOH H 5 .   ? -11.166 -3.584  -15.966 1.00 55.88 ? 196 HOH A O   1 
HETATM 1120 O  O   . HOH H 5 .   ? -13.022 -2.604  -13.820 1.00 46.39 ? 197 HOH A O   1 
HETATM 1121 O  O   . HOH H 5 .   ? -13.104 -0.259  -10.756 1.00 55.79 ? 198 HOH A O   1 
HETATM 1122 O  O   . HOH H 5 .   ? -11.199 -1.591  -11.283 1.00 55.89 ? 199 HOH A O   1 
HETATM 1123 O  O   . HOH H 5 .   ? 14.213  8.805   -0.412  1.00 26.22 ? 202 HOH A O   1 
HETATM 1124 O  O   . HOH H 5 .   ? 14.864  6.644   -1.454  1.00 36.32 ? 203 HOH A O   1 
HETATM 1125 O  O   . HOH H 5 .   ? 13.289  4.615   -2.754  1.00 37.35 ? 204 HOH A O   1 
HETATM 1126 O  O   . HOH H 5 .   ? -7.104  0.754   15.449  1.00 62.99 ? 205 HOH A O   1 
HETATM 1127 O  O   . HOH H 5 .   ? -5.810  6.177   -12.296 1.00 45.59 ? 206 HOH A O   1 
HETATM 1128 O  O   . HOH H 5 .   ? 14.009  1.215   -8.412  1.00 45.11 ? 207 HOH A O   1 
HETATM 1129 O  O   . HOH H 5 .   ? 12.126  3.392   15.882  1.00 46.45 ? 208 HOH A O   1 
HETATM 1130 O  O   . HOH H 5 .   ? 21.712  5.018   5.291   1.00 48.38 ? 209 HOH A O   1 
HETATM 1131 O  O   . HOH H 5 .   ? 6.982   -12.651 -8.911  1.00 55.08 ? 210 HOH A O   1 
HETATM 1132 O  O   . HOH H 5 .   ? -0.763  18.958  12.824  1.00 64.56 ? 211 HOH A O   1 
HETATM 1133 O  O   . HOH H 5 .   ? 7.208   -1.234  16.260  1.00 50.27 ? 212 HOH A O   1 
HETATM 1134 O  O   . HOH H 5 .   ? 6.205   -1.934  -20.317 1.00 46.16 ? 213 HOH A O   1 
HETATM 1135 O  O   . HOH H 5 .   ? 18.622  9.068   -4.223  1.00 41.37 ? 214 HOH A O   1 
HETATM 1136 O  O   . HOH H 5 .   ? 7.423   -4.316  -19.212 1.00 59.08 ? 215 HOH A O   1 
HETATM 1137 O  O   . HOH H 5 .   ? 14.573  10.825  -3.270  1.00 53.28 ? 216 HOH A O   1 
HETATM 1138 O  O   . HOH H 5 .   ? 6.400   0.895   -20.609 1.00 37.63 ? 217 HOH A O   1 
HETATM 1139 O  O   . HOH H 5 .   ? -1.074  10.344  -11.970 1.00 56.90 ? 218 HOH A O   1 
HETATM 1140 O  O   . HOH H 5 .   ? 17.162  10.064  -0.536  1.00 49.27 ? 219 HOH A O   1 
HETATM 1141 O  O   . HOH H 5 .   ? -13.959 9.143   11.205  1.00 61.16 ? 220 HOH A O   1 
HETATM 1142 O  O   . HOH H 5 .   ? -0.857  -3.824  6.336   1.00 37.31 ? 221 HOH A O   1 
HETATM 1143 O  O   . HOH H 5 .   ? 1.522   18.819  12.145  1.00 68.06 ? 222 HOH A O   1 
HETATM 1144 O  O   . HOH H 5 .   ? -6.721  -14.349 -1.402  1.00 67.02 ? 223 HOH A O   1 
HETATM 1145 O  O   . HOH H 5 .   ? 8.029   -12.134 -2.741  1.00 46.25 ? 224 HOH A O   1 
# 
loop_
_pdbx_poly_seq_scheme.asym_id 
_pdbx_poly_seq_scheme.entity_id 
_pdbx_poly_seq_scheme.seq_id 
_pdbx_poly_seq_scheme.mon_id 
_pdbx_poly_seq_scheme.ndb_seq_num 
_pdbx_poly_seq_scheme.pdb_seq_num 
_pdbx_poly_seq_scheme.auth_seq_num 
_pdbx_poly_seq_scheme.pdb_mon_id 
_pdbx_poly_seq_scheme.auth_mon_id 
_pdbx_poly_seq_scheme.pdb_strand_id 
_pdbx_poly_seq_scheme.pdb_ins_code 
_pdbx_poly_seq_scheme.hetero 
A 1 1   CYS 1   1   1   CYS CYS A . n 
A 1 2   ASP 2   2   2   ASP ASP A . n 
A 1 3   ALA 3   3   3   ALA ALA A . n 
A 1 4   PHE 4   4   4   PHE PHE A . n 
A 1 5   VAL 5   5   5   VAL VAL A . n 
A 1 6   GLY 6   6   6   GLY GLY A . n 
A 1 7   THR 7   7   7   THR THR A . n 
A 1 8   TRP 8   8   8   TRP TRP A . n 
A 1 9   LYS 9   9   9   LYS LYS A . n 
A 1 10  LEU 10  10  10  LEU LEU A . n 
A 1 11  VAL 11  11  11  VAL VAL A . n 
A 1 12  SER 12  12  12  SER SER A . n 
A 1 13  SER 13  13  13  SER SER A . n 
A 1 14  GLU 14  14  14  GLU GLU A . n 
A 1 15  ASN 15  15  15  ASN ASN A . n 
A 1 16  PHE 16  16  16  PHE PHE A . n 
A 1 17  ASP 17  17  17  ASP ASP A . n 
A 1 18  ASP 18  18  18  ASP ASP A . n 
A 1 19  TYR 19  19  19  TYR TYR A . n 
A 1 20  MET 20  20  20  MET MET A . n 
A 1 21  LYS 21  21  21  LYS LYS A . n 
A 1 22  GLU 22  22  22  GLU GLU A . n 
A 1 23  VAL 23  23  23  VAL VAL A . n 
A 1 24  GLY 24  24  24  GLY GLY A . n 
A 1 25  VAL 25  25  25  VAL VAL A . n 
A 1 26  GLY 26  26  26  GLY GLY A . n 
A 1 27  PHE 27  27  27  PHE PHE A . n 
A 1 28  ALA 28  28  28  ALA ALA A . n 
A 1 29  THR 29  29  29  THR THR A . n 
A 1 30  ARG 30  30  30  ARG ARG A . n 
A 1 31  LYS 31  31  31  LYS LYS A . n 
A 1 32  VAL 32  32  32  VAL VAL A . n 
A 1 33  ALA 33  33  33  ALA ALA A . n 
A 1 34  GLY 34  34  34  GLY GLY A . n 
A 1 35  MET 35  35  35  MET MET A . n 
A 1 36  ALA 36  36  36  ALA ALA A . n 
A 1 37  LYS 37  37  37  LYS LYS A . n 
A 1 38  PRO 38  38  38  PRO PRO A . n 
A 1 39  ASN 39  39  39  ASN ASN A . n 
A 1 40  MET 40  40  40  MET MET A . n 
A 1 41  ILE 41  41  41  ILE ILE A . n 
A 1 42  ILE 42  42  42  ILE ILE A . n 
A 1 43  SER 43  43  43  SER SER A . n 
A 1 44  VAL 44  44  44  VAL VAL A . n 
A 1 45  ASN 45  45  45  ASN ASN A . n 
A 1 46  GLY 46  46  46  GLY GLY A . n 
A 1 47  ASP 47  47  47  ASP ASP A . n 
A 1 48  LEU 48  48  48  LEU LEU A . n 
A 1 49  VAL 49  49  49  VAL VAL A . n 
A 1 50  THR 50  50  50  THR THR A . n 
A 1 51  ILE 51  51  51  ILE ILE A . n 
A 1 52  ARG 52  52  52  ARG ARG A . n 
A 1 53  SER 53  53  53  SER SER A . n 
A 1 54  GLU 54  54  54  GLU GLU A . n 
A 1 55  SER 55  55  55  SER SER A . n 
A 1 56  THR 56  56  56  THR THR A . n 
A 1 57  PHE 57  57  57  PHE PHE A . n 
A 1 58  LYS 58  58  58  LYS LYS A . n 
A 1 59  ASN 59  59  59  ASN ASN A . n 
A 1 60  THR 60  60  60  THR THR A . n 
A 1 61  GLU 61  61  61  GLU GLU A . n 
A 1 62  ILE 62  62  62  ILE ILE A . n 
A 1 63  SER 63  63  63  SER SER A . n 
A 1 64  PHE 64  64  64  PHE PHE A . n 
A 1 65  LYS 65  65  65  LYS LYS A . n 
A 1 66  LEU 66  66  66  LEU LEU A . n 
A 1 67  GLY 67  67  67  GLY GLY A . n 
A 1 68  VAL 68  68  68  VAL VAL A . n 
A 1 69  GLU 69  69  69  GLU GLU A . n 
A 1 70  PHE 70  70  70  PHE PHE A . n 
A 1 71  ASP 71  71  71  ASP ASP A . n 
A 1 72  GLU 72  72  72  GLU GLU A . n 
A 1 73  ILE 73  73  73  ILE ILE A . n 
A 1 74  THR 74  74  74  THR THR A . n 
A 1 75  ALA 75  75  75  ALA ALA A . n 
A 1 76  ASP 76  76  76  ASP ASP A . n 
A 1 77  ASP 77  77  77  ASP ASP A . n 
A 1 78  ARG 78  78  78  ARG ARG A . n 
A 1 79  LYS 79  79  79  LYS LYS A . n 
A 1 80  VAL 80  80  80  VAL VAL A . n 
A 1 81  LYS 81  81  81  LYS LYS A . n 
A 1 82  SER 82  82  82  SER SER A . n 
A 1 83  ILE 83  83  83  ILE ILE A . n 
A 1 84  ILE 84  84  84  ILE ILE A . n 
A 1 85  THR 85  85  85  THR THR A . n 
A 1 86  LEU 86  86  86  LEU LEU A . n 
A 1 87  ASP 87  87  87  ASP ASP A . n 
A 1 88  GLY 88  88  88  GLY GLY A . n 
A 1 89  GLY 89  89  89  GLY GLY A . n 
A 1 90  ALA 90  90  90  ALA ALA A . n 
A 1 91  LEU 91  91  91  LEU LEU A . n 
A 1 92  VAL 92  92  92  VAL VAL A . n 
A 1 93  GLN 93  93  93  GLN GLN A . n 
A 1 94  VAL 94  94  94  VAL VAL A . n 
A 1 95  GLN 95  95  95  GLN GLN A . n 
A 1 96  LYS 96  96  96  LYS LYS A . n 
A 1 97  TRP 97  97  97  TRP TRP A . n 
A 1 98  ASP 98  98  98  ASP ASP A . n 
A 1 99  GLY 99  99  99  GLY GLY A . n 
A 1 100 LYS 100 100 100 LYS LYS A . n 
A 1 101 SER 101 101 101 SER SER A . n 
A 1 102 THR 102 102 102 THR THR A . n 
A 1 103 THR 103 103 103 THR THR A . n 
A 1 104 ILE 104 104 104 ILE ILE A . n 
A 1 105 LYS 105 105 105 LYS LYS A . n 
A 1 106 ARG 106 106 106 ARG ARG A . n 
A 1 107 LYS 107 107 107 LYS LYS A . n 
A 1 108 ARG 108 108 108 ARG ARG A . n 
A 1 109 ASP 109 109 109 ASP ASP A . n 
A 1 110 GLY 110 110 110 GLY GLY A . n 
A 1 111 ASP 111 111 111 ASP ASP A . n 
A 1 112 LYS 112 112 112 LYS LYS A . n 
A 1 113 LEU 113 113 113 LEU LEU A . n 
A 1 114 VAL 114 114 114 VAL VAL A . n 
A 1 115 VAL 115 115 115 VAL VAL A . n 
A 1 116 GLU 116 116 116 GLU GLU A . n 
A 1 117 CYS 117 117 117 CYS CYS A . n 
A 1 118 VAL 118 118 118 VAL VAL A . n 
A 1 119 MET 119 119 119 MET MET A . n 
A 1 120 LYS 120 120 120 LYS LYS A . n 
A 1 121 GLY 121 121 121 GLY GLY A . n 
A 1 122 VAL 122 122 122 VAL VAL A . n 
A 1 123 THR 123 123 123 THR THR A . n 
A 1 124 SER 124 124 124 SER SER A . n 
A 1 125 THR 125 125 125 THR THR A . n 
A 1 126 ARG 126 126 126 ARG ARG A . n 
A 1 127 VAL 127 127 127 VAL VAL A . n 
A 1 128 TYR 128 128 128 TYR TYR A . n 
A 1 129 GLU 129 129 129 GLU GLU A . n 
A 1 130 ARG 130 130 130 ARG ARG A . n 
A 1 131 ALA 131 131 131 ALA ALA A . n 
# 
loop_
_pdbx_nonpoly_scheme.asym_id 
_pdbx_nonpoly_scheme.entity_id 
_pdbx_nonpoly_scheme.mon_id 
_pdbx_nonpoly_scheme.ndb_seq_num 
_pdbx_nonpoly_scheme.pdb_seq_num 
_pdbx_nonpoly_scheme.auth_seq_num 
_pdbx_nonpoly_scheme.pdb_mon_id 
_pdbx_nonpoly_scheme.auth_mon_id 
_pdbx_nonpoly_scheme.pdb_strand_id 
_pdbx_nonpoly_scheme.pdb_ins_code 
B 2 CL  1  200 200 CL  CL  A . 
C 3 HNE 1  201 201 HNE HNE A . 
D 4 PO4 1  301 301 PO4 PO4 A . 
E 4 PO4 1  302 302 PO4 PO4 A . 
F 4 PO4 1  303 303 PO4 PO4 A . 
G 4 PO4 1  304 304 PO4 PO4 A . 
H 5 HOH 1  132 1   HOH HOH A . 
H 5 HOH 2  133 2   HOH HOH A . 
H 5 HOH 3  134 3   HOH HOH A . 
H 5 HOH 4  135 4   HOH HOH A . 
H 5 HOH 5  136 5   HOH HOH A . 
H 5 HOH 6  137 6   HOH HOH A . 
H 5 HOH 7  138 7   HOH HOH A . 
H 5 HOH 8  139 8   HOH HOH A . 
H 5 HOH 9  140 9   HOH HOH A . 
H 5 HOH 10 141 10  HOH HOH A . 
H 5 HOH 11 142 11  HOH HOH A . 
H 5 HOH 12 143 12  HOH HOH A . 
H 5 HOH 13 144 13  HOH HOH A . 
H 5 HOH 14 145 14  HOH HOH A . 
H 5 HOH 15 146 15  HOH HOH A . 
H 5 HOH 16 147 16  HOH HOH A . 
H 5 HOH 17 148 17  HOH HOH A . 
H 5 HOH 18 149 18  HOH HOH A . 
H 5 HOH 19 150 19  HOH HOH A . 
H 5 HOH 20 151 20  HOH HOH A . 
H 5 HOH 21 152 21  HOH HOH A . 
H 5 HOH 22 153 22  HOH HOH A . 
H 5 HOH 23 154 23  HOH HOH A . 
H 5 HOH 24 155 24  HOH HOH A . 
H 5 HOH 25 156 25  HOH HOH A . 
H 5 HOH 26 157 26  HOH HOH A . 
H 5 HOH 27 158 27  HOH HOH A . 
H 5 HOH 28 159 28  HOH HOH A . 
H 5 HOH 29 160 29  HOH HOH A . 
H 5 HOH 30 161 30  HOH HOH A . 
H 5 HOH 31 162 31  HOH HOH A . 
H 5 HOH 32 163 32  HOH HOH A . 
H 5 HOH 33 164 33  HOH HOH A . 
H 5 HOH 34 165 34  HOH HOH A . 
H 5 HOH 35 166 35  HOH HOH A . 
H 5 HOH 36 167 36  HOH HOH A . 
H 5 HOH 37 168 37  HOH HOH A . 
H 5 HOH 38 169 38  HOH HOH A . 
H 5 HOH 39 170 39  HOH HOH A . 
H 5 HOH 40 171 40  HOH HOH A . 
H 5 HOH 41 172 41  HOH HOH A . 
H 5 HOH 42 173 42  HOH HOH A . 
H 5 HOH 43 174 43  HOH HOH A . 
H 5 HOH 44 175 44  HOH HOH A . 
H 5 HOH 45 176 45  HOH HOH A . 
H 5 HOH 46 177 46  HOH HOH A . 
H 5 HOH 47 178 47  HOH HOH A . 
H 5 HOH 48 179 48  HOH HOH A . 
H 5 HOH 49 180 49  HOH HOH A . 
H 5 HOH 50 181 50  HOH HOH A . 
H 5 HOH 51 182 51  HOH HOH A . 
H 5 HOH 52 183 52  HOH HOH A . 
H 5 HOH 53 184 53  HOH HOH A . 
H 5 HOH 54 185 54  HOH HOH A . 
H 5 HOH 55 186 55  HOH HOH A . 
H 5 HOH 56 187 56  HOH HOH A . 
H 5 HOH 57 188 57  HOH HOH A . 
H 5 HOH 58 189 58  HOH HOH A . 
H 5 HOH 59 190 59  HOH HOH A . 
H 5 HOH 60 191 60  HOH HOH A . 
H 5 HOH 61 192 61  HOH HOH A . 
H 5 HOH 62 193 62  HOH HOH A . 
H 5 HOH 63 194 63  HOH HOH A . 
H 5 HOH 64 195 64  HOH HOH A . 
H 5 HOH 65 196 65  HOH HOH A . 
H 5 HOH 66 197 66  HOH HOH A . 
H 5 HOH 67 198 67  HOH HOH A . 
H 5 HOH 68 199 68  HOH HOH A . 
H 5 HOH 69 202 69  HOH HOH A . 
H 5 HOH 70 203 70  HOH HOH A . 
H 5 HOH 71 204 71  HOH HOH A . 
H 5 HOH 72 205 72  HOH HOH A . 
H 5 HOH 73 206 73  HOH HOH A . 
H 5 HOH 74 207 74  HOH HOH A . 
H 5 HOH 75 208 75  HOH HOH A . 
H 5 HOH 76 209 76  HOH HOH A . 
H 5 HOH 77 210 77  HOH HOH A . 
H 5 HOH 78 211 78  HOH HOH A . 
H 5 HOH 79 212 79  HOH HOH A . 
H 5 HOH 80 213 80  HOH HOH A . 
H 5 HOH 81 214 81  HOH HOH A . 
H 5 HOH 82 215 82  HOH HOH A . 
H 5 HOH 83 216 83  HOH HOH A . 
H 5 HOH 84 217 84  HOH HOH A . 
H 5 HOH 85 218 85  HOH HOH A . 
H 5 HOH 86 219 86  HOH HOH A . 
H 5 HOH 87 220 87  HOH HOH A . 
H 5 HOH 88 221 88  HOH HOH A . 
H 5 HOH 89 222 89  HOH HOH A . 
H 5 HOH 90 223 90  HOH HOH A . 
H 5 HOH 91 224 91  HOH HOH A . 
# 
_pdbx_struct_assembly.id                   1 
_pdbx_struct_assembly.details              author_defined_assembly 
_pdbx_struct_assembly.method_details       ? 
_pdbx_struct_assembly.oligomeric_details   dimeric 
_pdbx_struct_assembly.oligomeric_count     2 
# 
_pdbx_struct_assembly_gen.assembly_id       1 
_pdbx_struct_assembly_gen.oper_expression   1,2 
_pdbx_struct_assembly_gen.asym_id_list      A,B,C,D,E,F,G,H 
# 
loop_
_pdbx_struct_oper_list.id 
_pdbx_struct_oper_list.type 
_pdbx_struct_oper_list.name 
_pdbx_struct_oper_list.symmetry_operation 
_pdbx_struct_oper_list.matrix[1][1] 
_pdbx_struct_oper_list.matrix[1][2] 
_pdbx_struct_oper_list.matrix[1][3] 
_pdbx_struct_oper_list.vector[1] 
_pdbx_struct_oper_list.matrix[2][1] 
_pdbx_struct_oper_list.matrix[2][2] 
_pdbx_struct_oper_list.matrix[2][3] 
_pdbx_struct_oper_list.vector[2] 
_pdbx_struct_oper_list.matrix[3][1] 
_pdbx_struct_oper_list.matrix[3][2] 
_pdbx_struct_oper_list.matrix[3][3] 
_pdbx_struct_oper_list.vector[3] 
1 'identity operation'         1_555 x,y,z         1.0000000000 0.0000000000  0.0000000000  0.0000000000  0.0000000000  1.0000000000  0.0000000000 0.0000000000   0.0000000000  0.0000000000 1.0000000000  0.0000000000  
2 'crystal symmetry operation' 3_655 -x+1,y,-z+1/2 0.4295848320 -0.7299232908 -0.5316661186 -6.3416669424 -0.7299232908 -0.6273127704 0.2714602689 -21.6224345495 -0.5316661186 0.2714602689 -0.8022720616 12.6334319181 
# 
_pdbx_struct_special_symmetry.id              1 
_pdbx_struct_special_symmetry.PDB_model_num   1 
_pdbx_struct_special_symmetry.auth_asym_id    A 
_pdbx_struct_special_symmetry.auth_comp_id    CL 
_pdbx_struct_special_symmetry.auth_seq_id     200 
_pdbx_struct_special_symmetry.PDB_ins_code    ? 
_pdbx_struct_special_symmetry.label_asym_id   B 
_pdbx_struct_special_symmetry.label_comp_id   CL 
_pdbx_struct_special_symmetry.label_seq_id    . 
# 
loop_
_pdbx_audit_revision_history.ordinal 
_pdbx_audit_revision_history.data_content_type 
_pdbx_audit_revision_history.major_revision 
_pdbx_audit_revision_history.minor_revision 
_pdbx_audit_revision_history.revision_date 
1 'Structure model' 1 0 2010-08-25 
2 'Structure model' 1 1 2011-07-13 
3 'Structure model' 1 2 2023-09-06 
# 
_pdbx_audit_revision_details.ordinal             1 
_pdbx_audit_revision_details.revision_ordinal    1 
_pdbx_audit_revision_details.data_content_type   'Structure model' 
_pdbx_audit_revision_details.provider            repository 
_pdbx_audit_revision_details.type                'Initial release' 
_pdbx_audit_revision_details.description         ? 
_pdbx_audit_revision_details.details             ? 
# 
loop_
_pdbx_audit_revision_group.ordinal 
_pdbx_audit_revision_group.revision_ordinal 
_pdbx_audit_revision_group.data_content_type 
_pdbx_audit_revision_group.group 
1 2 'Structure model' 'Version format compliance' 
2 3 'Structure model' 'Data collection'           
3 3 'Structure model' 'Database references'       
4 3 'Structure model' 'Derived calculations'      
5 3 'Structure model' 'Refinement description'    
# 
loop_
_pdbx_audit_revision_category.ordinal 
_pdbx_audit_revision_category.revision_ordinal 
_pdbx_audit_revision_category.data_content_type 
_pdbx_audit_revision_category.category 
1 3 'Structure model' chem_comp_atom                
2 3 'Structure model' chem_comp_bond                
3 3 'Structure model' database_2                    
4 3 'Structure model' pdbx_initial_refinement_model 
5 3 'Structure model' struct_site                   
# 
loop_
_pdbx_audit_revision_item.ordinal 
_pdbx_audit_revision_item.revision_ordinal 
_pdbx_audit_revision_item.data_content_type 
_pdbx_audit_revision_item.item 
1 3 'Structure model' '_database_2.pdbx_DOI'                
2 3 'Structure model' '_database_2.pdbx_database_accession' 
3 3 'Structure model' '_struct_site.pdbx_auth_asym_id'      
4 3 'Structure model' '_struct_site.pdbx_auth_comp_id'      
5 3 'Structure model' '_struct_site.pdbx_auth_seq_id'       
# 
loop_
_software.pdbx_ordinal 
_software.name 
_software.version 
_software.date 
_software.type 
_software.contact_author 
_software.contact_author_email 
_software.classification 
_software.location 
_software.language 
_software.citation_id 
1 REFMAC       5.2.0019 ?               program 'Garib N. Murshudov' garib@ysbl.york.ac.uk refinement        
http://www.ccp4.ac.uk/dist/html/refmac5.html Fortran_77 ? 
2 PDB_EXTRACT  3.005    'June 11, 2008' package PDB                  help@deposit.rcsb.org 'data extraction' 
http://sw-tools.pdb.org/apps/PDB_EXTRACT/    C++        ? 
3 CrystalClear .        ?               ?       ?                    ?                     'data collection' ? ?          ? 
4 HKL-2000     .        ?               ?       ?                    ?                     'data reduction'  ? ?          ? 
5 HKL-2000     .        ?               ?       ?                    ?                     'data scaling'    ? ?          ? 
6 MOLREP       9.4.09   ?               ?       ?                    ?                     phasing           ? ?          ? 
# 
loop_
_pdbx_validate_torsion.id 
_pdbx_validate_torsion.PDB_model_num 
_pdbx_validate_torsion.auth_comp_id 
_pdbx_validate_torsion.auth_asym_id 
_pdbx_validate_torsion.auth_seq_id 
_pdbx_validate_torsion.PDB_ins_code 
_pdbx_validate_torsion.label_alt_id 
_pdbx_validate_torsion.phi 
_pdbx_validate_torsion.psi 
1 1 PHE A 57 ? ? -67.15 -70.87 
2 1 ASP A 98 ? ? 35.35  50.59  
# 
loop_
_chem_comp_atom.comp_id 
_chem_comp_atom.atom_id 
_chem_comp_atom.type_symbol 
_chem_comp_atom.pdbx_aromatic_flag 
_chem_comp_atom.pdbx_stereo_config 
_chem_comp_atom.pdbx_ordinal 
ALA N    N  N N 1   
ALA CA   C  N S 2   
ALA C    C  N N 3   
ALA O    O  N N 4   
ALA CB   C  N N 5   
ALA OXT  O  N N 6   
ALA H    H  N N 7   
ALA H2   H  N N 8   
ALA HA   H  N N 9   
ALA HB1  H  N N 10  
ALA HB2  H  N N 11  
ALA HB3  H  N N 12  
ALA HXT  H  N N 13  
ARG N    N  N N 14  
ARG CA   C  N S 15  
ARG C    C  N N 16  
ARG O    O  N N 17  
ARG CB   C  N N 18  
ARG CG   C  N N 19  
ARG CD   C  N N 20  
ARG NE   N  N N 21  
ARG CZ   C  N N 22  
ARG NH1  N  N N 23  
ARG NH2  N  N N 24  
ARG OXT  O  N N 25  
ARG H    H  N N 26  
ARG H2   H  N N 27  
ARG HA   H  N N 28  
ARG HB2  H  N N 29  
ARG HB3  H  N N 30  
ARG HG2  H  N N 31  
ARG HG3  H  N N 32  
ARG HD2  H  N N 33  
ARG HD3  H  N N 34  
ARG HE   H  N N 35  
ARG HH11 H  N N 36  
ARG HH12 H  N N 37  
ARG HH21 H  N N 38  
ARG HH22 H  N N 39  
ARG HXT  H  N N 40  
ASN N    N  N N 41  
ASN CA   C  N S 42  
ASN C    C  N N 43  
ASN O    O  N N 44  
ASN CB   C  N N 45  
ASN CG   C  N N 46  
ASN OD1  O  N N 47  
ASN ND2  N  N N 48  
ASN OXT  O  N N 49  
ASN H    H  N N 50  
ASN H2   H  N N 51  
ASN HA   H  N N 52  
ASN HB2  H  N N 53  
ASN HB3  H  N N 54  
ASN HD21 H  N N 55  
ASN HD22 H  N N 56  
ASN HXT  H  N N 57  
ASP N    N  N N 58  
ASP CA   C  N S 59  
ASP C    C  N N 60  
ASP O    O  N N 61  
ASP CB   C  N N 62  
ASP CG   C  N N 63  
ASP OD1  O  N N 64  
ASP OD2  O  N N 65  
ASP OXT  O  N N 66  
ASP H    H  N N 67  
ASP H2   H  N N 68  
ASP HA   H  N N 69  
ASP HB2  H  N N 70  
ASP HB3  H  N N 71  
ASP HD2  H  N N 72  
ASP HXT  H  N N 73  
CL  CL   CL N N 74  
CYS N    N  N N 75  
CYS CA   C  N R 76  
CYS C    C  N N 77  
CYS O    O  N N 78  
CYS CB   C  N N 79  
CYS SG   S  N N 80  
CYS OXT  O  N N 81  
CYS H    H  N N 82  
CYS H2   H  N N 83  
CYS HA   H  N N 84  
CYS HB2  H  N N 85  
CYS HB3  H  N N 86  
CYS HG   H  N N 87  
CYS HXT  H  N N 88  
GLN N    N  N N 89  
GLN CA   C  N S 90  
GLN C    C  N N 91  
GLN O    O  N N 92  
GLN CB   C  N N 93  
GLN CG   C  N N 94  
GLN CD   C  N N 95  
GLN OE1  O  N N 96  
GLN NE2  N  N N 97  
GLN OXT  O  N N 98  
GLN H    H  N N 99  
GLN H2   H  N N 100 
GLN HA   H  N N 101 
GLN HB2  H  N N 102 
GLN HB3  H  N N 103 
GLN HG2  H  N N 104 
GLN HG3  H  N N 105 
GLN HE21 H  N N 106 
GLN HE22 H  N N 107 
GLN HXT  H  N N 108 
GLU N    N  N N 109 
GLU CA   C  N S 110 
GLU C    C  N N 111 
GLU O    O  N N 112 
GLU CB   C  N N 113 
GLU CG   C  N N 114 
GLU CD   C  N N 115 
GLU OE1  O  N N 116 
GLU OE2  O  N N 117 
GLU OXT  O  N N 118 
GLU H    H  N N 119 
GLU H2   H  N N 120 
GLU HA   H  N N 121 
GLU HB2  H  N N 122 
GLU HB3  H  N N 123 
GLU HG2  H  N N 124 
GLU HG3  H  N N 125 
GLU HE2  H  N N 126 
GLU HXT  H  N N 127 
GLY N    N  N N 128 
GLY CA   C  N N 129 
GLY C    C  N N 130 
GLY O    O  N N 131 
GLY OXT  O  N N 132 
GLY H    H  N N 133 
GLY H2   H  N N 134 
GLY HA2  H  N N 135 
GLY HA3  H  N N 136 
GLY HXT  H  N N 137 
HNE C1   C  N N 138 
HNE C2   C  N N 139 
HNE C3   C  N N 140 
HNE C4   C  N R 141 
HNE C5   C  N N 142 
HNE C6   C  N N 143 
HNE C7   C  N N 144 
HNE C8   C  N N 145 
HNE C9   C  N N 146 
HNE O10  O  N N 147 
HNE O11  O  N N 148 
HNE H2   H  N N 149 
HNE H3   H  N N 150 
HNE H4   H  N N 151 
HNE H5C1 H  N N 152 
HNE H5C2 H  N N 153 
HNE H10  H  N N 154 
HNE H6C1 H  N N 155 
HNE H6C2 H  N N 156 
HNE H7C1 H  N N 157 
HNE H7C2 H  N N 158 
HNE H8C1 H  N N 159 
HNE H8C2 H  N N 160 
HNE H9C1 H  N N 161 
HNE H9C2 H  N N 162 
HNE H9C3 H  N N 163 
HNE H1   H  N N 164 
HOH O    O  N N 165 
HOH H1   H  N N 166 
HOH H2   H  N N 167 
ILE N    N  N N 168 
ILE CA   C  N S 169 
ILE C    C  N N 170 
ILE O    O  N N 171 
ILE CB   C  N S 172 
ILE CG1  C  N N 173 
ILE CG2  C  N N 174 
ILE CD1  C  N N 175 
ILE OXT  O  N N 176 
ILE H    H  N N 177 
ILE H2   H  N N 178 
ILE HA   H  N N 179 
ILE HB   H  N N 180 
ILE HG12 H  N N 181 
ILE HG13 H  N N 182 
ILE HG21 H  N N 183 
ILE HG22 H  N N 184 
ILE HG23 H  N N 185 
ILE HD11 H  N N 186 
ILE HD12 H  N N 187 
ILE HD13 H  N N 188 
ILE HXT  H  N N 189 
LEU N    N  N N 190 
LEU CA   C  N S 191 
LEU C    C  N N 192 
LEU O    O  N N 193 
LEU CB   C  N N 194 
LEU CG   C  N N 195 
LEU CD1  C  N N 196 
LEU CD2  C  N N 197 
LEU OXT  O  N N 198 
LEU H    H  N N 199 
LEU H2   H  N N 200 
LEU HA   H  N N 201 
LEU HB2  H  N N 202 
LEU HB3  H  N N 203 
LEU HG   H  N N 204 
LEU HD11 H  N N 205 
LEU HD12 H  N N 206 
LEU HD13 H  N N 207 
LEU HD21 H  N N 208 
LEU HD22 H  N N 209 
LEU HD23 H  N N 210 
LEU HXT  H  N N 211 
LYS N    N  N N 212 
LYS CA   C  N S 213 
LYS C    C  N N 214 
LYS O    O  N N 215 
LYS CB   C  N N 216 
LYS CG   C  N N 217 
LYS CD   C  N N 218 
LYS CE   C  N N 219 
LYS NZ   N  N N 220 
LYS OXT  O  N N 221 
LYS H    H  N N 222 
LYS H2   H  N N 223 
LYS HA   H  N N 224 
LYS HB2  H  N N 225 
LYS HB3  H  N N 226 
LYS HG2  H  N N 227 
LYS HG3  H  N N 228 
LYS HD2  H  N N 229 
LYS HD3  H  N N 230 
LYS HE2  H  N N 231 
LYS HE3  H  N N 232 
LYS HZ1  H  N N 233 
LYS HZ2  H  N N 234 
LYS HZ3  H  N N 235 
LYS HXT  H  N N 236 
MET N    N  N N 237 
MET CA   C  N S 238 
MET C    C  N N 239 
MET O    O  N N 240 
MET CB   C  N N 241 
MET CG   C  N N 242 
MET SD   S  N N 243 
MET CE   C  N N 244 
MET OXT  O  N N 245 
MET H    H  N N 246 
MET H2   H  N N 247 
MET HA   H  N N 248 
MET HB2  H  N N 249 
MET HB3  H  N N 250 
MET HG2  H  N N 251 
MET HG3  H  N N 252 
MET HE1  H  N N 253 
MET HE2  H  N N 254 
MET HE3  H  N N 255 
MET HXT  H  N N 256 
PHE N    N  N N 257 
PHE CA   C  N S 258 
PHE C    C  N N 259 
PHE O    O  N N 260 
PHE CB   C  N N 261 
PHE CG   C  Y N 262 
PHE CD1  C  Y N 263 
PHE CD2  C  Y N 264 
PHE CE1  C  Y N 265 
PHE CE2  C  Y N 266 
PHE CZ   C  Y N 267 
PHE OXT  O  N N 268 
PHE H    H  N N 269 
PHE H2   H  N N 270 
PHE HA   H  N N 271 
PHE HB2  H  N N 272 
PHE HB3  H  N N 273 
PHE HD1  H  N N 274 
PHE HD2  H  N N 275 
PHE HE1  H  N N 276 
PHE HE2  H  N N 277 
PHE HZ   H  N N 278 
PHE HXT  H  N N 279 
PO4 P    P  N N 280 
PO4 O1   O  N N 281 
PO4 O2   O  N N 282 
PO4 O3   O  N N 283 
PO4 O4   O  N N 284 
PRO N    N  N N 285 
PRO CA   C  N S 286 
PRO C    C  N N 287 
PRO O    O  N N 288 
PRO CB   C  N N 289 
PRO CG   C  N N 290 
PRO CD   C  N N 291 
PRO OXT  O  N N 292 
PRO H    H  N N 293 
PRO HA   H  N N 294 
PRO HB2  H  N N 295 
PRO HB3  H  N N 296 
PRO HG2  H  N N 297 
PRO HG3  H  N N 298 
PRO HD2  H  N N 299 
PRO HD3  H  N N 300 
PRO HXT  H  N N 301 
SER N    N  N N 302 
SER CA   C  N S 303 
SER C    C  N N 304 
SER O    O  N N 305 
SER CB   C  N N 306 
SER OG   O  N N 307 
SER OXT  O  N N 308 
SER H    H  N N 309 
SER H2   H  N N 310 
SER HA   H  N N 311 
SER HB2  H  N N 312 
SER HB3  H  N N 313 
SER HG   H  N N 314 
SER HXT  H  N N 315 
THR N    N  N N 316 
THR CA   C  N S 317 
THR C    C  N N 318 
THR O    O  N N 319 
THR CB   C  N R 320 
THR OG1  O  N N 321 
THR CG2  C  N N 322 
THR OXT  O  N N 323 
THR H    H  N N 324 
THR H2   H  N N 325 
THR HA   H  N N 326 
THR HB   H  N N 327 
THR HG1  H  N N 328 
THR HG21 H  N N 329 
THR HG22 H  N N 330 
THR HG23 H  N N 331 
THR HXT  H  N N 332 
TRP N    N  N N 333 
TRP CA   C  N S 334 
TRP C    C  N N 335 
TRP O    O  N N 336 
TRP CB   C  N N 337 
TRP CG   C  Y N 338 
TRP CD1  C  Y N 339 
TRP CD2  C  Y N 340 
TRP NE1  N  Y N 341 
TRP CE2  C  Y N 342 
TRP CE3  C  Y N 343 
TRP CZ2  C  Y N 344 
TRP CZ3  C  Y N 345 
TRP CH2  C  Y N 346 
TRP OXT  O  N N 347 
TRP H    H  N N 348 
TRP H2   H  N N 349 
TRP HA   H  N N 350 
TRP HB2  H  N N 351 
TRP HB3  H  N N 352 
TRP HD1  H  N N 353 
TRP HE1  H  N N 354 
TRP HE3  H  N N 355 
TRP HZ2  H  N N 356 
TRP HZ3  H  N N 357 
TRP HH2  H  N N 358 
TRP HXT  H  N N 359 
TYR N    N  N N 360 
TYR CA   C  N S 361 
TYR C    C  N N 362 
TYR O    O  N N 363 
TYR CB   C  N N 364 
TYR CG   C  Y N 365 
TYR CD1  C  Y N 366 
TYR CD2  C  Y N 367 
TYR CE1  C  Y N 368 
TYR CE2  C  Y N 369 
TYR CZ   C  Y N 370 
TYR OH   O  N N 371 
TYR OXT  O  N N 372 
TYR H    H  N N 373 
TYR H2   H  N N 374 
TYR HA   H  N N 375 
TYR HB2  H  N N 376 
TYR HB3  H  N N 377 
TYR HD1  H  N N 378 
TYR HD2  H  N N 379 
TYR HE1  H  N N 380 
TYR HE2  H  N N 381 
TYR HH   H  N N 382 
TYR HXT  H  N N 383 
VAL N    N  N N 384 
VAL CA   C  N S 385 
VAL C    C  N N 386 
VAL O    O  N N 387 
VAL CB   C  N N 388 
VAL CG1  C  N N 389 
VAL CG2  C  N N 390 
VAL OXT  O  N N 391 
VAL H    H  N N 392 
VAL H2   H  N N 393 
VAL HA   H  N N 394 
VAL HB   H  N N 395 
VAL HG11 H  N N 396 
VAL HG12 H  N N 397 
VAL HG13 H  N N 398 
VAL HG21 H  N N 399 
VAL HG22 H  N N 400 
VAL HG23 H  N N 401 
VAL HXT  H  N N 402 
# 
loop_
_chem_comp_bond.comp_id 
_chem_comp_bond.atom_id_1 
_chem_comp_bond.atom_id_2 
_chem_comp_bond.value_order 
_chem_comp_bond.pdbx_aromatic_flag 
_chem_comp_bond.pdbx_stereo_config 
_chem_comp_bond.pdbx_ordinal 
ALA N   CA   sing N N 1   
ALA N   H    sing N N 2   
ALA N   H2   sing N N 3   
ALA CA  C    sing N N 4   
ALA CA  CB   sing N N 5   
ALA CA  HA   sing N N 6   
ALA C   O    doub N N 7   
ALA C   OXT  sing N N 8   
ALA CB  HB1  sing N N 9   
ALA CB  HB2  sing N N 10  
ALA CB  HB3  sing N N 11  
ALA OXT HXT  sing N N 12  
ARG N   CA   sing N N 13  
ARG N   H    sing N N 14  
ARG N   H2   sing N N 15  
ARG CA  C    sing N N 16  
ARG CA  CB   sing N N 17  
ARG CA  HA   sing N N 18  
ARG C   O    doub N N 19  
ARG C   OXT  sing N N 20  
ARG CB  CG   sing N N 21  
ARG CB  HB2  sing N N 22  
ARG CB  HB3  sing N N 23  
ARG CG  CD   sing N N 24  
ARG CG  HG2  sing N N 25  
ARG CG  HG3  sing N N 26  
ARG CD  NE   sing N N 27  
ARG CD  HD2  sing N N 28  
ARG CD  HD3  sing N N 29  
ARG NE  CZ   sing N N 30  
ARG NE  HE   sing N N 31  
ARG CZ  NH1  sing N N 32  
ARG CZ  NH2  doub N N 33  
ARG NH1 HH11 sing N N 34  
ARG NH1 HH12 sing N N 35  
ARG NH2 HH21 sing N N 36  
ARG NH2 HH22 sing N N 37  
ARG OXT HXT  sing N N 38  
ASN N   CA   sing N N 39  
ASN N   H    sing N N 40  
ASN N   H2   sing N N 41  
ASN CA  C    sing N N 42  
ASN CA  CB   sing N N 43  
ASN CA  HA   sing N N 44  
ASN C   O    doub N N 45  
ASN C   OXT  sing N N 46  
ASN CB  CG   sing N N 47  
ASN CB  HB2  sing N N 48  
ASN CB  HB3  sing N N 49  
ASN CG  OD1  doub N N 50  
ASN CG  ND2  sing N N 51  
ASN ND2 HD21 sing N N 52  
ASN ND2 HD22 sing N N 53  
ASN OXT HXT  sing N N 54  
ASP N   CA   sing N N 55  
ASP N   H    sing N N 56  
ASP N   H2   sing N N 57  
ASP CA  C    sing N N 58  
ASP CA  CB   sing N N 59  
ASP CA  HA   sing N N 60  
ASP C   O    doub N N 61  
ASP C   OXT  sing N N 62  
ASP CB  CG   sing N N 63  
ASP CB  HB2  sing N N 64  
ASP CB  HB3  sing N N 65  
ASP CG  OD1  doub N N 66  
ASP CG  OD2  sing N N 67  
ASP OD2 HD2  sing N N 68  
ASP OXT HXT  sing N N 69  
CYS N   CA   sing N N 70  
CYS N   H    sing N N 71  
CYS N   H2   sing N N 72  
CYS CA  C    sing N N 73  
CYS CA  CB   sing N N 74  
CYS CA  HA   sing N N 75  
CYS C   O    doub N N 76  
CYS C   OXT  sing N N 77  
CYS CB  SG   sing N N 78  
CYS CB  HB2  sing N N 79  
CYS CB  HB3  sing N N 80  
CYS SG  HG   sing N N 81  
CYS OXT HXT  sing N N 82  
GLN N   CA   sing N N 83  
GLN N   H    sing N N 84  
GLN N   H2   sing N N 85  
GLN CA  C    sing N N 86  
GLN CA  CB   sing N N 87  
GLN CA  HA   sing N N 88  
GLN C   O    doub N N 89  
GLN C   OXT  sing N N 90  
GLN CB  CG   sing N N 91  
GLN CB  HB2  sing N N 92  
GLN CB  HB3  sing N N 93  
GLN CG  CD   sing N N 94  
GLN CG  HG2  sing N N 95  
GLN CG  HG3  sing N N 96  
GLN CD  OE1  doub N N 97  
GLN CD  NE2  sing N N 98  
GLN NE2 HE21 sing N N 99  
GLN NE2 HE22 sing N N 100 
GLN OXT HXT  sing N N 101 
GLU N   CA   sing N N 102 
GLU N   H    sing N N 103 
GLU N   H2   sing N N 104 
GLU CA  C    sing N N 105 
GLU CA  CB   sing N N 106 
GLU CA  HA   sing N N 107 
GLU C   O    doub N N 108 
GLU C   OXT  sing N N 109 
GLU CB  CG   sing N N 110 
GLU CB  HB2  sing N N 111 
GLU CB  HB3  sing N N 112 
GLU CG  CD   sing N N 113 
GLU CG  HG2  sing N N 114 
GLU CG  HG3  sing N N 115 
GLU CD  OE1  doub N N 116 
GLU CD  OE2  sing N N 117 
GLU OE2 HE2  sing N N 118 
GLU OXT HXT  sing N N 119 
GLY N   CA   sing N N 120 
GLY N   H    sing N N 121 
GLY N   H2   sing N N 122 
GLY CA  C    sing N N 123 
GLY CA  HA2  sing N N 124 
GLY CA  HA3  sing N N 125 
GLY C   O    doub N N 126 
GLY C   OXT  sing N N 127 
GLY OXT HXT  sing N N 128 
HNE C1  C2   sing N N 129 
HNE C1  O11  doub N N 130 
HNE C1  H1   sing N N 131 
HNE C2  C3   doub N N 132 
HNE C2  H2   sing N N 133 
HNE C3  C4   sing N N 134 
HNE C3  H3   sing N N 135 
HNE C4  C5   sing N N 136 
HNE C4  O10  sing N N 137 
HNE C4  H4   sing N N 138 
HNE C5  C6   sing N N 139 
HNE C5  H5C1 sing N N 140 
HNE C5  H5C2 sing N N 141 
HNE C6  C7   sing N N 142 
HNE C6  H6C1 sing N N 143 
HNE C6  H6C2 sing N N 144 
HNE C7  C8   sing N N 145 
HNE C7  H7C1 sing N N 146 
HNE C7  H7C2 sing N N 147 
HNE C8  C9   sing N N 148 
HNE C8  H8C1 sing N N 149 
HNE C8  H8C2 sing N N 150 
HNE C9  H9C1 sing N N 151 
HNE C9  H9C2 sing N N 152 
HNE C9  H9C3 sing N N 153 
HNE O10 H10  sing N N 154 
HOH O   H1   sing N N 155 
HOH O   H2   sing N N 156 
ILE N   CA   sing N N 157 
ILE N   H    sing N N 158 
ILE N   H2   sing N N 159 
ILE CA  C    sing N N 160 
ILE CA  CB   sing N N 161 
ILE CA  HA   sing N N 162 
ILE C   O    doub N N 163 
ILE C   OXT  sing N N 164 
ILE CB  CG1  sing N N 165 
ILE CB  CG2  sing N N 166 
ILE CB  HB   sing N N 167 
ILE CG1 CD1  sing N N 168 
ILE CG1 HG12 sing N N 169 
ILE CG1 HG13 sing N N 170 
ILE CG2 HG21 sing N N 171 
ILE CG2 HG22 sing N N 172 
ILE CG2 HG23 sing N N 173 
ILE CD1 HD11 sing N N 174 
ILE CD1 HD12 sing N N 175 
ILE CD1 HD13 sing N N 176 
ILE OXT HXT  sing N N 177 
LEU N   CA   sing N N 178 
LEU N   H    sing N N 179 
LEU N   H2   sing N N 180 
LEU CA  C    sing N N 181 
LEU CA  CB   sing N N 182 
LEU CA  HA   sing N N 183 
LEU C   O    doub N N 184 
LEU C   OXT  sing N N 185 
LEU CB  CG   sing N N 186 
LEU CB  HB2  sing N N 187 
LEU CB  HB3  sing N N 188 
LEU CG  CD1  sing N N 189 
LEU CG  CD2  sing N N 190 
LEU CG  HG   sing N N 191 
LEU CD1 HD11 sing N N 192 
LEU CD1 HD12 sing N N 193 
LEU CD1 HD13 sing N N 194 
LEU CD2 HD21 sing N N 195 
LEU CD2 HD22 sing N N 196 
LEU CD2 HD23 sing N N 197 
LEU OXT HXT  sing N N 198 
LYS N   CA   sing N N 199 
LYS N   H    sing N N 200 
LYS N   H2   sing N N 201 
LYS CA  C    sing N N 202 
LYS CA  CB   sing N N 203 
LYS CA  HA   sing N N 204 
LYS C   O    doub N N 205 
LYS C   OXT  sing N N 206 
LYS CB  CG   sing N N 207 
LYS CB  HB2  sing N N 208 
LYS CB  HB3  sing N N 209 
LYS CG  CD   sing N N 210 
LYS CG  HG2  sing N N 211 
LYS CG  HG3  sing N N 212 
LYS CD  CE   sing N N 213 
LYS CD  HD2  sing N N 214 
LYS CD  HD3  sing N N 215 
LYS CE  NZ   sing N N 216 
LYS CE  HE2  sing N N 217 
LYS CE  HE3  sing N N 218 
LYS NZ  HZ1  sing N N 219 
LYS NZ  HZ2  sing N N 220 
LYS NZ  HZ3  sing N N 221 
LYS OXT HXT  sing N N 222 
MET N   CA   sing N N 223 
MET N   H    sing N N 224 
MET N   H2   sing N N 225 
MET CA  C    sing N N 226 
MET CA  CB   sing N N 227 
MET CA  HA   sing N N 228 
MET C   O    doub N N 229 
MET C   OXT  sing N N 230 
MET CB  CG   sing N N 231 
MET CB  HB2  sing N N 232 
MET CB  HB3  sing N N 233 
MET CG  SD   sing N N 234 
MET CG  HG2  sing N N 235 
MET CG  HG3  sing N N 236 
MET SD  CE   sing N N 237 
MET CE  HE1  sing N N 238 
MET CE  HE2  sing N N 239 
MET CE  HE3  sing N N 240 
MET OXT HXT  sing N N 241 
PHE N   CA   sing N N 242 
PHE N   H    sing N N 243 
PHE N   H2   sing N N 244 
PHE CA  C    sing N N 245 
PHE CA  CB   sing N N 246 
PHE CA  HA   sing N N 247 
PHE C   O    doub N N 248 
PHE C   OXT  sing N N 249 
PHE CB  CG   sing N N 250 
PHE CB  HB2  sing N N 251 
PHE CB  HB3  sing N N 252 
PHE CG  CD1  doub Y N 253 
PHE CG  CD2  sing Y N 254 
PHE CD1 CE1  sing Y N 255 
PHE CD1 HD1  sing N N 256 
PHE CD2 CE2  doub Y N 257 
PHE CD2 HD2  sing N N 258 
PHE CE1 CZ   doub Y N 259 
PHE CE1 HE1  sing N N 260 
PHE CE2 CZ   sing Y N 261 
PHE CE2 HE2  sing N N 262 
PHE CZ  HZ   sing N N 263 
PHE OXT HXT  sing N N 264 
PO4 P   O1   doub N N 265 
PO4 P   O2   sing N N 266 
PO4 P   O3   sing N N 267 
PO4 P   O4   sing N N 268 
PRO N   CA   sing N N 269 
PRO N   CD   sing N N 270 
PRO N   H    sing N N 271 
PRO CA  C    sing N N 272 
PRO CA  CB   sing N N 273 
PRO CA  HA   sing N N 274 
PRO C   O    doub N N 275 
PRO C   OXT  sing N N 276 
PRO CB  CG   sing N N 277 
PRO CB  HB2  sing N N 278 
PRO CB  HB3  sing N N 279 
PRO CG  CD   sing N N 280 
PRO CG  HG2  sing N N 281 
PRO CG  HG3  sing N N 282 
PRO CD  HD2  sing N N 283 
PRO CD  HD3  sing N N 284 
PRO OXT HXT  sing N N 285 
SER N   CA   sing N N 286 
SER N   H    sing N N 287 
SER N   H2   sing N N 288 
SER CA  C    sing N N 289 
SER CA  CB   sing N N 290 
SER CA  HA   sing N N 291 
SER C   O    doub N N 292 
SER C   OXT  sing N N 293 
SER CB  OG   sing N N 294 
SER CB  HB2  sing N N 295 
SER CB  HB3  sing N N 296 
SER OG  HG   sing N N 297 
SER OXT HXT  sing N N 298 
THR N   CA   sing N N 299 
THR N   H    sing N N 300 
THR N   H2   sing N N 301 
THR CA  C    sing N N 302 
THR CA  CB   sing N N 303 
THR CA  HA   sing N N 304 
THR C   O    doub N N 305 
THR C   OXT  sing N N 306 
THR CB  OG1  sing N N 307 
THR CB  CG2  sing N N 308 
THR CB  HB   sing N N 309 
THR OG1 HG1  sing N N 310 
THR CG2 HG21 sing N N 311 
THR CG2 HG22 sing N N 312 
THR CG2 HG23 sing N N 313 
THR OXT HXT  sing N N 314 
TRP N   CA   sing N N 315 
TRP N   H    sing N N 316 
TRP N   H2   sing N N 317 
TRP CA  C    sing N N 318 
TRP CA  CB   sing N N 319 
TRP CA  HA   sing N N 320 
TRP C   O    doub N N 321 
TRP C   OXT  sing N N 322 
TRP CB  CG   sing N N 323 
TRP CB  HB2  sing N N 324 
TRP CB  HB3  sing N N 325 
TRP CG  CD1  doub Y N 326 
TRP CG  CD2  sing Y N 327 
TRP CD1 NE1  sing Y N 328 
TRP CD1 HD1  sing N N 329 
TRP CD2 CE2  doub Y N 330 
TRP CD2 CE3  sing Y N 331 
TRP NE1 CE2  sing Y N 332 
TRP NE1 HE1  sing N N 333 
TRP CE2 CZ2  sing Y N 334 
TRP CE3 CZ3  doub Y N 335 
TRP CE3 HE3  sing N N 336 
TRP CZ2 CH2  doub Y N 337 
TRP CZ2 HZ2  sing N N 338 
TRP CZ3 CH2  sing Y N 339 
TRP CZ3 HZ3  sing N N 340 
TRP CH2 HH2  sing N N 341 
TRP OXT HXT  sing N N 342 
TYR N   CA   sing N N 343 
TYR N   H    sing N N 344 
TYR N   H2   sing N N 345 
TYR CA  C    sing N N 346 
TYR CA  CB   sing N N 347 
TYR CA  HA   sing N N 348 
TYR C   O    doub N N 349 
TYR C   OXT  sing N N 350 
TYR CB  CG   sing N N 351 
TYR CB  HB2  sing N N 352 
TYR CB  HB3  sing N N 353 
TYR CG  CD1  doub Y N 354 
TYR CG  CD2  sing Y N 355 
TYR CD1 CE1  sing Y N 356 
TYR CD1 HD1  sing N N 357 
TYR CD2 CE2  doub Y N 358 
TYR CD2 HD2  sing N N 359 
TYR CE1 CZ   doub Y N 360 
TYR CE1 HE1  sing N N 361 
TYR CE2 CZ   sing Y N 362 
TYR CE2 HE2  sing N N 363 
TYR CZ  OH   sing N N 364 
TYR OH  HH   sing N N 365 
TYR OXT HXT  sing N N 366 
VAL N   CA   sing N N 367 
VAL N   H    sing N N 368 
VAL N   H2   sing N N 369 
VAL CA  C    sing N N 370 
VAL CA  CB   sing N N 371 
VAL CA  HA   sing N N 372 
VAL C   O    doub N N 373 
VAL C   OXT  sing N N 374 
VAL CB  CG1  sing N N 375 
VAL CB  CG2  sing N N 376 
VAL CB  HB   sing N N 377 
VAL CG1 HG11 sing N N 378 
VAL CG1 HG12 sing N N 379 
VAL CG1 HG13 sing N N 380 
VAL CG2 HG21 sing N N 381 
VAL CG2 HG22 sing N N 382 
VAL CG2 HG23 sing N N 383 
VAL OXT HXT  sing N N 384 
# 
loop_
_pdbx_entity_nonpoly.entity_id 
_pdbx_entity_nonpoly.name 
_pdbx_entity_nonpoly.comp_id 
2 'CHLORIDE ION'                CL  
3 '(2E,4R)-4-HYDROXYNON-2-ENAL' HNE 
4 'PHOSPHATE ION'               PO4 
5 water                         HOH 
# 
_pdbx_initial_refinement_model.id               1 
_pdbx_initial_refinement_model.entity_id_list   ? 
_pdbx_initial_refinement_model.type             'experimental model' 
_pdbx_initial_refinement_model.source_name      PDB 
_pdbx_initial_refinement_model.accession_code   1LIE 
_pdbx_initial_refinement_model.details          'PDB entry 1LIE' 
# 
